data_3ZX2
#
_entry.id   3ZX2
#
_cell.length_a   162.920
_cell.length_b   80.985
_cell.length_c   165.517
_cell.angle_alpha   90.00
_cell.angle_beta   117.49
_cell.angle_gamma   90.00
#
_symmetry.space_group_name_H-M   'C 1 2 1'
#
loop_
_entity.id
_entity.type
_entity.pdbx_description
1 polymer 'ECTONUCLEOSIDE TRIPHOSPHATE DIPHOSPHOHYDROLASE 1'
2 non-polymer 'CHLORIDE ION'
3 non-polymer 'ACETIC ACID'
4 non-polymer DECAVANADATE
5 non-polymer 'SODIUM ION'
6 water water
#
_entity_poly.entity_id   1
_entity_poly.type   'polypeptide(L)'
_entity_poly.pdbx_seq_one_letter_code
;MAHHHHHHVGTGSNDDDDKSPDPTHNKPLPENVKYGIVLDAGSSHTNLYIYKWPAEKENDTGVVQQLEECQVKGPGISKY
AQKTDEIAAYLAECMKMSTERIPASKQHQTPVYLGATAGMRLLRMESKQSADEVLAAVSRSLKSYPFDFQGAKIITGQEE
GAYGWITINYLLGRFKTPGGSTFGALDLGGSSTQITFVPLNSTLEAPETSLQFRLYGTDYTVYTHSFLCYGKDQALWQKL
AQDIQVSSGGILKDPCFYPGYKKVVNVSELYGTPCTKRFEKKLPFNQFQVQGTGDYEQCHQSILKIFNNSHCPYSQCAFN
GVFLPPLQGSFGAFSAFYFVMDFFKKMANDSVSSQEKMTEITKNFCSKPWEEVKASYPTVKEKYLSEYCFSGTYILSLLL
QGYNFTGTSWDQIHFMGKIKDSNAGWTLGYMLNLTNMIPAEQPLSPPLPHST
;
_entity_poly.pdbx_strand_id   A,B,C,D
#
# COMPACT_ATOMS: atom_id res chain seq x y z
N ASN A 32 19.07 -66.90 14.11
CA ASN A 32 19.76 -67.79 13.14
C ASN A 32 19.69 -67.26 11.70
N VAL A 33 18.62 -67.58 10.97
CA VAL A 33 18.40 -67.03 9.65
C VAL A 33 16.99 -66.49 9.61
N LYS A 34 16.77 -65.53 8.72
CA LYS A 34 15.53 -64.81 8.61
C LYS A 34 15.05 -64.86 7.15
N TYR A 35 13.78 -64.59 6.91
CA TYR A 35 13.15 -64.75 5.58
C TYR A 35 12.27 -63.54 5.33
N GLY A 36 12.14 -63.16 4.05
CA GLY A 36 11.29 -62.09 3.61
C GLY A 36 10.69 -62.50 2.29
N ILE A 37 9.42 -62.17 2.04
CA ILE A 37 8.76 -62.45 0.75
C ILE A 37 8.34 -61.14 0.10
N VAL A 38 8.70 -60.98 -1.19
CA VAL A 38 8.32 -59.80 -2.03
C VAL A 38 7.62 -60.30 -3.29
N LEU A 39 6.38 -59.86 -3.48
CA LEU A 39 5.72 -60.10 -4.75
C LEU A 39 5.92 -58.91 -5.67
N ASP A 40 6.41 -59.17 -6.88
CA ASP A 40 6.61 -58.13 -7.89
C ASP A 40 5.44 -58.27 -8.87
N ALA A 41 4.42 -57.41 -8.72
CA ALA A 41 3.27 -57.44 -9.61
C ALA A 41 3.50 -56.52 -10.80
N GLY A 42 4.10 -57.08 -11.84
CA GLY A 42 4.37 -56.34 -13.09
C GLY A 42 3.26 -56.51 -14.08
N SER A 43 3.32 -55.81 -15.20
CA SER A 43 2.22 -55.78 -16.16
C SER A 43 2.04 -57.10 -16.87
N SER A 44 3.13 -57.81 -17.08
CA SER A 44 3.16 -59.17 -17.60
C SER A 44 2.85 -60.35 -16.71
N HIS A 45 3.43 -60.43 -15.53
CA HIS A 45 3.40 -61.60 -14.65
C HIS A 45 3.48 -61.07 -13.27
N THR A 46 2.96 -61.75 -12.25
CA THR A 46 3.44 -61.55 -10.89
C THR A 46 4.54 -62.56 -10.56
N ASN A 47 5.69 -62.11 -10.04
CA ASN A 47 6.74 -62.98 -9.49
C ASN A 47 6.90 -62.86 -7.96
N LEU A 48 6.91 -63.98 -7.26
CA LEU A 48 7.16 -64.00 -5.84
C LEU A 48 8.63 -64.31 -5.63
N TYR A 49 9.26 -63.57 -4.70
CA TYR A 49 10.64 -63.80 -4.35
C TYR A 49 10.69 -64.08 -2.88
N ILE A 50 11.39 -65.15 -2.48
CA ILE A 50 11.77 -65.43 -1.08
C ILE A 50 13.25 -65.10 -0.94
N TYR A 51 13.52 -64.25 0.03
CA TYR A 51 14.85 -63.83 0.39
C TYR A 51 15.27 -64.39 1.71
N LYS A 52 16.53 -64.73 1.89
CA LYS A 52 17.00 -65.14 3.21
C LYS A 52 18.31 -64.51 3.58
N TRP A 53 18.47 -64.25 4.89
CA TRP A 53 19.66 -63.64 5.43
C TRP A 53 19.87 -64.10 6.86
N PRO A 54 21.16 -64.20 7.26
CA PRO A 54 21.48 -64.54 8.65
C PRO A 54 20.74 -63.59 9.63
N ALA A 55 20.16 -64.12 10.71
CA ALA A 55 19.66 -63.24 11.73
C ALA A 55 20.78 -62.22 12.13
N GLU A 56 20.43 -60.92 12.05
CA GLU A 56 21.35 -59.78 12.26
C GLU A 56 22.11 -59.84 13.57
N LYS A 57 23.40 -59.49 13.52
CA LYS A 57 24.31 -59.66 14.65
C LYS A 57 25.25 -58.46 14.69
N GLU A 58 25.45 -57.91 15.87
CA GLU A 58 26.53 -56.93 16.12
C GLU A 58 27.91 -57.45 15.65
N ASN A 59 28.07 -58.77 15.72
CA ASN A 59 29.09 -59.53 15.00
C ASN A 59 28.47 -60.10 13.69
N VAL A 63 24.65 -60.76 4.47
CA VAL A 63 23.95 -60.49 3.19
C VAL A 63 22.61 -61.20 2.91
N VAL A 64 21.75 -60.46 2.21
CA VAL A 64 20.49 -60.97 1.77
C VAL A 64 20.74 -61.67 0.44
N GLN A 65 20.21 -62.86 0.31
CA GLN A 65 20.23 -63.49 -0.98
C GLN A 65 18.87 -64.07 -1.38
N GLN A 66 18.60 -64.07 -2.67
CA GLN A 66 17.45 -64.77 -3.18
C GLN A 66 17.51 -66.27 -2.88
N LEU A 67 16.47 -66.79 -2.26
CA LEU A 67 16.44 -68.21 -1.97
C LEU A 67 15.58 -68.93 -2.97
N GLU A 68 14.40 -68.43 -3.24
CA GLU A 68 13.57 -69.07 -4.24
C GLU A 68 12.71 -68.05 -4.99
N GLU A 69 12.30 -68.35 -6.23
CA GLU A 69 11.39 -67.50 -7.02
C GLU A 69 10.19 -68.31 -7.53
N CYS A 70 9.00 -67.71 -7.58
CA CYS A 70 7.88 -68.39 -8.19
C CYS A 70 7.22 -67.43 -9.21
N GLN A 71 6.86 -67.88 -10.41
CA GLN A 71 6.16 -66.99 -11.33
C GLN A 71 4.73 -67.43 -11.31
N VAL A 72 3.84 -66.56 -10.91
CA VAL A 72 2.41 -66.83 -10.91
C VAL A 72 1.94 -67.10 -12.32
N LYS A 73 1.23 -68.20 -12.50
CA LYS A 73 0.54 -68.51 -13.75
C LYS A 73 -0.55 -67.49 -14.10
N GLY A 74 -0.50 -66.97 -15.31
CA GLY A 74 -1.44 -65.91 -15.72
C GLY A 74 -0.84 -64.58 -16.04
N PRO A 75 -1.69 -63.62 -16.37
CA PRO A 75 -1.38 -62.23 -16.65
C PRO A 75 -1.00 -61.42 -15.41
N GLY A 76 -0.81 -60.11 -15.55
CA GLY A 76 -0.57 -59.27 -14.39
C GLY A 76 -1.87 -59.07 -13.64
N ILE A 77 -1.78 -58.63 -12.38
CA ILE A 77 -2.96 -58.48 -11.55
C ILE A 77 -3.99 -57.46 -12.05
N SER A 78 -3.62 -56.44 -12.79
CA SER A 78 -4.61 -55.51 -13.33
C SER A 78 -5.61 -56.18 -14.23
N LYS A 79 -5.26 -57.33 -14.80
CA LYS A 79 -6.24 -58.09 -15.56
C LYS A 79 -7.40 -58.67 -14.71
N TYR A 80 -7.29 -58.55 -13.39
CA TYR A 80 -8.30 -59.07 -12.46
C TYR A 80 -9.30 -58.04 -12.01
N ALA A 81 -9.12 -56.84 -12.53
CA ALA A 81 -9.94 -55.69 -12.19
C ALA A 81 -11.45 -56.00 -12.06
N GLN A 82 -11.97 -56.92 -12.87
CA GLN A 82 -13.40 -57.21 -12.84
C GLN A 82 -13.65 -58.54 -12.25
N LYS A 83 -12.63 -59.16 -11.67
CA LYS A 83 -12.82 -60.50 -11.16
C LYS A 83 -11.93 -60.66 -10.01
N THR A 84 -11.97 -59.73 -9.09
CA THR A 84 -11.06 -59.73 -7.97
C THR A 84 -11.37 -60.94 -7.10
N ASP A 85 -12.55 -61.53 -7.31
CA ASP A 85 -12.90 -62.75 -6.62
C ASP A 85 -11.93 -63.88 -6.94
N GLU A 86 -11.11 -63.70 -7.98
CA GLU A 86 -10.20 -64.75 -8.42
C GLU A 86 -8.75 -64.49 -7.96
N ILE A 87 -8.44 -63.32 -7.47
CA ILE A 87 -7.07 -63.02 -7.04
C ILE A 87 -6.49 -64.06 -6.10
N ALA A 88 -7.26 -64.49 -5.11
CA ALA A 88 -6.77 -65.39 -4.08
C ALA A 88 -6.28 -66.68 -4.65
N ALA A 89 -7.11 -67.31 -5.48
CA ALA A 89 -6.81 -68.50 -6.28
C ALA A 89 -5.58 -68.29 -7.14
N TYR A 90 -5.53 -67.15 -7.82
CA TYR A 90 -4.41 -66.74 -8.63
C TYR A 90 -3.08 -66.79 -7.88
N LEU A 91 -3.07 -66.29 -6.64
CA LEU A 91 -1.85 -66.20 -5.86
C LEU A 91 -1.57 -67.46 -5.07
N ALA A 92 -2.48 -68.42 -5.12
CA ALA A 92 -2.34 -69.55 -4.22
C ALA A 92 -1.12 -70.48 -4.47
N GLU A 93 -0.92 -70.94 -5.70
CA GLU A 93 0.21 -71.84 -5.99
C GLU A 93 1.55 -71.32 -5.43
N CYS A 94 1.79 -70.02 -5.58
CA CYS A 94 3.07 -69.45 -5.22
C CYS A 94 3.12 -69.18 -3.74
N MET A 95 1.98 -68.80 -3.17
CA MET A 95 1.89 -68.67 -1.73
C MET A 95 2.10 -70.01 -1.00
N LYS A 96 1.53 -71.08 -1.52
CA LYS A 96 1.81 -72.43 -1.03
C LYS A 96 3.27 -72.84 -1.12
N MET A 97 3.92 -72.59 -2.26
CA MET A 97 5.37 -72.78 -2.35
C MET A 97 6.07 -72.20 -1.10
N SER A 98 5.64 -71.02 -0.68
CA SER A 98 6.28 -70.23 0.40
C SER A 98 5.99 -70.85 1.74
N THR A 99 4.76 -71.32 1.94
CA THR A 99 4.50 -72.00 3.21
C THR A 99 5.13 -73.37 3.24
N GLU A 100 5.21 -74.07 2.12
CA GLU A 100 5.99 -75.28 2.07
C GLU A 100 7.49 -75.02 2.30
N ARG A 101 8.02 -73.87 1.89
CA ARG A 101 9.46 -73.56 1.90
C ARG A 101 10.08 -72.95 3.16
N ILE A 102 9.39 -72.04 3.80
CA ILE A 102 9.94 -71.44 5.01
C ILE A 102 9.52 -72.28 6.23
N PRO A 103 10.48 -72.80 7.04
CA PRO A 103 10.14 -73.53 8.25
C PRO A 103 8.96 -72.91 8.98
N ALA A 104 8.01 -73.73 9.45
CA ALA A 104 6.78 -73.22 10.07
C ALA A 104 6.99 -72.27 11.28
N SER A 105 8.07 -72.51 12.03
CA SER A 105 8.42 -71.70 13.21
C SER A 105 8.73 -70.32 12.74
N LYS A 106 9.48 -70.28 11.64
CA LYS A 106 9.97 -69.05 11.11
C LYS A 106 8.89 -68.20 10.38
N GLN A 107 7.69 -68.75 10.20
CA GLN A 107 6.72 -68.07 9.33
C GLN A 107 6.13 -66.81 9.93
N HIS A 108 5.66 -66.89 11.17
CA HIS A 108 4.97 -65.74 11.71
CA HIS A 108 5.02 -65.74 11.84
C HIS A 108 5.83 -64.48 11.72
N GLN A 109 7.15 -64.60 11.77
CA GLN A 109 8.05 -63.45 11.74
C GLN A 109 8.60 -63.01 10.34
N THR A 110 8.06 -63.58 9.27
CA THR A 110 8.55 -63.35 7.93
C THR A 110 7.61 -62.33 7.32
N PRO A 111 8.13 -61.14 6.91
CA PRO A 111 7.34 -60.13 6.19
C PRO A 111 6.95 -60.56 4.78
N VAL A 112 5.75 -60.26 4.36
CA VAL A 112 5.35 -60.40 2.97
C VAL A 112 4.87 -59.03 2.48
N TYR A 113 5.44 -58.56 1.39
CA TYR A 113 5.00 -57.33 0.72
C TYR A 113 4.70 -57.60 -0.77
N LEU A 114 3.63 -57.02 -1.34
CA LEU A 114 3.45 -56.96 -2.82
C LEU A 114 3.70 -55.50 -3.26
N GLY A 115 4.56 -55.27 -4.25
CA GLY A 115 4.73 -53.98 -4.93
C GLY A 115 4.29 -54.13 -6.38
N ALA A 116 3.37 -53.31 -6.85
CA ALA A 116 2.92 -53.37 -8.21
C ALA A 116 3.50 -52.20 -8.95
N THR A 117 3.67 -52.35 -10.24
CA THR A 117 4.32 -51.35 -11.02
C THR A 117 3.43 -50.76 -12.14
N ALA A 118 3.92 -50.62 -13.37
CA ALA A 118 3.26 -49.76 -14.30
C ALA A 118 1.96 -50.29 -14.77
N GLY A 119 1.73 -51.58 -14.66
CA GLY A 119 0.49 -52.09 -15.21
C GLY A 119 -0.65 -51.58 -14.35
N MET A 120 -0.39 -51.58 -13.06
CA MET A 120 -1.26 -51.06 -12.09
C MET A 120 -1.34 -49.51 -12.05
N ARG A 121 -0.28 -48.76 -12.40
CA ARG A 121 -0.39 -47.31 -12.58
C ARG A 121 -1.32 -47.03 -13.72
N LEU A 122 -1.26 -47.81 -14.81
CA LEU A 122 -2.24 -47.66 -15.90
C LEU A 122 -3.70 -47.94 -15.49
N LEU A 123 -3.92 -49.01 -14.76
CA LEU A 123 -5.24 -49.35 -14.31
C LEU A 123 -5.78 -48.24 -13.39
N ARG A 124 -4.94 -47.70 -12.53
CA ARG A 124 -5.34 -46.60 -11.68
C ARG A 124 -5.68 -45.34 -12.47
N MET A 125 -5.00 -45.06 -13.60
CA MET A 125 -5.29 -43.88 -14.41
C MET A 125 -6.63 -44.10 -15.01
N GLU A 126 -6.97 -45.32 -15.34
CA GLU A 126 -8.22 -45.66 -15.85
C GLU A 126 -9.31 -45.58 -14.82
N SER A 127 -9.12 -46.17 -13.68
CA SER A 127 -10.11 -46.16 -12.65
C SER A 127 -9.46 -46.33 -11.29
N LYS A 128 -9.41 -45.27 -10.49
CA LYS A 128 -8.86 -45.40 -9.14
C LYS A 128 -9.53 -46.49 -8.33
N GLN A 129 -10.85 -46.60 -8.45
CA GLN A 129 -11.61 -47.55 -7.70
C GLN A 129 -11.28 -48.97 -8.10
N SER A 130 -11.07 -49.27 -9.37
CA SER A 130 -10.63 -50.69 -9.76
C SER A 130 -9.31 -51.05 -9.19
N ALA A 131 -8.39 -50.11 -9.28
CA ALA A 131 -7.06 -50.38 -8.73
C ALA A 131 -7.19 -50.72 -7.24
N ASP A 132 -8.03 -49.97 -6.55
CA ASP A 132 -8.18 -50.13 -5.12
C ASP A 132 -8.83 -51.44 -4.78
N GLU A 133 -9.79 -51.86 -5.60
CA GLU A 133 -10.47 -53.15 -5.41
C GLU A 133 -9.50 -54.29 -5.70
N VAL A 134 -8.62 -54.12 -6.69
CA VAL A 134 -7.56 -55.13 -6.91
C VAL A 134 -6.62 -55.26 -5.73
N LEU A 135 -6.14 -54.13 -5.23
CA LEU A 135 -5.19 -54.12 -4.16
C LEU A 135 -5.77 -54.62 -2.84
N ALA A 136 -7.06 -54.37 -2.60
CA ALA A 136 -7.74 -54.84 -1.40
C ALA A 136 -7.95 -56.35 -1.41
N ALA A 137 -8.22 -56.90 -2.59
CA ALA A 137 -8.33 -58.35 -2.79
C ALA A 137 -6.98 -59.06 -2.58
N VAL A 138 -5.88 -58.41 -2.99
CA VAL A 138 -4.51 -58.91 -2.74
C VAL A 138 -4.19 -58.89 -1.25
N SER A 139 -4.50 -57.80 -0.56
CA SER A 139 -4.27 -57.77 0.88
C SER A 139 -5.06 -58.86 1.64
N ARG A 140 -6.33 -59.05 1.30
CA ARG A 140 -7.15 -60.01 1.97
C ARG A 140 -6.62 -61.39 1.73
N SER A 141 -6.20 -61.68 0.50
CA SER A 141 -5.50 -62.94 0.17
C SER A 141 -4.22 -63.11 0.99
N LEU A 142 -3.33 -62.15 0.92
CA LEU A 142 -2.06 -62.31 1.56
C LEU A 142 -2.18 -62.42 3.04
N LYS A 143 -3.13 -61.67 3.61
CA LYS A 143 -3.29 -61.56 5.08
C LYS A 143 -3.75 -62.89 5.71
N SER A 144 -4.44 -63.67 4.86
CA SER A 144 -4.97 -64.99 5.16
C SER A 144 -3.84 -66.01 5.29
N TYR A 145 -2.60 -65.64 4.95
CA TYR A 145 -1.47 -66.55 5.19
C TYR A 145 -0.83 -66.42 6.57
N PRO A 146 0.08 -67.37 6.92
CA PRO A 146 0.84 -67.33 8.18
C PRO A 146 1.92 -66.23 8.30
N PHE A 147 2.12 -65.43 7.28
CA PHE A 147 3.18 -64.47 7.33
C PHE A 147 2.69 -63.13 7.88
N ASP A 148 3.64 -62.26 8.16
CA ASP A 148 3.43 -60.90 8.64
C ASP A 148 3.18 -59.93 7.44
N PHE A 149 1.89 -59.73 7.11
CA PHE A 149 1.51 -58.83 6.01
C PHE A 149 2.07 -57.44 6.19
N GLN A 150 2.97 -57.00 5.33
CA GLN A 150 3.51 -55.68 5.36
C GLN A 150 2.82 -54.83 4.35
N GLY A 151 1.88 -55.32 3.55
CA GLY A 151 1.15 -54.41 2.65
C GLY A 151 1.22 -54.65 1.16
N ALA A 152 0.28 -54.08 0.42
CA ALA A 152 0.26 -54.28 -1.01
C ALA A 152 0.07 -52.90 -1.58
N LYS A 153 1.07 -52.37 -2.29
CA LYS A 153 1.05 -50.98 -2.72
C LYS A 153 1.36 -50.85 -4.20
N ILE A 154 0.99 -49.78 -4.86
CA ILE A 154 1.58 -49.50 -6.19
C ILE A 154 2.80 -48.63 -5.96
N ILE A 155 4.01 -49.12 -6.26
CA ILE A 155 5.22 -48.37 -5.89
C ILE A 155 5.34 -47.30 -6.93
N THR A 156 6.03 -46.22 -6.63
CA THR A 156 6.20 -45.14 -7.61
C THR A 156 7.26 -45.45 -8.71
N GLY A 157 7.26 -44.72 -9.81
CA GLY A 157 8.26 -44.96 -10.81
C GLY A 157 9.67 -44.69 -10.27
N GLN A 158 9.85 -43.63 -9.48
CA GLN A 158 11.18 -43.29 -8.92
C GLN A 158 11.61 -44.38 -7.96
N GLU A 159 10.73 -44.90 -7.11
CA GLU A 159 11.04 -46.01 -6.20
C GLU A 159 11.49 -47.24 -6.96
N GLU A 160 10.71 -47.62 -7.97
CA GLU A 160 11.02 -48.69 -8.84
C GLU A 160 12.41 -48.55 -9.43
N GLY A 161 12.76 -47.39 -9.95
CA GLY A 161 14.06 -47.23 -10.48
C GLY A 161 15.15 -47.19 -9.44
N ALA A 162 14.95 -46.44 -8.35
CA ALA A 162 15.96 -46.36 -7.27
C ALA A 162 16.23 -47.72 -6.70
N TYR A 163 15.21 -48.52 -6.42
CA TYR A 163 15.41 -49.84 -5.87
C TYR A 163 16.19 -50.81 -6.75
N GLY A 164 15.97 -50.71 -8.05
CA GLY A 164 16.72 -51.43 -9.03
C GLY A 164 18.18 -51.10 -8.99
N TRP A 165 18.51 -49.82 -8.91
CA TRP A 165 19.89 -49.34 -8.74
C TRP A 165 20.52 -49.82 -7.43
N ILE A 166 19.71 -49.85 -6.37
CA ILE A 166 20.16 -50.40 -5.10
C ILE A 166 20.48 -51.87 -5.24
N THR A 167 19.57 -52.69 -5.79
CA THR A 167 19.82 -54.12 -6.03
C THR A 167 21.15 -54.37 -6.75
N ILE A 168 21.36 -53.71 -7.89
CA ILE A 168 22.54 -54.02 -8.68
C ILE A 168 23.79 -53.47 -8.05
N ASN A 169 23.79 -52.32 -7.44
CA ASN A 169 25.01 -51.89 -6.76
C ASN A 169 25.29 -52.66 -5.45
N TYR A 170 24.23 -53.12 -4.80
CA TYR A 170 24.44 -53.88 -3.63
C TYR A 170 25.13 -55.20 -4.09
N LEU A 171 24.57 -55.89 -5.07
CA LEU A 171 25.09 -57.20 -5.49
C LEU A 171 26.44 -57.09 -6.18
N LEU A 172 26.78 -55.92 -6.75
CA LEU A 172 28.12 -55.69 -7.32
C LEU A 172 29.16 -55.25 -6.29
N GLY A 173 28.78 -55.16 -5.01
CA GLY A 173 29.71 -54.76 -3.93
C GLY A 173 30.10 -53.30 -3.91
N ARG A 174 29.30 -52.48 -4.58
CA ARG A 174 29.64 -51.06 -4.81
C ARG A 174 29.37 -50.22 -3.58
N PHE A 175 28.58 -50.73 -2.63
CA PHE A 175 28.30 -49.97 -1.39
C PHE A 175 29.38 -50.15 -0.33
N LYS A 176 30.59 -50.40 -0.84
CA LYS A 176 31.84 -50.39 -0.06
C LYS A 176 32.98 -49.62 -0.74
N GLY A 180 33.45 -44.78 -3.82
CA GLY A 180 33.75 -45.19 -5.19
C GLY A 180 32.53 -44.93 -6.09
N SER A 181 32.56 -45.47 -7.29
CA SER A 181 31.54 -45.08 -8.22
C SER A 181 30.55 -46.20 -8.42
N THR A 182 29.33 -45.88 -8.86
CA THR A 182 28.26 -46.86 -8.96
C THR A 182 27.86 -47.16 -10.37
N PHE A 183 27.14 -48.24 -10.60
CA PHE A 183 26.59 -48.55 -11.90
C PHE A 183 25.20 -47.94 -12.02
N GLY A 184 24.91 -47.41 -13.21
CA GLY A 184 23.62 -46.95 -13.54
C GLY A 184 22.76 -48.15 -13.77
N ALA A 185 21.44 -47.95 -13.85
CA ALA A 185 20.55 -49.08 -13.86
C ALA A 185 19.54 -48.81 -14.96
N LEU A 186 19.36 -49.77 -15.88
CA LEU A 186 18.32 -49.75 -16.95
C LEU A 186 17.37 -50.93 -16.82
N ASP A 187 16.06 -50.65 -16.69
CA ASP A 187 15.06 -51.64 -16.40
C ASP A 187 14.03 -51.48 -17.53
N LEU A 188 13.69 -52.59 -18.14
CA LEU A 188 12.62 -52.62 -19.11
C LEU A 188 11.59 -53.68 -18.74
N GLY A 189 10.30 -53.29 -18.76
CA GLY A 189 9.20 -54.21 -18.58
C GLY A 189 8.16 -54.02 -19.68
N GLY A 190 6.98 -54.53 -19.42
CA GLY A 190 5.93 -54.48 -20.42
C GLY A 190 5.37 -53.09 -20.55
N SER A 191 5.18 -52.42 -19.43
CA SER A 191 4.44 -51.14 -19.38
C SER A 191 5.34 -49.87 -19.18
N SER A 192 6.48 -49.98 -18.53
CA SER A 192 7.36 -48.82 -18.46
C SER A 192 8.86 -49.22 -18.55
N THR A 193 9.72 -48.20 -18.66
CA THR A 193 11.14 -48.36 -18.59
C THR A 193 11.76 -47.23 -17.75
N GLN A 194 12.76 -47.63 -16.97
CA GLN A 194 13.44 -46.80 -16.02
C GLN A 194 14.90 -46.66 -16.39
N ILE A 195 15.41 -45.46 -16.17
CA ILE A 195 16.84 -45.17 -16.14
C ILE A 195 17.21 -44.39 -14.84
N THR A 196 18.23 -44.89 -14.13
CA THR A 196 18.72 -44.37 -12.82
C THR A 196 20.28 -44.36 -12.82
N PHE A 197 20.89 -43.25 -12.41
CA PHE A 197 22.37 -43.18 -12.36
C PHE A 197 22.73 -41.94 -11.60
N VAL A 198 23.89 -41.96 -10.98
CA VAL A 198 24.46 -40.77 -10.34
C VAL A 198 25.09 -39.91 -11.46
N PRO A 199 24.62 -38.66 -11.68
CA PRO A 199 25.25 -37.98 -12.85
C PRO A 199 26.54 -37.22 -12.45
N LEU A 200 27.28 -36.73 -13.47
CA LEU A 200 28.53 -36.03 -13.15
C LEU A 200 28.31 -34.81 -12.24
N ASN A 201 27.33 -33.99 -12.58
CA ASN A 201 27.05 -32.75 -11.87
C ASN A 201 25.55 -32.77 -11.60
N SER A 202 25.15 -32.68 -10.33
CA SER A 202 23.71 -32.75 -10.00
C SER A 202 23.10 -31.34 -10.12
N THR A 203 21.86 -31.25 -10.60
CA THR A 203 21.24 -29.98 -10.96
C THR A 203 19.81 -29.83 -10.40
N LEU A 204 19.30 -28.58 -10.50
CA LEU A 204 17.90 -28.26 -10.21
C LEU A 204 17.10 -28.33 -11.48
N GLU A 205 17.71 -28.92 -12.52
CA GLU A 205 17.11 -28.80 -13.81
C GLU A 205 15.74 -29.40 -13.76
N ALA A 206 15.60 -30.60 -13.22
CA ALA A 206 14.28 -31.15 -13.07
C ALA A 206 14.23 -31.88 -11.78
N PRO A 207 14.03 -31.19 -10.63
CA PRO A 207 14.36 -31.84 -9.31
C PRO A 207 13.33 -32.89 -8.88
N GLU A 208 12.36 -33.09 -9.74
CA GLU A 208 11.44 -34.17 -9.57
C GLU A 208 12.04 -35.39 -10.29
N THR A 209 13.27 -35.23 -10.84
CA THR A 209 13.99 -36.38 -11.33
C THR A 209 15.11 -36.76 -10.39
N SER A 210 15.33 -36.07 -9.29
CA SER A 210 16.41 -36.46 -8.35
C SER A 210 15.89 -37.18 -7.15
N LEU A 211 16.66 -38.11 -6.60
CA LEU A 211 16.24 -38.82 -5.38
C LEU A 211 17.48 -38.92 -4.57
N GLN A 212 17.39 -38.53 -3.31
CA GLN A 212 18.48 -38.69 -2.37
C GLN A 212 18.08 -39.66 -1.28
N PHE A 213 19.00 -40.54 -0.89
CA PHE A 213 18.74 -41.50 0.23
C PHE A 213 20.07 -41.90 0.88
N ARG A 214 19.96 -42.59 2.01
CA ARG A 214 21.12 -42.93 2.84
C ARG A 214 21.42 -44.41 2.81
N LEU A 215 22.63 -44.74 2.39
CA LEU A 215 23.08 -46.10 2.33
C LEU A 215 24.45 -46.21 2.96
N TYR A 216 24.50 -46.89 4.11
CA TYR A 216 25.74 -47.08 4.87
C TYR A 216 26.58 -45.80 5.04
N GLY A 217 26.00 -44.81 5.71
CA GLY A 217 26.61 -43.49 6.00
C GLY A 217 26.86 -42.59 4.80
N THR A 218 26.71 -43.19 3.63
CA THR A 218 26.98 -42.54 2.37
C THR A 218 25.65 -42.17 1.72
N ASP A 219 25.51 -40.88 1.41
CA ASP A 219 24.24 -40.35 0.95
C ASP A 219 24.41 -40.21 -0.58
N TYR A 220 23.37 -40.61 -1.34
CA TYR A 220 23.43 -40.59 -2.81
C TYR A 220 22.33 -39.73 -3.44
N THR A 221 22.69 -39.03 -4.51
CA THR A 221 21.74 -38.35 -5.35
C THR A 221 21.71 -38.96 -6.73
N VAL A 222 20.64 -39.72 -7.03
CA VAL A 222 20.50 -40.26 -8.33
C VAL A 222 19.58 -39.41 -9.17
N TYR A 223 19.80 -39.41 -10.47
CA TYR A 223 18.79 -39.05 -11.45
C TYR A 223 18.00 -40.31 -11.65
N THR A 224 16.67 -40.17 -11.72
CA THR A 224 15.86 -41.34 -12.01
C THR A 224 14.54 -40.94 -12.68
N HIS A 225 14.23 -41.63 -13.75
CA HIS A 225 12.99 -41.43 -14.44
C HIS A 225 12.38 -42.74 -14.94
N SER A 226 11.05 -42.91 -14.80
CA SER A 226 10.30 -43.99 -15.37
C SER A 226 9.43 -43.51 -16.50
N PHE A 227 9.59 -44.08 -17.66
CA PHE A 227 8.85 -43.57 -18.80
C PHE A 227 7.58 -44.45 -18.97
N LEU A 228 6.45 -44.07 -18.38
CA LEU A 228 5.19 -44.79 -18.51
C LEU A 228 4.76 -44.90 -19.99
N CYS A 229 4.32 -46.09 -20.44
CA CYS A 229 3.92 -46.39 -21.80
C CYS A 229 5.07 -46.76 -22.69
N TYR A 230 6.27 -46.74 -22.16
CA TYR A 230 7.47 -47.03 -22.95
C TYR A 230 8.17 -48.35 -22.54
N GLY A 231 7.47 -49.18 -21.82
CA GLY A 231 7.85 -50.57 -21.75
C GLY A 231 7.56 -51.20 -23.10
N LYS A 232 8.06 -52.39 -23.31
CA LYS A 232 8.11 -52.94 -24.68
C LYS A 232 6.76 -53.27 -25.24
N ASP A 233 5.85 -53.73 -24.38
CA ASP A 233 4.48 -54.07 -24.79
C ASP A 233 3.60 -52.88 -25.02
N GLN A 234 3.60 -51.88 -24.13
CA GLN A 234 2.91 -50.63 -24.41
C GLN A 234 3.48 -49.87 -25.55
N ALA A 235 4.79 -49.91 -25.74
CA ALA A 235 5.35 -49.32 -27.01
C ALA A 235 4.81 -49.95 -28.30
N LEU A 236 4.64 -51.28 -28.32
CA LEU A 236 4.07 -51.94 -29.47
C LEU A 236 2.64 -51.51 -29.67
N TRP A 237 1.82 -51.41 -28.60
CA TRP A 237 0.44 -50.89 -28.74
C TRP A 237 0.40 -49.51 -29.30
N GLN A 238 1.28 -48.64 -28.82
CA GLN A 238 1.38 -47.31 -29.41
C GLN A 238 1.65 -47.36 -30.91
N LYS A 239 2.61 -48.18 -31.29
CA LYS A 239 3.01 -48.33 -32.70
CA LYS A 239 3.00 -48.27 -32.68
C LYS A 239 1.88 -48.85 -33.56
N LEU A 240 1.21 -49.88 -33.09
CA LEU A 240 0.06 -50.40 -33.82
C LEU A 240 -1.06 -49.38 -33.93
N ALA A 241 -1.32 -48.60 -32.87
CA ALA A 241 -2.44 -47.65 -32.92
C ALA A 241 -2.00 -46.54 -33.84
N GLN A 242 -0.73 -46.16 -33.73
CA GLN A 242 -0.27 -45.12 -34.62
C GLN A 242 -0.42 -45.47 -36.10
N ASP A 243 -0.22 -46.73 -36.46
CA ASP A 243 -0.01 -47.09 -37.83
C ASP A 243 -1.25 -47.68 -38.45
N ILE A 244 -2.18 -48.23 -37.67
CA ILE A 244 -3.42 -48.76 -38.29
C ILE A 244 -4.20 -47.72 -39.11
N GLN A 245 -4.64 -48.13 -40.30
CA GLN A 245 -5.32 -47.30 -41.26
C GLN A 245 -6.77 -47.69 -41.41
N VAL A 246 -7.70 -46.72 -41.38
CA VAL A 246 -9.16 -46.96 -41.61
C VAL A 246 -9.44 -47.51 -42.98
N SER A 247 -8.57 -47.07 -43.87
CA SER A 247 -8.39 -47.53 -45.26
C SER A 247 -8.30 -49.07 -45.51
N SER A 248 -7.76 -49.81 -44.54
CA SER A 248 -6.98 -50.99 -44.81
C SER A 248 -7.71 -52.29 -44.93
N GLY A 249 -8.99 -52.30 -44.71
CA GLY A 249 -9.60 -53.58 -44.86
C GLY A 249 -9.40 -54.45 -43.65
N GLY A 250 -8.75 -53.94 -42.60
CA GLY A 250 -8.54 -54.67 -41.40
C GLY A 250 -7.23 -55.45 -41.47
N ILE A 251 -6.24 -54.91 -42.18
CA ILE A 251 -4.91 -55.50 -42.34
C ILE A 251 -3.94 -54.40 -42.00
N LEU A 252 -2.85 -54.71 -41.31
CA LEU A 252 -1.74 -53.78 -41.12
C LEU A 252 -0.48 -54.52 -41.44
N LYS A 253 0.17 -54.15 -42.50
CA LYS A 253 1.46 -54.74 -42.80
C LYS A 253 2.47 -54.10 -41.85
N ASP A 254 3.34 -54.87 -41.27
CA ASP A 254 4.21 -54.35 -40.24
C ASP A 254 5.63 -54.86 -40.37
N PRO A 255 6.63 -53.96 -40.55
CA PRO A 255 8.01 -54.46 -40.77
C PRO A 255 8.64 -55.02 -39.54
N CYS A 256 8.02 -54.87 -38.39
CA CYS A 256 8.56 -55.33 -37.10
C CYS A 256 8.30 -56.78 -36.74
N PHE A 257 7.59 -57.47 -37.62
CA PHE A 257 7.30 -58.89 -37.54
C PHE A 257 7.80 -59.59 -38.76
N TYR A 258 8.18 -60.86 -38.56
CA TYR A 258 8.76 -61.76 -39.57
C TYR A 258 7.91 -61.84 -40.83
N PRO A 259 8.54 -61.99 -42.00
CA PRO A 259 7.74 -62.31 -43.16
C PRO A 259 6.78 -63.53 -42.87
N GLY A 260 5.49 -63.40 -43.19
CA GLY A 260 4.53 -64.43 -42.99
C GLY A 260 3.94 -64.53 -41.59
N TYR A 261 4.39 -63.73 -40.65
CA TYR A 261 3.75 -63.70 -39.36
C TYR A 261 2.37 -63.04 -39.47
N LYS A 262 1.40 -63.63 -38.80
CA LYS A 262 0.06 -63.09 -38.80
C LYS A 262 -0.51 -63.07 -37.39
N LYS A 263 -1.13 -61.99 -36.96
CA LYS A 263 -1.81 -62.02 -35.68
C LYS A 263 -2.98 -61.05 -35.66
N VAL A 264 -4.09 -61.52 -35.17
CA VAL A 264 -5.30 -60.72 -35.17
C VAL A 264 -5.35 -59.86 -33.90
N VAL A 265 -5.57 -58.55 -34.00
CA VAL A 265 -5.67 -57.67 -32.84
C VAL A 265 -7.07 -57.11 -32.68
N ASN A 266 -7.64 -57.15 -31.47
CA ASN A 266 -8.94 -56.56 -31.12
C ASN A 266 -8.78 -55.04 -30.93
N VAL A 267 -9.59 -54.24 -31.61
CA VAL A 267 -9.43 -52.80 -31.51
C VAL A 267 -9.81 -52.26 -30.11
N SER A 268 -10.74 -52.94 -29.49
CA SER A 268 -11.04 -52.66 -28.11
C SER A 268 -9.96 -52.94 -27.08
N GLU A 269 -9.18 -54.01 -27.27
CA GLU A 269 -7.98 -54.24 -26.47
CA GLU A 269 -8.02 -54.20 -26.44
C GLU A 269 -6.98 -53.13 -26.79
N LEU A 270 -6.76 -52.88 -28.07
CA LEU A 270 -5.77 -51.88 -28.47
C LEU A 270 -5.99 -50.50 -27.84
N TYR A 271 -7.22 -50.08 -27.88
CA TYR A 271 -7.49 -48.80 -27.33
C TYR A 271 -7.89 -48.89 -25.84
N GLY A 272 -7.68 -50.03 -25.18
CA GLY A 272 -8.07 -50.23 -23.77
C GLY A 272 -7.00 -49.85 -22.75
N THR A 273 -5.96 -49.20 -23.25
CA THR A 273 -4.87 -48.71 -22.43
C THR A 273 -4.72 -47.22 -22.62
N PRO A 274 -4.53 -46.46 -21.52
CA PRO A 274 -4.24 -45.03 -21.69
C PRO A 274 -3.10 -44.69 -22.67
N CYS A 275 -2.15 -45.58 -22.85
CA CYS A 275 -1.01 -45.38 -23.78
C CYS A 275 -1.35 -45.14 -25.26
N THR A 276 -2.47 -45.62 -25.74
CA THR A 276 -2.85 -45.38 -27.12
C THR A 276 -3.96 -44.30 -27.29
N LYS A 277 -4.35 -43.61 -26.22
CA LYS A 277 -5.36 -42.57 -26.33
C LYS A 277 -5.07 -41.48 -27.38
N ARG A 278 -3.85 -40.97 -27.42
CA ARG A 278 -3.53 -39.97 -28.41
CA ARG A 278 -3.51 -39.97 -28.41
C ARG A 278 -3.68 -40.44 -29.85
N PHE A 279 -3.65 -41.76 -30.11
CA PHE A 279 -3.88 -42.30 -31.47
C PHE A 279 -5.26 -42.78 -31.82
N GLU A 280 -6.25 -42.74 -30.93
CA GLU A 280 -7.61 -43.29 -31.22
CA GLU A 280 -7.55 -43.31 -31.26
C GLU A 280 -8.22 -42.62 -32.46
N LYS A 281 -8.83 -43.42 -33.31
CA LYS A 281 -9.42 -43.04 -34.55
C LYS A 281 -10.70 -43.84 -34.50
N LYS A 282 -11.66 -43.47 -35.35
CA LYS A 282 -12.76 -44.36 -35.65
C LYS A 282 -12.34 -45.30 -36.77
N LEU A 283 -12.34 -46.58 -36.45
CA LEU A 283 -12.02 -47.64 -37.38
C LEU A 283 -13.33 -48.34 -37.74
N PRO A 284 -13.49 -48.75 -38.99
CA PRO A 284 -14.75 -49.33 -39.41
C PRO A 284 -14.71 -50.82 -39.26
N PHE A 285 -13.74 -51.31 -38.53
CA PHE A 285 -13.63 -52.69 -38.21
C PHE A 285 -13.30 -52.79 -36.70
N ASN A 286 -13.66 -53.93 -36.11
CA ASN A 286 -13.51 -54.23 -34.69
C ASN A 286 -12.16 -54.93 -34.42
N GLN A 287 -11.43 -55.29 -35.46
CA GLN A 287 -10.39 -56.26 -35.29
C GLN A 287 -9.61 -56.19 -36.54
N PHE A 288 -8.31 -56.43 -36.48
CA PHE A 288 -7.40 -56.33 -37.65
C PHE A 288 -6.28 -57.33 -37.60
N GLN A 289 -5.85 -57.79 -38.76
CA GLN A 289 -4.71 -58.66 -38.76
C GLN A 289 -3.32 -57.94 -38.99
N VAL A 290 -2.36 -58.07 -38.04
CA VAL A 290 -0.96 -57.71 -38.30
C VAL A 290 -0.33 -58.75 -39.25
N GLN A 291 0.23 -58.27 -40.38
CA GLN A 291 0.96 -59.09 -41.33
C GLN A 291 2.38 -58.62 -41.38
N GLY A 292 3.28 -59.47 -40.92
CA GLY A 292 4.73 -59.18 -40.91
C GLY A 292 5.44 -59.02 -42.25
N THR A 293 6.40 -58.10 -42.35
CA THR A 293 7.08 -57.92 -43.58
C THR A 293 8.56 -57.95 -43.36
N GLY A 294 8.96 -58.17 -42.13
CA GLY A 294 10.36 -58.40 -41.75
C GLY A 294 11.39 -57.48 -42.34
N ASP A 295 11.37 -56.21 -41.96
CA ASP A 295 12.35 -55.24 -42.47
C ASP A 295 12.80 -54.36 -41.31
N TYR A 296 13.97 -54.67 -40.78
CA TYR A 296 14.53 -53.97 -39.61
C TYR A 296 14.63 -52.43 -39.77
N GLU A 297 15.10 -51.93 -40.90
CA GLU A 297 15.26 -50.48 -40.90
CA GLU A 297 15.30 -50.51 -41.10
C GLU A 297 13.96 -49.76 -40.98
N GLN A 298 12.95 -50.33 -41.64
CA GLN A 298 11.59 -49.76 -41.63
C GLN A 298 10.98 -49.93 -40.28
N CYS A 299 11.24 -51.05 -39.61
CA CYS A 299 10.89 -51.21 -38.22
C CYS A 299 11.46 -50.10 -37.35
N HIS A 300 12.78 -49.92 -37.43
CA HIS A 300 13.46 -48.87 -36.69
C HIS A 300 12.82 -47.53 -36.90
N GLN A 301 12.54 -47.16 -38.15
CA GLN A 301 11.95 -45.89 -38.48
C GLN A 301 10.58 -45.73 -37.84
N SER A 302 9.78 -46.79 -37.85
CA SER A 302 8.40 -46.75 -37.37
CA SER A 302 8.40 -46.75 -37.37
C SER A 302 8.34 -46.57 -35.87
N ILE A 303 9.31 -47.16 -35.18
CA ILE A 303 9.43 -47.07 -33.74
C ILE A 303 9.77 -45.65 -33.37
N LEU A 304 10.67 -45.02 -34.12
CA LEU A 304 11.06 -43.68 -33.76
C LEU A 304 9.87 -42.74 -33.77
N LYS A 305 8.81 -43.06 -34.49
CA LYS A 305 7.68 -42.16 -34.57
C LYS A 305 6.84 -42.10 -33.30
N ILE A 306 7.00 -43.01 -32.37
CA ILE A 306 6.29 -42.84 -31.12
C ILE A 306 7.09 -42.02 -30.09
N PHE A 307 8.32 -41.65 -30.46
CA PHE A 307 9.15 -40.80 -29.66
C PHE A 307 8.98 -39.35 -30.16
N ASN A 308 8.79 -38.43 -29.23
CA ASN A 308 8.75 -37.04 -29.63
C ASN A 308 10.04 -36.30 -29.22
N ASN A 309 10.79 -35.72 -30.16
CA ASN A 309 12.09 -35.07 -29.86
C ASN A 309 12.11 -33.54 -30.11
N SER A 310 10.96 -33.02 -30.52
CA SER A 310 10.72 -31.61 -30.82
C SER A 310 10.60 -30.57 -29.63
N HIS A 311 10.24 -30.96 -28.39
CA HIS A 311 10.19 -30.02 -27.24
C HIS A 311 11.10 -30.44 -26.08
N CYS A 312 12.02 -29.57 -25.69
CA CYS A 312 12.91 -29.87 -24.60
C CYS A 312 13.17 -28.62 -23.80
N PRO A 313 12.40 -28.43 -22.69
CA PRO A 313 12.54 -27.24 -21.84
C PRO A 313 13.73 -27.31 -20.85
N TYR A 314 14.75 -28.08 -21.22
CA TYR A 314 16.01 -28.38 -20.47
C TYR A 314 17.25 -28.26 -21.38
N SER A 315 18.40 -28.36 -20.74
CA SER A 315 19.69 -28.36 -21.46
C SER A 315 19.65 -29.47 -22.55
N GLN A 316 19.29 -30.69 -22.17
CA GLN A 316 19.07 -31.80 -23.08
C GLN A 316 18.07 -32.79 -22.45
N CYS A 317 17.47 -33.65 -23.26
CA CYS A 317 16.34 -34.53 -22.93
C CYS A 317 16.56 -35.94 -23.44
N ALA A 318 15.71 -36.87 -22.98
CA ALA A 318 15.62 -38.20 -23.47
C ALA A 318 14.72 -38.14 -24.66
N PHE A 319 13.43 -38.09 -24.37
CA PHE A 319 12.40 -37.98 -25.38
C PHE A 319 11.19 -37.44 -24.61
N ASN A 320 10.21 -36.99 -25.37
CA ASN A 320 8.96 -36.43 -24.85
C ASN A 320 9.17 -35.34 -23.81
N GLY A 321 10.13 -34.46 -24.11
CA GLY A 321 10.54 -33.32 -23.26
C GLY A 321 10.97 -33.68 -21.87
N VAL A 322 11.50 -34.86 -21.66
CA VAL A 322 11.95 -35.22 -20.33
C VAL A 322 13.45 -35.00 -20.18
N PHE A 323 13.83 -34.28 -19.15
CA PHE A 323 15.23 -34.04 -18.82
C PHE A 323 16.02 -35.34 -18.73
N LEU A 324 17.25 -35.34 -19.27
CA LEU A 324 18.21 -36.42 -18.97
C LEU A 324 19.59 -35.81 -18.83
N PRO A 325 20.29 -36.00 -17.71
CA PRO A 325 21.67 -35.49 -17.74
C PRO A 325 22.59 -36.27 -18.71
N PRO A 326 23.77 -35.72 -19.03
CA PRO A 326 24.70 -36.56 -19.78
C PRO A 326 25.03 -37.89 -19.06
N LEU A 327 25.18 -38.94 -19.84
CA LEU A 327 25.45 -40.29 -19.35
C LEU A 327 26.75 -40.32 -18.67
N GLN A 328 26.88 -41.15 -17.66
CA GLN A 328 28.03 -41.09 -16.82
C GLN A 328 28.15 -42.53 -16.31
N GLY A 329 29.32 -43.13 -16.54
CA GLY A 329 29.72 -44.34 -15.86
C GLY A 329 29.26 -45.53 -16.62
N SER A 330 29.32 -46.72 -15.99
CA SER A 330 28.77 -47.94 -16.58
C SER A 330 27.40 -48.22 -16.09
N PHE A 331 26.68 -49.02 -16.86
CA PHE A 331 25.26 -49.33 -16.65
C PHE A 331 25.07 -50.87 -16.58
N GLY A 332 24.15 -51.30 -15.71
CA GLY A 332 23.62 -52.62 -15.78
C GLY A 332 22.24 -52.53 -16.36
N ALA A 333 21.98 -53.35 -17.39
CA ALA A 333 20.63 -53.45 -18.02
C ALA A 333 19.95 -54.79 -17.80
N PHE A 334 18.71 -54.76 -17.36
CA PHE A 334 18.19 -55.98 -16.83
C PHE A 334 16.70 -56.10 -17.13
N SER A 335 16.06 -57.07 -16.50
CA SER A 335 14.72 -57.46 -16.93
C SER A 335 14.63 -57.71 -18.46
N ALA A 336 13.63 -57.16 -19.13
CA ALA A 336 13.52 -57.38 -20.55
C ALA A 336 14.77 -56.98 -21.35
N PHE A 337 15.55 -56.00 -20.87
CA PHE A 337 16.83 -55.64 -21.54
C PHE A 337 17.72 -56.89 -21.62
N TYR A 338 17.72 -57.70 -20.57
CA TYR A 338 18.59 -58.82 -20.56
C TYR A 338 17.98 -59.97 -21.29
N PHE A 339 16.71 -60.27 -21.01
CA PHE A 339 16.11 -61.40 -21.66
C PHE A 339 16.04 -61.34 -23.21
N VAL A 340 15.90 -60.12 -23.76
CA VAL A 340 15.88 -59.89 -25.19
C VAL A 340 17.32 -59.88 -25.75
N MET A 341 18.26 -59.21 -25.08
CA MET A 341 19.59 -59.12 -25.66
C MET A 341 20.32 -60.41 -25.55
N ASP A 342 20.07 -61.12 -24.46
CA ASP A 342 20.69 -62.39 -24.29
C ASP A 342 20.32 -63.34 -25.42
N PHE A 343 19.06 -63.31 -25.84
CA PHE A 343 18.57 -64.14 -26.93
C PHE A 343 19.33 -63.83 -28.24
N PHE A 344 19.47 -62.56 -28.55
CA PHE A 344 20.33 -62.22 -29.69
C PHE A 344 21.78 -62.56 -29.52
N LYS A 345 22.35 -62.37 -28.34
CA LYS A 345 23.78 -62.74 -28.11
C LYS A 345 24.00 -64.20 -28.26
N LYS A 346 23.08 -65.01 -27.76
CA LYS A 346 23.20 -66.41 -27.96
C LYS A 346 23.18 -66.79 -29.42
N MET A 347 22.56 -66.05 -30.31
CA MET A 347 22.76 -66.26 -31.78
C MET A 347 24.15 -65.90 -32.37
N ALA A 348 24.91 -65.01 -31.74
CA ALA A 348 26.21 -64.54 -32.28
C ALA A 348 27.35 -65.60 -32.31
N SER A 353 30.83 -58.15 -28.61
CA SER A 353 29.49 -58.02 -29.18
C SER A 353 28.98 -56.54 -29.14
N SER A 354 29.40 -55.78 -30.17
CA SER A 354 29.19 -54.35 -30.37
C SER A 354 27.82 -53.89 -30.87
N GLN A 355 27.64 -52.58 -31.02
CA GLN A 355 26.37 -52.07 -31.51
C GLN A 355 26.12 -52.45 -32.96
N GLU A 356 27.17 -52.41 -33.75
CA GLU A 356 27.09 -52.75 -35.14
C GLU A 356 26.73 -54.19 -35.31
N LYS A 357 27.36 -55.06 -34.51
CA LYS A 357 27.15 -56.51 -34.53
C LYS A 357 25.69 -56.85 -34.07
N MET A 358 25.23 -56.23 -32.98
CA MET A 358 23.87 -56.46 -32.52
C MET A 358 22.81 -55.97 -33.51
N THR A 359 23.07 -54.91 -34.24
CA THR A 359 22.16 -54.39 -35.24
C THR A 359 22.07 -55.33 -36.40
N GLU A 360 23.22 -55.88 -36.79
CA GLU A 360 23.30 -56.80 -37.88
C GLU A 360 22.56 -58.12 -37.59
N ILE A 361 22.65 -58.61 -36.35
CA ILE A 361 22.03 -59.87 -35.97
C ILE A 361 20.55 -59.70 -35.91
N THR A 362 20.09 -58.53 -35.48
CA THR A 362 18.71 -58.20 -35.37
C THR A 362 18.07 -57.99 -36.72
N LYS A 363 18.67 -57.23 -37.60
CA LYS A 363 18.25 -57.14 -38.98
C LYS A 363 18.11 -58.51 -39.70
N ASN A 364 19.10 -59.39 -39.55
CA ASN A 364 19.01 -60.70 -40.15
CA ASN A 364 18.97 -60.67 -40.18
C ASN A 364 17.87 -61.54 -39.55
N PHE A 365 17.69 -61.47 -38.26
CA PHE A 365 16.68 -62.26 -37.65
C PHE A 365 15.30 -61.81 -38.04
N CYS A 366 15.09 -60.48 -38.12
CA CYS A 366 13.84 -59.83 -38.52
C CYS A 366 13.36 -60.32 -39.87
N SER A 367 14.29 -60.58 -40.76
CA SER A 367 13.89 -60.96 -42.08
C SER A 367 13.71 -62.45 -42.31
N LYS A 368 13.88 -63.27 -41.27
CA LYS A 368 13.63 -64.69 -41.38
C LYS A 368 12.15 -64.97 -41.32
N PRO A 369 11.65 -65.86 -42.21
CA PRO A 369 10.21 -66.07 -42.20
C PRO A 369 9.71 -66.69 -40.94
N TRP A 370 8.48 -66.37 -40.53
CA TRP A 370 7.95 -66.90 -39.30
C TRP A 370 7.99 -68.40 -39.15
N GLU A 371 7.67 -69.18 -40.19
CA GLU A 371 7.77 -70.65 -40.05
C GLU A 371 9.18 -71.07 -39.79
N GLU A 372 10.17 -70.42 -40.38
CA GLU A 372 11.58 -70.78 -40.16
C GLU A 372 12.01 -70.51 -38.71
N VAL A 373 11.59 -69.38 -38.19
CA VAL A 373 11.88 -68.90 -36.83
C VAL A 373 11.30 -69.88 -35.83
N LYS A 374 10.01 -70.24 -35.95
CA LYS A 374 9.43 -71.28 -35.01
C LYS A 374 10.11 -72.61 -35.09
N ALA A 375 10.52 -73.03 -36.28
CA ALA A 375 11.26 -74.25 -36.49
C ALA A 375 12.69 -74.19 -35.97
N SER A 376 13.39 -73.05 -36.07
CA SER A 376 14.76 -72.90 -35.46
C SER A 376 14.78 -72.77 -33.93
N TYR A 377 13.71 -72.26 -33.34
CA TYR A 377 13.59 -72.12 -31.88
C TYR A 377 12.30 -72.83 -31.38
N PRO A 378 12.20 -74.18 -31.54
CA PRO A 378 10.97 -74.89 -31.28
C PRO A 378 10.63 -74.98 -29.79
N THR A 379 11.52 -74.58 -28.89
CA THR A 379 11.27 -74.75 -27.49
C THR A 379 10.72 -73.45 -26.85
N VAL A 380 10.74 -72.34 -27.60
CA VAL A 380 10.36 -71.01 -27.15
C VAL A 380 8.87 -70.80 -27.38
N LYS A 381 8.21 -70.48 -26.26
CA LYS A 381 6.85 -69.98 -26.21
C LYS A 381 6.64 -69.00 -27.32
N GLU A 382 5.66 -69.26 -28.19
CA GLU A 382 5.43 -68.33 -29.37
C GLU A 382 5.06 -66.88 -29.04
N LYS A 383 4.50 -66.68 -27.88
CA LYS A 383 4.22 -65.34 -27.33
C LYS A 383 5.49 -64.50 -27.06
N TYR A 384 6.61 -65.14 -26.75
CA TYR A 384 7.89 -64.41 -26.61
C TYR A 384 8.55 -64.41 -27.96
N LEU A 385 8.62 -65.56 -28.63
CA LEU A 385 9.32 -65.64 -29.90
C LEU A 385 8.81 -64.66 -30.93
N SER A 386 7.52 -64.46 -31.01
CA SER A 386 6.95 -63.63 -32.05
C SER A 386 7.30 -62.12 -31.92
N GLU A 387 7.78 -61.77 -30.74
CA GLU A 387 8.12 -60.43 -30.32
C GLU A 387 9.58 -60.02 -30.42
N TYR A 388 10.50 -60.94 -30.70
CA TYR A 388 11.90 -60.63 -30.52
C TYR A 388 12.36 -59.66 -31.56
N CYS A 389 11.80 -59.72 -32.79
CA CYS A 389 12.22 -58.75 -33.79
C CYS A 389 11.87 -57.33 -33.29
N PHE A 390 10.65 -57.18 -32.81
CA PHE A 390 10.14 -55.87 -32.43
C PHE A 390 10.91 -55.41 -31.18
N SER A 391 11.04 -56.25 -30.19
CA SER A 391 11.64 -55.87 -28.95
C SER A 391 13.09 -55.59 -29.12
N GLY A 392 13.78 -56.39 -29.92
CA GLY A 392 15.16 -56.10 -30.16
C GLY A 392 15.40 -54.76 -30.86
N THR A 393 14.67 -54.49 -31.94
CA THR A 393 14.73 -53.17 -32.58
C THR A 393 14.32 -52.03 -31.61
N TYR A 394 13.42 -52.28 -30.67
CA TYR A 394 12.93 -51.26 -29.78
C TYR A 394 14.05 -50.94 -28.78
N ILE A 395 14.72 -51.96 -28.28
CA ILE A 395 15.75 -51.78 -27.28
C ILE A 395 16.88 -50.99 -27.86
N LEU A 396 17.23 -51.31 -29.10
CA LEU A 396 18.24 -50.58 -29.82
C LEU A 396 17.85 -49.14 -30.03
N SER A 397 16.61 -48.86 -30.42
CA SER A 397 16.14 -47.47 -30.59
C SER A 397 16.12 -46.71 -29.28
N LEU A 398 15.55 -47.33 -28.26
CA LEU A 398 15.52 -46.76 -26.92
C LEU A 398 16.93 -46.39 -26.38
N LEU A 399 17.92 -47.27 -26.52
CA LEU A 399 19.20 -47.04 -25.89
C LEU A 399 19.98 -46.10 -26.74
N LEU A 400 19.87 -46.24 -28.04
CA LEU A 400 20.75 -45.47 -28.91
C LEU A 400 20.14 -44.12 -29.26
N GLN A 401 18.85 -44.05 -29.55
CA GLN A 401 18.27 -42.76 -29.86
C GLN A 401 17.64 -42.09 -28.64
N GLY A 402 17.00 -42.86 -27.78
CA GLY A 402 16.35 -42.30 -26.62
C GLY A 402 17.36 -41.78 -25.61
N TYR A 403 18.41 -42.57 -25.31
CA TYR A 403 19.32 -42.29 -24.22
C TYR A 403 20.67 -41.91 -24.72
N ASN A 404 20.94 -42.04 -26.01
CA ASN A 404 22.22 -41.66 -26.62
C ASN A 404 23.47 -42.44 -26.20
N PHE A 405 23.29 -43.73 -26.05
CA PHE A 405 24.39 -44.66 -25.82
C PHE A 405 25.09 -45.00 -27.10
N THR A 406 25.28 -44.01 -27.92
CA THR A 406 25.91 -44.18 -29.21
C THR A 406 27.42 -44.43 -29.09
N GLY A 407 27.91 -45.17 -30.07
CA GLY A 407 29.33 -45.36 -30.26
C GLY A 407 30.15 -45.79 -29.05
N THR A 408 30.95 -44.87 -28.63
CA THR A 408 31.82 -45.08 -27.52
C THR A 408 31.04 -45.54 -26.21
N SER A 409 29.81 -45.03 -26.00
CA SER A 409 29.08 -45.30 -24.78
C SER A 409 28.47 -46.70 -24.74
N TRP A 410 28.41 -47.37 -25.91
CA TRP A 410 27.62 -48.56 -26.02
C TRP A 410 28.24 -49.65 -25.18
N ASP A 411 29.54 -49.60 -25.03
CA ASP A 411 30.26 -50.60 -24.25
C ASP A 411 30.10 -50.44 -22.77
N GLN A 412 29.59 -49.29 -22.36
CA GLN A 412 29.32 -48.94 -20.97
CA GLN A 412 29.34 -49.01 -20.95
C GLN A 412 28.10 -49.73 -20.43
N ILE A 413 27.31 -50.34 -21.32
CA ILE A 413 26.13 -51.15 -20.91
C ILE A 413 26.44 -52.62 -20.72
N HIS A 414 26.13 -53.14 -19.55
CA HIS A 414 26.25 -54.57 -19.26
C HIS A 414 24.91 -55.22 -19.00
N PHE A 415 24.53 -56.17 -19.82
CA PHE A 415 23.25 -56.83 -19.69
C PHE A 415 23.36 -57.91 -18.64
N MET A 416 22.44 -57.90 -17.69
CA MET A 416 22.57 -58.75 -16.49
C MET A 416 21.24 -59.36 -16.09
N GLY A 417 21.28 -60.64 -15.74
CA GLY A 417 20.14 -61.33 -15.25
C GLY A 417 20.24 -61.49 -13.74
N LYS A 418 21.24 -62.27 -13.33
CA LYS A 418 21.57 -62.49 -11.94
C LYS A 418 22.96 -61.99 -11.61
N ILE A 419 23.13 -61.52 -10.39
CA ILE A 419 24.44 -61.30 -9.76
C ILE A 419 24.46 -62.14 -8.46
N LYS A 420 25.54 -62.91 -8.27
CA LYS A 420 25.63 -63.85 -7.17
C LYS A 420 24.31 -64.53 -6.93
N ASP A 421 23.63 -64.89 -8.00
CA ASP A 421 22.49 -65.75 -7.88
C ASP A 421 21.20 -65.14 -7.46
N SER A 422 21.13 -63.81 -7.48
CA SER A 422 19.94 -63.10 -7.17
C SER A 422 19.49 -62.34 -8.39
N ASN A 423 18.21 -62.29 -8.69
CA ASN A 423 17.78 -61.55 -9.84
C ASN A 423 18.09 -60.12 -9.71
N ALA A 424 18.64 -59.53 -10.78
CA ALA A 424 18.65 -58.10 -10.92
C ALA A 424 17.19 -57.56 -11.15
N GLY A 425 16.80 -56.52 -10.41
CA GLY A 425 15.41 -56.09 -10.34
C GLY A 425 15.29 -55.13 -9.20
N TRP A 426 14.07 -54.70 -8.91
CA TRP A 426 13.85 -53.82 -7.75
C TRP A 426 13.61 -54.54 -6.47
N THR A 427 13.20 -55.81 -6.52
CA THR A 427 12.75 -56.42 -5.30
C THR A 427 13.81 -56.60 -4.22
N LEU A 428 15.04 -56.91 -4.61
CA LEU A 428 16.05 -57.12 -3.61
C LEU A 428 16.25 -55.80 -2.78
N GLY A 429 16.48 -54.68 -3.49
CA GLY A 429 16.63 -53.38 -2.89
C GLY A 429 15.43 -53.00 -2.07
N TYR A 430 14.24 -53.23 -2.59
CA TYR A 430 13.08 -53.05 -1.80
C TYR A 430 13.19 -53.86 -0.45
N MET A 431 13.66 -55.13 -0.48
CA MET A 431 13.71 -55.96 0.74
C MET A 431 14.74 -55.40 1.71
N LEU A 432 15.87 -54.93 1.19
CA LEU A 432 16.89 -54.29 2.04
C LEU A 432 16.35 -53.06 2.77
N ASN A 433 15.71 -52.17 2.03
CA ASN A 433 14.98 -51.05 2.62
C ASN A 433 13.97 -51.51 3.63
N LEU A 434 12.98 -52.28 3.20
CA LEU A 434 11.96 -52.77 4.14
C LEU A 434 12.53 -53.44 5.37
N THR A 435 13.69 -54.11 5.24
CA THR A 435 14.46 -54.76 6.37
C THR A 435 15.09 -53.74 7.35
N ASN A 436 14.86 -52.45 7.04
CA ASN A 436 15.50 -51.30 7.69
C ASN A 436 17.05 -51.43 7.62
N MET A 437 17.56 -51.56 6.39
CA MET A 437 18.96 -51.93 6.09
C MET A 437 19.59 -50.92 5.13
N ASN B 32 4.48 -19.17 35.16
CA ASN B 32 5.74 -18.37 35.30
C ASN B 32 6.08 -17.62 34.01
N VAL B 33 6.77 -18.27 33.06
CA VAL B 33 7.03 -17.68 31.74
C VAL B 33 8.40 -18.05 31.11
N LYS B 34 8.31 -18.73 29.96
CA LYS B 34 9.47 -19.11 29.11
C LYS B 34 9.44 -18.44 27.71
N TYR B 35 10.62 -18.14 27.18
CA TYR B 35 10.88 -17.63 25.78
C TYR B 35 11.67 -18.62 24.84
N GLY B 36 11.50 -18.46 23.54
CA GLY B 36 12.42 -19.10 22.60
C GLY B 36 12.50 -18.23 21.35
N ILE B 37 13.62 -18.28 20.63
CA ILE B 37 13.82 -17.47 19.43
C ILE B 37 14.03 -18.40 18.24
N VAL B 38 13.44 -18.08 17.10
CA VAL B 38 13.63 -18.88 15.89
C VAL B 38 13.86 -17.80 14.86
N LEU B 39 14.96 -17.89 14.14
CA LEU B 39 15.15 -17.10 12.96
C LEU B 39 14.76 -17.94 11.74
N ASP B 40 13.87 -17.36 10.94
CA ASP B 40 13.46 -17.89 9.63
C ASP B 40 14.32 -17.17 8.59
N ALA B 41 15.37 -17.84 8.12
CA ALA B 41 16.24 -17.32 7.09
C ALA B 41 15.72 -17.78 5.72
N GLY B 42 14.86 -16.97 5.13
CA GLY B 42 14.21 -17.26 3.89
C GLY B 42 14.96 -16.57 2.82
N SER B 43 14.59 -16.83 1.61
CA SER B 43 15.31 -16.27 0.48
CA SER B 43 15.35 -16.28 0.50
C SER B 43 15.30 -14.74 0.44
N SER B 44 14.16 -14.12 0.74
CA SER B 44 14.13 -12.69 0.68
C SER B 44 14.51 -11.93 1.94
N HIS B 45 14.31 -12.50 3.11
CA HIS B 45 14.58 -11.82 4.38
C HIS B 45 14.81 -12.84 5.42
N THR B 46 15.62 -12.51 6.39
CA THR B 46 15.58 -13.23 7.66
C THR B 46 14.59 -12.55 8.61
N ASN B 47 13.72 -13.34 9.24
CA ASN B 47 12.76 -12.81 10.20
C ASN B 47 13.02 -13.55 11.47
N LEU B 48 13.25 -12.82 12.58
CA LEU B 48 13.47 -13.37 13.91
C LEU B 48 12.14 -13.29 14.66
N TYR B 49 11.74 -14.38 15.35
CA TYR B 49 10.49 -14.45 16.11
C TYR B 49 10.83 -14.79 17.54
N ILE B 50 10.27 -14.05 18.52
CA ILE B 50 10.32 -14.41 19.91
C ILE B 50 8.97 -14.99 20.29
N TYR B 51 8.97 -16.21 20.80
CA TYR B 51 7.78 -16.89 21.33
C TYR B 51 7.83 -16.86 22.83
N LYS B 52 6.64 -16.87 23.43
CA LYS B 52 6.54 -16.82 24.86
C LYS B 52 5.36 -17.68 25.33
N TRP B 53 5.52 -18.36 26.49
CA TRP B 53 4.52 -19.27 27.04
C TRP B 53 4.72 -19.59 28.52
N PRO B 54 3.61 -19.93 29.26
CA PRO B 54 3.70 -20.47 30.62
C PRO B 54 4.77 -21.55 30.84
N GLY B 62 -3.29 -25.06 22.88
CA GLY B 62 -2.84 -23.88 22.11
C GLY B 62 -2.46 -22.55 22.84
N VAL B 63 -1.28 -22.46 23.47
CA VAL B 63 -0.95 -21.38 24.42
C VAL B 63 0.42 -20.71 24.27
N VAL B 64 1.28 -21.22 23.38
CA VAL B 64 2.51 -20.52 22.95
C VAL B 64 2.14 -19.37 22.04
N GLN B 65 2.84 -18.25 22.20
CA GLN B 65 2.51 -16.97 21.53
C GLN B 65 3.70 -16.20 21.02
N GLN B 66 3.54 -15.58 19.86
CA GLN B 66 4.56 -14.74 19.34
C GLN B 66 4.62 -13.57 20.28
N LEU B 67 5.78 -13.27 20.84
CA LEU B 67 5.93 -12.07 21.61
C LEU B 67 6.28 -10.87 20.69
N GLU B 68 7.16 -11.05 19.70
CA GLU B 68 7.52 -9.97 18.83
C GLU B 68 8.19 -10.58 17.63
N GLU B 69 8.23 -9.86 16.52
CA GLU B 69 8.97 -10.32 15.38
C GLU B 69 9.88 -9.20 15.01
N CYS B 70 11.06 -9.53 14.52
CA CYS B 70 11.95 -8.52 14.02
C CYS B 70 12.32 -8.93 12.56
N GLN B 71 12.12 -8.05 11.59
CA GLN B 71 12.60 -8.35 10.27
C GLN B 71 14.03 -7.74 10.07
N VAL B 72 14.96 -8.56 9.60
CA VAL B 72 16.35 -8.19 9.43
C VAL B 72 16.39 -7.40 8.13
N LYS B 73 17.11 -6.30 8.20
CA LYS B 73 17.21 -5.43 7.06
C LYS B 73 18.29 -6.06 6.19
N GLY B 74 18.05 -6.07 4.88
CA GLY B 74 18.91 -6.74 3.92
C GLY B 74 18.27 -7.94 3.24
N PRO B 75 18.99 -8.54 2.27
CA PRO B 75 18.52 -9.76 1.69
C PRO B 75 18.65 -10.95 2.62
N GLY B 76 18.29 -12.11 2.10
CA GLY B 76 18.54 -13.40 2.73
C GLY B 76 20.01 -13.73 2.94
N ILE B 77 20.27 -14.59 3.91
CA ILE B 77 21.61 -14.97 4.28
C ILE B 77 22.43 -15.53 3.10
N SER B 78 21.80 -16.16 2.12
CA SER B 78 22.64 -16.71 1.05
C SER B 78 23.27 -15.64 0.21
N LYS B 79 22.79 -14.40 0.33
CA LYS B 79 23.37 -13.26 -0.36
C LYS B 79 24.66 -12.87 0.29
N TYR B 80 25.01 -13.57 1.36
CA TYR B 80 26.24 -13.25 2.07
C TYR B 80 27.36 -14.23 1.85
N ALA B 81 27.20 -15.07 0.84
CA ALA B 81 28.11 -16.15 0.53
C ALA B 81 29.56 -15.69 0.46
N GLN B 82 29.80 -14.54 -0.10
CA GLN B 82 31.14 -14.09 -0.15
C GLN B 82 31.37 -12.90 0.79
N LYS B 83 30.55 -12.73 1.81
CA LYS B 83 30.60 -11.55 2.61
C LYS B 83 30.29 -12.05 4.00
N THR B 84 30.84 -13.18 4.41
CA THR B 84 30.39 -13.79 5.66
C THR B 84 30.79 -13.00 6.89
N ASP B 85 31.91 -12.28 6.84
CA ASP B 85 32.23 -11.30 7.91
C ASP B 85 31.16 -10.23 8.18
N GLU B 86 30.25 -9.99 7.24
CA GLU B 86 29.21 -9.04 7.44
C GLU B 86 28.02 -9.60 8.19
N ILE B 87 27.93 -10.93 8.31
CA ILE B 87 26.80 -11.57 8.97
C ILE B 87 26.54 -11.06 10.37
N ALA B 88 27.57 -10.89 11.17
CA ALA B 88 27.37 -10.45 12.52
C ALA B 88 26.69 -9.07 12.60
N ALA B 89 27.14 -8.11 11.79
CA ALA B 89 26.54 -6.80 11.79
C ALA B 89 25.12 -6.94 11.33
N TYR B 90 24.84 -7.87 10.41
CA TYR B 90 23.48 -8.02 9.83
C TYR B 90 22.49 -8.47 10.88
N LEU B 91 22.90 -9.37 11.76
CA LEU B 91 21.97 -9.90 12.73
C LEU B 91 21.83 -8.99 13.93
N ALA B 92 22.67 -7.98 14.04
CA ALA B 92 22.84 -7.21 15.27
C ALA B 92 21.60 -6.60 15.81
N GLU B 93 20.82 -5.93 14.95
CA GLU B 93 19.66 -5.14 15.40
C GLU B 93 18.55 -6.02 15.90
N CYS B 94 18.33 -7.16 15.27
CA CYS B 94 17.26 -7.99 15.74
C CYS B 94 17.66 -8.73 16.94
N MET B 95 18.94 -9.02 17.08
CA MET B 95 19.38 -9.73 18.26
C MET B 95 19.49 -8.82 19.49
N LYS B 96 19.87 -7.55 19.27
CA LYS B 96 19.90 -6.56 20.32
C LYS B 96 18.48 -6.38 20.75
N MET B 97 17.54 -6.40 19.83
CA MET B 97 16.14 -6.33 20.22
C MET B 97 15.74 -7.41 21.21
N SER B 98 16.15 -8.64 20.98
CA SER B 98 15.78 -9.79 21.82
C SER B 98 16.47 -9.77 23.17
N THR B 99 17.70 -9.27 23.22
CA THR B 99 18.38 -9.11 24.50
C THR B 99 17.69 -8.01 25.35
N GLU B 100 17.15 -6.98 24.70
CA GLU B 100 16.40 -5.91 25.38
C GLU B 100 15.03 -6.41 25.86
N ARG B 101 14.40 -7.29 25.07
CA ARG B 101 13.04 -7.73 25.35
C ARG B 101 13.00 -8.84 26.34
N ILE B 102 13.86 -9.83 26.19
CA ILE B 102 13.83 -10.89 27.17
C ILE B 102 14.58 -10.44 28.48
N PRO B 103 13.98 -10.66 29.68
CA PRO B 103 14.70 -10.37 30.92
C PRO B 103 15.94 -11.21 31.07
N ALA B 104 17.01 -10.56 31.51
CA ALA B 104 18.32 -11.16 31.67
C ALA B 104 18.21 -12.40 32.55
N SER B 105 17.41 -12.28 33.62
CA SER B 105 16.99 -13.42 34.48
C SER B 105 16.62 -14.69 33.65
N LYS B 106 16.21 -14.54 32.38
CA LYS B 106 15.70 -15.66 31.58
C LYS B 106 16.43 -15.97 30.28
N GLN B 107 17.50 -15.24 30.02
CA GLN B 107 18.14 -15.33 28.71
C GLN B 107 18.93 -16.62 28.49
N HIS B 108 19.64 -17.06 29.53
CA HIS B 108 20.51 -18.24 29.40
C HIS B 108 19.82 -19.57 29.13
N GLN B 109 18.55 -19.68 29.56
CA GLN B 109 17.65 -20.83 29.32
C GLN B 109 16.75 -20.71 28.12
N THR B 110 16.90 -19.62 27.37
CA THR B 110 16.11 -19.37 26.17
C THR B 110 16.88 -19.92 24.98
N PRO B 111 16.30 -20.88 24.26
CA PRO B 111 17.00 -21.47 23.13
C PRO B 111 16.83 -20.60 21.92
N VAL B 112 17.84 -20.56 21.07
CA VAL B 112 17.79 -19.85 19.82
C VAL B 112 18.18 -20.80 18.66
N TYR B 113 17.36 -20.79 17.58
CA TYR B 113 17.45 -21.65 16.37
C TYR B 113 17.44 -20.82 15.10
N LEU B 114 18.22 -21.18 14.09
CA LEU B 114 18.06 -20.63 12.76
C LEU B 114 17.66 -21.78 11.84
N GLY B 115 16.58 -21.63 11.11
CA GLY B 115 16.15 -22.63 10.17
C GLY B 115 16.19 -21.86 8.88
N ALA B 116 17.00 -22.30 7.93
CA ALA B 116 17.10 -21.62 6.65
C ALA B 116 16.31 -22.48 5.63
N THR B 117 15.76 -21.87 4.59
CA THR B 117 14.87 -22.57 3.68
C THR B 117 15.38 -22.57 2.21
N ALA B 118 14.55 -22.34 1.22
CA ALA B 118 14.95 -22.67 -0.11
C ALA B 118 16.07 -21.78 -0.65
N GLY B 119 16.21 -20.57 -0.15
CA GLY B 119 17.36 -19.75 -0.56
C GLY B 119 18.68 -20.46 -0.37
N MET B 120 18.86 -21.01 0.82
CA MET B 120 20.06 -21.75 1.16
C MET B 120 20.15 -23.16 0.60
N ARG B 121 19.03 -23.80 0.35
CA ARG B 121 19.04 -24.99 -0.44
C ARG B 121 19.70 -24.73 -1.82
N LEU B 122 19.36 -23.61 -2.45
CA LEU B 122 19.91 -23.25 -3.75
C LEU B 122 21.40 -22.93 -3.66
N LEU B 123 21.80 -22.15 -2.66
CA LEU B 123 23.24 -21.95 -2.41
C LEU B 123 24.01 -23.25 -2.10
N ARG B 124 23.44 -24.19 -1.34
CA ARG B 124 24.09 -25.48 -1.04
CA ARG B 124 24.10 -25.46 -1.05
C ARG B 124 24.29 -26.26 -2.29
N MET B 125 23.40 -26.07 -3.26
CA MET B 125 23.57 -26.66 -4.61
C MET B 125 24.69 -26.04 -5.40
N GLU B 126 24.70 -24.70 -5.56
CA GLU B 126 25.77 -23.95 -6.18
C GLU B 126 27.08 -24.29 -5.50
N SER B 127 27.10 -24.32 -4.18
CA SER B 127 28.32 -24.62 -3.44
C SER B 127 28.10 -25.00 -1.95
N LYS B 128 28.36 -26.25 -1.59
CA LYS B 128 28.14 -26.75 -0.22
C LYS B 128 29.11 -26.09 0.80
N GLN B 129 30.08 -25.44 0.20
CA GLN B 129 31.21 -24.94 0.88
C GLN B 129 30.77 -23.53 1.36
N SER B 130 30.39 -22.67 0.39
CA SER B 130 29.64 -21.43 0.60
C SER B 130 28.49 -21.52 1.64
N ALA B 131 27.54 -22.48 1.45
CA ALA B 131 26.41 -22.63 2.29
C ALA B 131 26.87 -22.87 3.68
N ASP B 132 27.83 -23.75 3.82
CA ASP B 132 28.37 -24.12 5.13
C ASP B 132 29.18 -23.02 5.77
N GLU B 133 29.91 -22.24 4.98
CA GLU B 133 30.53 -21.02 5.50
C GLU B 133 29.52 -20.02 6.05
N VAL B 134 28.39 -19.83 5.36
CA VAL B 134 27.29 -18.94 5.85
C VAL B 134 26.68 -19.45 7.14
N LEU B 135 26.39 -20.75 7.17
CA LEU B 135 25.93 -21.36 8.40
C LEU B 135 26.92 -21.20 9.54
N ALA B 136 28.22 -21.26 9.24
CA ALA B 136 29.24 -21.15 10.26
C ALA B 136 29.29 -19.70 10.77
N ALA B 137 29.25 -18.72 9.86
CA ALA B 137 29.21 -17.27 10.24
C ALA B 137 27.93 -16.94 10.99
N VAL B 138 26.79 -17.45 10.60
CA VAL B 138 25.61 -17.32 11.41
C VAL B 138 25.71 -17.88 12.81
N SER B 139 26.28 -19.10 12.94
CA SER B 139 26.41 -19.80 14.24
C SER B 139 27.34 -19.03 15.21
N ARG B 140 28.50 -18.64 14.72
CA ARG B 140 29.47 -17.87 15.47
C ARG B 140 28.72 -16.65 16.04
N SER B 141 28.03 -15.92 15.17
CA SER B 141 27.32 -14.75 15.61
C SER B 141 26.22 -15.05 16.67
N LEU B 142 25.31 -15.96 16.39
CA LEU B 142 24.28 -16.25 17.36
C LEU B 142 24.84 -16.72 18.68
N LYS B 143 25.90 -17.53 18.60
CA LYS B 143 26.61 -18.04 19.77
C LYS B 143 27.16 -16.91 20.68
N SER B 144 27.43 -15.75 20.09
CA SER B 144 27.98 -14.67 20.86
C SER B 144 26.93 -14.03 21.78
N TYR B 145 25.66 -14.37 21.63
CA TYR B 145 24.61 -13.70 22.40
C TYR B 145 24.35 -14.44 23.70
N PRO B 146 23.67 -13.82 24.68
CA PRO B 146 23.57 -14.55 25.98
C PRO B 146 22.54 -15.70 26.07
N PHE B 147 22.03 -16.24 24.96
CA PHE B 147 20.96 -17.27 24.98
C PHE B 147 21.46 -18.69 24.84
N ASP B 148 20.54 -19.65 24.71
CA ASP B 148 20.93 -21.07 24.60
C ASP B 148 21.06 -21.45 23.13
N PHE B 149 22.26 -21.35 22.55
CA PHE B 149 22.38 -21.52 21.09
C PHE B 149 22.07 -22.95 20.68
N GLN B 150 21.17 -23.14 19.74
CA GLN B 150 20.79 -24.53 19.42
C GLN B 150 20.89 -24.91 17.98
N GLY B 151 21.64 -24.19 17.16
CA GLY B 151 21.90 -24.71 15.83
C GLY B 151 21.36 -23.80 14.79
N ALA B 152 22.06 -23.79 13.67
CA ALA B 152 21.62 -23.13 12.45
C ALA B 152 21.68 -24.20 11.40
N LYS B 153 20.57 -24.54 10.79
CA LYS B 153 20.59 -25.55 9.78
C LYS B 153 19.60 -25.26 8.67
N ILE B 154 19.77 -25.91 7.52
CA ILE B 154 18.87 -25.79 6.40
C ILE B 154 17.84 -26.89 6.68
N ILE B 155 16.55 -26.54 6.80
CA ILE B 155 15.51 -27.48 7.12
C ILE B 155 15.01 -27.99 5.79
N THR B 156 14.39 -29.16 5.78
CA THR B 156 13.92 -29.77 4.53
C THR B 156 12.60 -29.16 4.01
N GLY B 157 12.22 -29.43 2.77
CA GLY B 157 10.96 -28.94 2.25
C GLY B 157 9.79 -29.57 2.99
N GLN B 158 9.93 -30.85 3.39
CA GLN B 158 8.86 -31.48 4.16
C GLN B 158 8.76 -30.87 5.50
N GLU B 159 9.86 -30.66 6.19
CA GLU B 159 9.77 -29.99 7.45
C GLU B 159 9.06 -28.68 7.29
N GLU B 160 9.56 -27.81 6.38
CA GLU B 160 8.98 -26.48 6.14
C GLU B 160 7.45 -26.56 5.92
N GLY B 161 7.00 -27.55 5.16
CA GLY B 161 5.58 -27.70 4.94
C GLY B 161 4.82 -28.12 6.17
N ALA B 162 5.27 -29.20 6.79
CA ALA B 162 4.52 -29.85 7.86
C ALA B 162 4.36 -28.85 8.92
N TYR B 163 5.42 -28.13 9.24
CA TYR B 163 5.46 -27.15 10.31
C TYR B 163 4.58 -25.97 10.12
N GLY B 164 4.44 -25.50 8.86
CA GLY B 164 3.45 -24.47 8.54
C GLY B 164 2.03 -24.96 8.78
N TRP B 165 1.80 -26.21 8.42
CA TRP B 165 0.52 -26.79 8.73
C TRP B 165 0.26 -26.92 10.22
N ILE B 166 1.30 -27.28 10.98
CA ILE B 166 1.18 -27.33 12.43
C ILE B 166 0.83 -25.97 12.97
N THR B 167 1.43 -24.92 12.43
CA THR B 167 1.31 -23.60 13.01
C THR B 167 -0.12 -23.17 12.84
N ILE B 168 -0.67 -23.33 11.66
CA ILE B 168 -1.94 -22.69 11.44
C ILE B 168 -3.01 -23.41 12.21
N ASN B 169 -2.92 -24.73 12.29
CA ASN B 169 -3.88 -25.54 13.08
C ASN B 169 -3.72 -25.43 14.57
N TYR B 170 -2.52 -25.18 15.05
CA TYR B 170 -2.35 -24.92 16.46
C TYR B 170 -2.95 -23.54 16.81
N LEU B 171 -2.60 -22.52 16.03
CA LEU B 171 -3.21 -21.17 16.19
C LEU B 171 -4.74 -21.15 16.03
N LEU B 172 -5.26 -21.89 15.03
CA LEU B 172 -6.70 -22.05 14.81
C LEU B 172 -7.42 -22.90 15.86
N GLY B 173 -6.64 -23.54 16.73
CA GLY B 173 -7.20 -24.47 17.68
C GLY B 173 -7.94 -25.60 17.00
N ARG B 174 -7.57 -25.92 15.77
CA ARG B 174 -8.15 -27.05 15.06
C ARG B 174 -7.65 -28.36 15.72
N PHE B 175 -6.65 -28.24 16.60
CA PHE B 175 -6.14 -29.40 17.34
C PHE B 175 -7.03 -29.97 18.52
N LYS B 176 -7.99 -29.14 18.97
CA LYS B 176 -9.15 -29.57 19.79
C LYS B 176 -10.35 -30.12 19.00
N GLY B 180 -12.04 -33.44 14.69
CA GLY B 180 -12.44 -32.31 13.84
C GLY B 180 -11.58 -32.10 12.58
N SER B 181 -11.90 -31.11 11.75
CA SER B 181 -11.16 -30.93 10.50
C SER B 181 -9.97 -30.01 10.69
N THR B 182 -8.99 -30.10 9.81
CA THR B 182 -7.84 -29.23 9.89
C THR B 182 -7.80 -28.42 8.62
N PHE B 183 -7.06 -27.32 8.68
CA PHE B 183 -6.78 -26.48 7.54
C PHE B 183 -5.56 -26.99 6.80
N GLY B 184 -5.61 -26.94 5.46
CA GLY B 184 -4.42 -27.09 4.59
C GLY B 184 -3.61 -25.80 4.64
N ALA B 185 -2.33 -25.91 4.30
CA ALA B 185 -1.37 -24.83 4.41
C ALA B 185 -0.74 -24.59 3.06
N LEU B 186 -0.77 -23.32 2.62
CA LEU B 186 -0.17 -22.89 1.36
C LEU B 186 0.84 -21.83 1.70
N ASP B 187 2.14 -22.03 1.36
CA ASP B 187 3.27 -21.09 1.70
C ASP B 187 3.93 -20.71 0.37
N LEU B 188 4.20 -19.43 0.16
CA LEU B 188 4.98 -19.01 -1.00
C LEU B 188 6.05 -18.10 -0.44
N GLY B 189 7.32 -18.31 -0.84
CA GLY B 189 8.37 -17.36 -0.56
C GLY B 189 9.08 -16.98 -1.86
N GLY B 190 10.29 -16.42 -1.78
CA GLY B 190 11.02 -16.06 -2.96
C GLY B 190 11.46 -17.23 -3.82
N SER B 191 11.76 -18.34 -3.19
CA SER B 191 12.48 -19.47 -3.86
C SER B 191 11.74 -20.76 -3.97
N SER B 192 10.82 -21.05 -3.03
CA SER B 192 9.94 -22.18 -3.16
C SER B 192 8.53 -21.88 -2.70
N THR B 193 7.69 -22.89 -2.97
CA THR B 193 6.27 -22.91 -2.57
C THR B 193 5.91 -24.30 -2.05
N GLN B 194 5.12 -24.31 -0.96
CA GLN B 194 4.65 -25.58 -0.28
C GLN B 194 3.12 -25.67 -0.22
N ILE B 195 2.62 -26.89 -0.41
CA ILE B 195 1.24 -27.23 -0.17
C ILE B 195 1.18 -28.43 0.78
N THR B 196 0.50 -28.29 1.91
CA THR B 196 0.37 -29.34 2.93
C THR B 196 -1.11 -29.48 3.34
N PHE B 197 -1.65 -30.68 3.32
CA PHE B 197 -2.99 -30.91 3.85
C PHE B 197 -3.28 -32.37 4.05
N VAL B 198 -4.29 -32.67 4.85
CA VAL B 198 -4.76 -34.04 5.09
C VAL B 198 -5.73 -34.46 3.99
N PRO B 199 -5.33 -35.42 3.12
CA PRO B 199 -6.22 -35.86 2.06
C PRO B 199 -7.31 -36.84 2.49
N LEU B 200 -8.34 -36.96 1.67
CA LEU B 200 -9.47 -37.84 2.01
C LEU B 200 -8.94 -39.26 2.13
N ASN B 201 -8.15 -39.65 1.15
CA ASN B 201 -7.51 -40.95 1.21
C ASN B 201 -6.17 -40.79 1.91
N SER B 202 -6.01 -41.57 3.00
CA SER B 202 -4.72 -41.66 3.75
C SER B 202 -3.60 -42.47 3.03
N THR B 203 -4.01 -43.31 2.07
CA THR B 203 -3.07 -44.06 1.23
C THR B 203 -2.79 -43.22 -0.01
N LEU B 204 -1.63 -42.59 0.01
CA LEU B 204 -1.27 -41.67 -1.01
C LEU B 204 -0.69 -42.49 -2.10
N GLU B 205 -0.68 -41.92 -3.31
CA GLU B 205 -0.22 -42.59 -4.53
C GLU B 205 1.25 -42.43 -4.61
N ALA B 206 1.77 -41.41 -3.95
CA ALA B 206 3.21 -41.17 -3.81
C ALA B 206 3.58 -41.01 -2.33
N PRO B 207 4.00 -42.11 -1.69
CA PRO B 207 4.15 -41.94 -0.26
C PRO B 207 5.41 -41.13 0.16
N GLU B 208 6.32 -40.78 -0.76
CA GLU B 208 7.39 -39.84 -0.41
C GLU B 208 6.88 -38.37 -0.22
N THR B 209 5.58 -38.19 -0.45
CA THR B 209 4.84 -36.93 -0.27
C THR B 209 3.99 -36.95 1.04
N SER B 210 4.08 -38.04 1.81
CA SER B 210 3.22 -38.34 2.97
C SER B 210 4.04 -38.30 4.28
N LEU B 211 3.46 -37.79 5.34
CA LEU B 211 4.04 -38.03 6.65
C LEU B 211 2.91 -38.49 7.52
N GLN B 212 3.21 -39.35 8.49
CA GLN B 212 2.22 -39.75 9.48
C GLN B 212 2.74 -39.40 10.85
N PHE B 213 1.97 -38.58 11.60
CA PHE B 213 2.22 -38.36 13.03
C PHE B 213 0.96 -38.44 13.97
N ARG B 214 1.19 -38.35 15.27
CA ARG B 214 0.10 -38.34 16.25
C ARG B 214 0.29 -37.07 17.01
N LEU B 215 -0.77 -36.32 17.16
CA LEU B 215 -0.70 -35.04 17.84
C LEU B 215 -1.98 -34.86 18.62
N TYR B 216 -1.86 -34.80 19.94
CA TYR B 216 -2.99 -34.47 20.76
C TYR B 216 -4.04 -35.56 20.66
N GLY B 217 -3.60 -36.80 20.67
CA GLY B 217 -4.51 -37.91 20.67
C GLY B 217 -4.92 -38.49 19.34
N THR B 218 -4.50 -37.89 18.24
CA THR B 218 -4.99 -38.42 16.99
C THR B 218 -3.96 -38.57 15.89
N ASP B 219 -4.22 -39.52 15.00
CA ASP B 219 -3.33 -39.85 13.89
C ASP B 219 -3.64 -38.99 12.70
N TYR B 220 -2.62 -38.48 12.02
CA TYR B 220 -2.80 -37.72 10.78
C TYR B 220 -1.90 -38.24 9.67
N THR B 221 -2.40 -38.35 8.44
CA THR B 221 -1.52 -38.50 7.31
C THR B 221 -1.68 -37.25 6.56
N VAL B 222 -0.57 -36.55 6.43
CA VAL B 222 -0.49 -35.32 5.77
C VAL B 222 0.33 -35.44 4.46
N TYR B 223 -0.23 -34.90 3.37
CA TYR B 223 0.42 -34.77 2.12
C TYR B 223 1.18 -33.45 2.12
N THR B 224 2.45 -33.44 1.71
CA THR B 224 3.18 -32.19 1.70
C THR B 224 4.18 -32.28 0.59
N HIS B 225 4.37 -31.16 -0.09
CA HIS B 225 5.35 -31.02 -1.15
C HIS B 225 5.86 -29.59 -1.28
N SER B 226 7.17 -29.42 -1.52
CA SER B 226 7.82 -28.13 -1.73
C SER B 226 8.32 -28.07 -3.15
N PHE B 227 8.00 -27.02 -3.88
CA PHE B 227 8.48 -26.94 -5.25
C PHE B 227 9.59 -25.91 -5.32
N LEU B 228 10.85 -26.37 -5.38
CA LEU B 228 12.05 -25.50 -5.37
C LEU B 228 12.04 -24.79 -6.74
N CYS B 229 12.44 -23.49 -6.77
CA CYS B 229 12.43 -22.70 -7.97
C CYS B 229 11.07 -22.12 -8.31
N TYR B 230 10.05 -22.44 -7.55
CA TYR B 230 8.66 -21.94 -7.82
C TYR B 230 8.16 -20.98 -6.76
N GLY B 231 9.07 -20.47 -5.94
CA GLY B 231 8.82 -19.24 -5.24
C GLY B 231 8.71 -18.14 -6.26
N LYS B 232 8.15 -17.00 -5.82
CA LYS B 232 7.76 -15.96 -6.73
C LYS B 232 8.98 -15.30 -7.37
N ASP B 233 10.09 -15.13 -6.67
CA ASP B 233 11.26 -14.54 -7.28
C ASP B 233 12.02 -15.43 -8.24
N GLN B 234 12.26 -16.68 -7.87
CA GLN B 234 12.85 -17.65 -8.79
C GLN B 234 12.01 -17.97 -10.01
N ALA B 235 10.69 -17.96 -9.86
CA ALA B 235 9.80 -18.08 -11.03
C ALA B 235 10.02 -16.95 -11.99
N LEU B 236 10.28 -15.73 -11.47
CA LEU B 236 10.47 -14.59 -12.33
C LEU B 236 11.78 -14.82 -13.12
N TRP B 237 12.81 -15.26 -12.43
CA TRP B 237 14.08 -15.51 -13.14
C TRP B 237 13.98 -16.59 -14.15
N GLN B 238 13.23 -17.66 -13.84
CA GLN B 238 13.00 -18.77 -14.82
C GLN B 238 12.42 -18.16 -16.04
N LYS B 239 11.38 -17.38 -15.85
CA LYS B 239 10.64 -16.74 -16.94
C LYS B 239 11.44 -15.79 -17.87
N LEU B 240 12.14 -14.83 -17.27
CA LEU B 240 13.11 -14.01 -17.97
C LEU B 240 14.22 -14.81 -18.62
N ALA B 241 14.76 -15.85 -17.98
CA ALA B 241 15.79 -16.72 -18.65
C ALA B 241 15.14 -17.48 -19.84
N GLN B 242 13.92 -17.96 -19.65
CA GLN B 242 13.25 -18.63 -20.76
C GLN B 242 13.01 -17.68 -21.92
N ASP B 243 12.73 -16.42 -21.63
CA ASP B 243 12.24 -15.45 -22.61
C ASP B 243 13.32 -14.63 -23.31
N ILE B 244 14.46 -14.37 -22.65
CA ILE B 244 15.58 -13.65 -23.33
C ILE B 244 16.18 -14.49 -24.52
N GLN B 245 16.44 -13.86 -25.67
CA GLN B 245 16.86 -14.54 -26.92
C GLN B 245 18.12 -13.85 -27.36
N VAL B 246 18.99 -14.55 -28.14
CA VAL B 246 20.17 -13.89 -28.76
C VAL B 246 19.67 -12.65 -29.50
N SER B 247 18.51 -12.77 -30.17
CA SER B 247 17.79 -11.67 -30.91
CA SER B 247 17.91 -11.63 -30.93
C SER B 247 17.45 -10.44 -30.08
N SER B 248 17.34 -10.60 -28.75
CA SER B 248 16.79 -9.55 -27.89
C SER B 248 17.54 -8.26 -27.99
N GLY B 249 18.81 -8.34 -28.39
CA GLY B 249 19.64 -7.13 -28.45
C GLY B 249 19.58 -6.28 -27.20
N GLY B 250 19.56 -6.94 -26.04
CA GLY B 250 19.58 -6.30 -24.73
C GLY B 250 18.30 -5.58 -24.27
N ILE B 251 17.21 -5.83 -24.95
CA ILE B 251 15.94 -5.26 -24.54
C ILE B 251 14.97 -6.43 -24.56
N LEU B 252 14.29 -6.66 -23.42
CA LEU B 252 13.23 -7.67 -23.34
C LEU B 252 11.95 -6.89 -23.08
N LYS B 253 11.04 -6.83 -24.03
CA LYS B 253 9.71 -6.34 -23.67
C LYS B 253 8.90 -7.41 -22.95
N ASP B 254 8.37 -7.09 -21.77
CA ASP B 254 7.74 -8.08 -20.94
C ASP B 254 6.38 -7.58 -20.50
N PRO B 255 5.31 -8.34 -20.80
CA PRO B 255 3.90 -8.00 -20.42
C PRO B 255 3.57 -8.07 -18.93
N CYS B 256 4.44 -8.59 -18.08
CA CYS B 256 4.13 -8.71 -16.69
C CYS B 256 4.59 -7.49 -15.94
N PHE B 257 5.02 -6.47 -16.65
CA PHE B 257 5.45 -5.23 -15.96
C PHE B 257 4.73 -4.06 -16.56
N TYR B 258 4.53 -3.00 -15.77
CA TYR B 258 3.73 -1.86 -16.22
C TYR B 258 4.35 -1.15 -17.43
N PRO B 259 3.47 -0.61 -18.31
CA PRO B 259 3.98 0.29 -19.33
C PRO B 259 4.82 1.38 -18.66
N GLY B 260 6.06 1.54 -19.09
CA GLY B 260 6.91 2.60 -18.60
C GLY B 260 7.92 2.14 -17.59
N TYR B 261 7.74 0.90 -17.09
CA TYR B 261 8.68 0.23 -16.19
C TYR B 261 9.94 -0.33 -16.89
N LYS B 262 11.09 -0.08 -16.30
N LYS B 262 11.09 -0.16 -16.27
CA LYS B 262 12.36 -0.62 -16.77
CA LYS B 262 12.33 -0.65 -16.83
C LYS B 262 13.02 -1.31 -15.61
C LYS B 262 13.17 -1.18 -15.68
N LYS B 263 13.83 -2.32 -15.90
CA LYS B 263 14.57 -3.03 -14.88
C LYS B 263 15.78 -3.67 -15.63
N VAL B 264 16.98 -3.49 -15.12
CA VAL B 264 18.16 -4.04 -15.74
C VAL B 264 18.50 -5.38 -15.09
N VAL B 265 18.78 -6.41 -15.92
CA VAL B 265 18.99 -7.77 -15.46
C VAL B 265 20.37 -8.04 -15.99
N ASN B 266 21.26 -8.46 -15.10
CA ASN B 266 22.65 -8.80 -15.48
C ASN B 266 22.64 -10.28 -15.76
N VAL B 267 23.09 -10.67 -16.96
CA VAL B 267 23.00 -12.04 -17.42
C VAL B 267 23.78 -13.01 -16.51
N SER B 268 24.99 -12.69 -16.08
CA SER B 268 25.63 -13.65 -15.21
C SER B 268 25.01 -13.65 -13.77
N GLU B 269 24.28 -12.63 -13.34
CA GLU B 269 23.47 -12.85 -12.15
C GLU B 269 22.22 -13.70 -12.41
N LEU B 270 21.54 -13.47 -13.52
CA LEU B 270 20.41 -14.31 -13.93
C LEU B 270 20.76 -15.83 -13.94
N TYR B 271 21.97 -16.13 -14.40
CA TYR B 271 22.40 -17.45 -14.69
C TYR B 271 23.20 -17.92 -13.51
N GLY B 272 23.11 -17.20 -12.38
CA GLY B 272 23.82 -17.60 -11.15
C GLY B 272 22.95 -18.36 -10.13
N THR B 273 21.68 -18.59 -10.46
CA THR B 273 20.77 -19.42 -9.70
C THR B 273 20.64 -20.77 -10.42
N PRO B 274 20.60 -21.91 -9.67
CA PRO B 274 20.28 -23.18 -10.32
C PRO B 274 18.92 -23.21 -11.08
N CYS B 275 18.00 -22.33 -10.71
CA CYS B 275 16.64 -22.28 -11.27
C CYS B 275 16.57 -21.89 -12.73
N THR B 276 17.65 -21.29 -13.25
CA THR B 276 17.71 -20.85 -14.65
C THR B 276 18.61 -21.72 -15.54
N LYS B 277 19.31 -22.68 -14.94
CA LYS B 277 20.29 -23.47 -15.67
C LYS B 277 19.66 -24.12 -16.90
N ARG B 278 18.44 -24.63 -16.78
CA ARG B 278 17.74 -25.23 -17.90
C ARG B 278 17.44 -24.31 -19.04
N PHE B 279 17.47 -23.00 -18.81
CA PHE B 279 17.24 -22.07 -19.88
C PHE B 279 18.48 -21.33 -20.32
N GLU B 280 19.65 -21.71 -19.84
CA GLU B 280 20.84 -20.94 -20.24
C GLU B 280 21.12 -21.05 -21.72
N LYS B 281 21.52 -19.93 -22.30
CA LYS B 281 21.94 -19.85 -23.70
C LYS B 281 23.08 -18.85 -23.72
N LYS B 282 23.88 -18.84 -24.78
CA LYS B 282 24.96 -17.84 -24.90
C LYS B 282 24.34 -16.60 -25.44
N LEU B 283 24.64 -15.45 -24.84
CA LEU B 283 24.01 -14.21 -25.22
C LEU B 283 25.11 -13.22 -25.52
N PRO B 284 24.87 -12.34 -26.50
CA PRO B 284 25.92 -11.42 -26.89
C PRO B 284 25.82 -10.09 -26.23
N PHE B 285 25.29 -10.04 -25.02
CA PHE B 285 25.16 -8.81 -24.22
C PHE B 285 25.31 -9.30 -22.80
N ASN B 286 25.85 -8.48 -21.93
CA ASN B 286 26.11 -8.90 -20.55
C ASN B 286 24.98 -8.62 -19.58
N GLN B 287 24.05 -7.82 -20.08
CA GLN B 287 22.85 -7.39 -19.40
C GLN B 287 21.77 -7.04 -20.42
N PHE B 288 20.57 -6.91 -19.92
CA PHE B 288 19.44 -6.50 -20.72
C PHE B 288 18.47 -5.71 -19.84
N GLN B 289 17.66 -4.92 -20.52
CA GLN B 289 16.62 -4.10 -19.92
C GLN B 289 15.24 -4.63 -20.22
N VAL B 290 14.53 -4.99 -19.15
CA VAL B 290 13.13 -5.38 -19.24
C VAL B 290 12.32 -4.14 -19.40
N GLN B 291 11.43 -4.14 -20.36
CA GLN B 291 10.58 -3.01 -20.59
C GLN B 291 9.14 -3.46 -20.52
N GLY B 292 8.44 -2.90 -19.53
CA GLY B 292 7.07 -3.31 -19.26
C GLY B 292 6.10 -3.01 -20.37
N THR B 293 5.23 -3.97 -20.69
CA THR B 293 4.17 -3.72 -21.66
C THR B 293 2.82 -3.94 -21.01
N GLY B 294 2.81 -4.33 -19.75
CA GLY B 294 1.57 -4.54 -19.03
C GLY B 294 0.37 -5.06 -19.77
N ASP B 295 0.35 -6.34 -20.03
CA ASP B 295 -0.78 -6.99 -20.60
C ASP B 295 -0.93 -8.24 -19.81
N TYR B 296 -1.98 -8.31 -19.00
CA TYR B 296 -2.14 -9.44 -18.10
C TYR B 296 -2.13 -10.78 -18.85
N GLU B 297 -2.83 -10.87 -19.96
CA GLU B 297 -3.05 -12.19 -20.55
C GLU B 297 -1.83 -12.77 -21.25
N GLN B 298 -0.97 -11.91 -21.78
CA GLN B 298 0.35 -12.30 -22.28
C GLN B 298 1.28 -12.64 -21.12
N CYS B 299 1.12 -11.92 -20.00
CA CYS B 299 1.86 -12.28 -18.79
C CYS B 299 1.53 -13.69 -18.31
N HIS B 300 0.24 -13.97 -18.24
CA HIS B 300 -0.26 -15.27 -17.89
C HIS B 300 0.26 -16.37 -18.74
N GLN B 301 0.24 -16.20 -20.05
CA GLN B 301 0.77 -17.20 -20.94
C GLN B 301 2.24 -17.41 -20.77
N SER B 302 2.99 -16.32 -20.65
CA SER B 302 4.39 -16.42 -20.44
C SER B 302 4.75 -17.19 -19.17
N ILE B 303 3.88 -17.05 -18.18
CA ILE B 303 4.06 -17.69 -16.90
C ILE B 303 3.86 -19.21 -17.05
N LEU B 304 2.80 -19.60 -17.76
CA LEU B 304 2.45 -21.00 -17.90
C LEU B 304 3.58 -21.76 -18.49
N LYS B 305 4.38 -21.09 -19.29
CA LYS B 305 5.49 -21.75 -19.95
C LYS B 305 6.61 -22.26 -19.03
N ILE B 306 6.73 -21.78 -17.79
CA ILE B 306 7.70 -22.40 -16.85
C ILE B 306 7.26 -23.67 -16.07
N PHE B 307 6.05 -24.10 -16.34
CA PHE B 307 5.52 -25.21 -15.61
C PHE B 307 5.35 -26.29 -16.63
N ASN B 308 5.74 -27.53 -16.32
CA ASN B 308 5.57 -28.67 -17.26
C ASN B 308 4.40 -29.53 -16.75
N ASN B 309 3.36 -29.66 -17.56
CA ASN B 309 2.07 -30.26 -17.14
C ASN B 309 1.67 -31.35 -18.13
N SER B 310 2.62 -31.93 -18.86
CA SER B 310 2.20 -32.83 -19.96
C SER B 310 2.17 -34.34 -19.69
N HIS B 311 2.86 -34.74 -18.63
CA HIS B 311 2.90 -36.12 -18.22
C HIS B 311 2.54 -36.16 -16.80
N CYS B 312 1.68 -37.08 -16.44
CA CYS B 312 1.33 -37.25 -15.05
C CYS B 312 0.96 -38.73 -14.88
N PRO B 313 1.79 -39.47 -14.13
CA PRO B 313 1.58 -40.95 -13.99
C PRO B 313 0.59 -41.31 -12.93
N TYR B 314 0.02 -40.25 -12.31
CA TYR B 314 -0.93 -40.35 -11.17
C TYR B 314 -2.30 -40.06 -11.68
N SER B 315 -3.28 -40.14 -10.78
CA SER B 315 -4.68 -39.72 -11.02
C SER B 315 -4.76 -38.25 -11.41
N GLN B 316 -4.05 -37.42 -10.66
CA GLN B 316 -3.86 -35.97 -10.90
C GLN B 316 -2.49 -35.57 -10.29
N CYS B 317 -1.92 -34.53 -10.87
CA CYS B 317 -0.66 -33.98 -10.43
C CYS B 317 -0.84 -32.50 -10.10
N ALA B 318 0.15 -31.88 -9.45
CA ALA B 318 0.29 -30.44 -9.39
C ALA B 318 0.90 -29.99 -10.70
N PHE B 319 2.23 -30.05 -10.87
CA PHE B 319 2.81 -29.76 -12.19
C PHE B 319 4.10 -30.52 -12.14
N ASN B 320 4.78 -30.59 -13.26
CA ASN B 320 6.07 -31.29 -13.34
C ASN B 320 6.00 -32.75 -12.85
N GLY B 321 4.89 -33.45 -13.11
CA GLY B 321 4.72 -34.86 -12.75
C GLY B 321 4.56 -35.20 -11.29
N VAL B 322 4.47 -34.21 -10.40
CA VAL B 322 4.30 -34.40 -8.95
C VAL B 322 2.85 -34.71 -8.59
N PHE B 323 2.66 -35.75 -7.80
CA PHE B 323 1.34 -36.19 -7.42
C PHE B 323 0.65 -35.10 -6.56
N LEU B 324 -0.66 -34.96 -6.68
CA LEU B 324 -1.40 -34.10 -5.76
C LEU B 324 -2.67 -34.82 -5.49
N PRO B 325 -3.00 -35.03 -4.21
CA PRO B 325 -4.31 -35.63 -4.02
C PRO B 325 -5.44 -34.64 -4.42
N PRO B 326 -6.64 -35.18 -4.54
CA PRO B 326 -7.78 -34.28 -4.70
C PRO B 326 -7.76 -33.26 -3.52
N LEU B 327 -7.93 -31.96 -3.80
CA LEU B 327 -7.96 -30.99 -2.68
C LEU B 327 -9.06 -31.31 -1.66
N GLN B 328 -8.80 -31.17 -0.38
CA GLN B 328 -9.93 -31.19 0.51
C GLN B 328 -9.92 -30.15 1.64
N GLY B 329 -11.09 -29.54 1.88
CA GLY B 329 -11.39 -28.80 3.12
C GLY B 329 -10.92 -27.38 2.96
N SER B 330 -10.81 -26.63 4.04
CA SER B 330 -10.27 -25.27 3.94
C SER B 330 -8.72 -25.14 3.90
N PHE B 331 -8.21 -24.10 3.24
CA PHE B 331 -6.76 -23.79 3.20
C PHE B 331 -6.42 -22.37 3.76
N GLY B 332 -5.28 -22.18 4.45
CA GLY B 332 -4.82 -20.83 4.80
C GLY B 332 -3.60 -20.63 3.93
N ALA B 333 -3.51 -19.50 3.26
CA ALA B 333 -2.48 -19.21 2.34
C ALA B 333 -1.74 -17.98 2.92
N PHE B 334 -0.42 -18.13 3.07
CA PHE B 334 0.31 -17.21 3.90
C PHE B 334 1.62 -16.82 3.27
N SER B 335 2.42 -16.11 4.05
CA SER B 335 3.63 -15.41 3.61
C SER B 335 3.37 -14.61 2.34
N ALA B 336 4.07 -14.89 1.25
CA ALA B 336 3.93 -14.08 0.06
C ALA B 336 2.53 -14.24 -0.54
N PHE B 337 1.82 -15.36 -0.32
CA PHE B 337 0.42 -15.40 -0.76
C PHE B 337 -0.43 -14.30 -0.09
N TYR B 338 -0.27 -14.14 1.22
CA TYR B 338 -0.96 -13.08 1.85
C TYR B 338 -0.54 -11.66 1.49
N PHE B 339 0.74 -11.36 1.39
CA PHE B 339 1.13 -9.98 1.15
C PHE B 339 0.72 -9.52 -0.25
N VAL B 340 0.85 -10.41 -1.21
CA VAL B 340 0.47 -10.04 -2.55
C VAL B 340 -1.04 -9.94 -2.62
N MET B 341 -1.73 -11.00 -2.24
CA MET B 341 -3.16 -10.96 -2.33
C MET B 341 -3.82 -9.84 -1.50
N ASP B 342 -3.24 -9.48 -0.36
CA ASP B 342 -3.77 -8.48 0.50
C ASP B 342 -3.73 -7.15 -0.26
N PHE B 343 -2.76 -6.97 -1.14
CA PHE B 343 -2.67 -5.77 -1.88
C PHE B 343 -3.80 -5.67 -2.88
N PHE B 344 -4.09 -6.76 -3.52
CA PHE B 344 -5.12 -6.80 -4.50
C PHE B 344 -6.48 -6.79 -3.92
N LYS B 345 -6.70 -7.38 -2.76
CA LYS B 345 -8.07 -7.37 -2.27
C LYS B 345 -8.50 -5.99 -1.81
N LYS B 346 -7.55 -5.12 -1.53
CA LYS B 346 -7.77 -3.71 -1.22
C LYS B 346 -8.29 -2.91 -2.36
N MET B 347 -8.25 -3.49 -3.55
CA MET B 347 -8.94 -2.94 -4.70
C MET B 347 -10.31 -3.60 -4.94
N ALA B 348 -10.66 -4.60 -4.12
CA ALA B 348 -11.86 -5.41 -4.36
C ALA B 348 -12.89 -5.26 -3.26
N ASN B 349 -13.13 -4.01 -2.84
CA ASN B 349 -13.95 -3.79 -1.67
C ASN B 349 -13.39 -4.59 -0.52
N ASP B 350 -12.06 -4.55 -0.42
CA ASP B 350 -11.31 -5.24 0.62
C ASP B 350 -11.82 -6.67 1.01
N SER B 351 -12.40 -7.43 0.05
CA SER B 351 -12.65 -8.88 0.21
C SER B 351 -12.05 -9.64 -1.00
N VAL B 352 -11.50 -10.84 -0.76
CA VAL B 352 -11.01 -11.72 -1.85
C VAL B 352 -12.26 -12.20 -2.59
N SER B 353 -12.42 -11.77 -3.83
CA SER B 353 -13.63 -12.11 -4.52
C SER B 353 -13.34 -13.45 -5.24
N SER B 354 -14.21 -13.82 -6.17
CA SER B 354 -14.07 -15.01 -7.02
C SER B 354 -12.78 -14.92 -7.83
N GLN B 355 -12.45 -15.94 -8.59
CA GLN B 355 -11.27 -15.81 -9.41
C GLN B 355 -11.49 -14.89 -10.58
N GLU B 356 -12.71 -14.84 -11.08
CA GLU B 356 -13.16 -13.93 -12.13
C GLU B 356 -12.74 -12.48 -11.78
N LYS B 357 -13.17 -12.01 -10.61
CA LYS B 357 -12.95 -10.64 -10.27
C LYS B 357 -11.50 -10.43 -9.87
N MET B 358 -10.90 -11.42 -9.20
CA MET B 358 -9.48 -11.27 -8.85
C MET B 358 -8.67 -11.13 -10.11
N THR B 359 -9.07 -11.85 -11.14
CA THR B 359 -8.43 -11.77 -12.43
C THR B 359 -8.58 -10.39 -13.12
N GLU B 360 -9.80 -9.85 -13.02
CA GLU B 360 -10.17 -8.62 -13.69
C GLU B 360 -9.39 -7.50 -13.09
N ILE B 361 -9.26 -7.57 -11.76
CA ILE B 361 -8.53 -6.61 -10.97
C ILE B 361 -7.04 -6.54 -11.35
N THR B 362 -6.39 -7.71 -11.46
CA THR B 362 -5.03 -7.88 -11.98
C THR B 362 -4.86 -7.36 -13.45
N LYS B 363 -5.75 -7.77 -14.34
CA LYS B 363 -5.74 -7.24 -15.66
C LYS B 363 -5.68 -5.70 -15.63
N ASN B 364 -6.59 -5.04 -14.91
CA ASN B 364 -6.63 -3.60 -14.95
C ASN B 364 -5.40 -2.99 -14.35
N PHE B 365 -4.97 -3.57 -13.24
CA PHE B 365 -3.80 -3.08 -12.55
C PHE B 365 -2.55 -3.15 -13.42
N CYS B 366 -2.31 -4.31 -14.05
CA CYS B 366 -1.17 -4.54 -15.01
C CYS B 366 -0.99 -3.47 -16.15
N SER B 367 -2.09 -2.87 -16.61
CA SER B 367 -2.05 -1.85 -17.66
C SER B 367 -1.64 -0.46 -17.21
N LYS B 368 -1.71 -0.16 -15.91
CA LYS B 368 -1.49 1.21 -15.42
C LYS B 368 -0.02 1.64 -15.63
N PRO B 369 0.17 2.83 -16.21
CA PRO B 369 1.57 3.12 -16.35
C PRO B 369 2.31 3.19 -15.01
N TRP B 370 3.59 2.87 -15.08
CA TRP B 370 4.44 2.86 -13.87
C TRP B 370 4.48 4.21 -13.09
N GLU B 371 4.43 5.36 -13.75
CA GLU B 371 4.25 6.61 -13.02
C GLU B 371 2.91 6.73 -12.31
N GLU B 372 1.86 6.16 -12.92
CA GLU B 372 0.53 6.23 -12.32
C GLU B 372 0.39 5.36 -11.07
N VAL B 373 1.07 4.21 -11.07
CA VAL B 373 0.97 3.17 -10.06
C VAL B 373 1.74 3.68 -8.86
N LYS B 374 2.93 4.17 -9.06
CA LYS B 374 3.67 4.85 -7.99
C LYS B 374 2.90 6.07 -7.38
N ALA B 375 2.26 6.93 -8.24
CA ALA B 375 1.45 8.03 -7.79
C ALA B 375 0.24 7.54 -6.96
N SER B 376 -0.34 6.41 -7.32
CA SER B 376 -1.51 5.89 -6.64
C SER B 376 -1.18 5.23 -5.34
N TYR B 377 0.03 4.71 -5.18
CA TYR B 377 0.39 3.96 -3.96
C TYR B 377 1.67 4.54 -3.42
N PRO B 378 1.64 5.82 -3.03
CA PRO B 378 2.92 6.42 -2.84
C PRO B 378 3.58 5.88 -1.58
N THR B 379 2.88 5.12 -0.74
CA THR B 379 3.52 4.66 0.52
C THR B 379 4.14 3.27 0.51
N VAL B 380 3.96 2.53 -0.60
CA VAL B 380 4.47 1.19 -0.85
C VAL B 380 5.85 1.31 -1.45
N LYS B 381 6.84 0.69 -0.82
CA LYS B 381 8.22 0.56 -1.36
C LYS B 381 8.14 0.09 -2.82
N GLU B 382 8.81 0.81 -3.71
CA GLU B 382 8.84 0.48 -5.15
C GLU B 382 9.30 -0.95 -5.49
N LYS B 383 10.20 -1.50 -4.69
CA LYS B 383 10.72 -2.82 -4.92
C LYS B 383 9.60 -3.83 -4.77
N TYR B 384 8.56 -3.54 -3.98
CA TYR B 384 7.35 -4.41 -3.95
C TYR B 384 6.35 -4.05 -4.99
N LEU B 385 6.04 -2.78 -5.10
CA LEU B 385 5.05 -2.33 -6.01
C LEU B 385 5.36 -2.71 -7.43
N SER B 386 6.64 -2.57 -7.80
CA SER B 386 7.13 -2.94 -9.17
C SER B 386 6.80 -4.40 -9.59
N GLU B 387 6.62 -5.30 -8.61
CA GLU B 387 6.48 -6.78 -8.80
C GLU B 387 5.08 -7.27 -8.74
N TYR B 388 4.12 -6.42 -8.40
CA TYR B 388 2.76 -6.88 -8.15
C TYR B 388 1.97 -7.43 -9.32
N CYS B 389 2.07 -6.84 -10.49
CA CYS B 389 1.38 -7.39 -11.62
C CYS B 389 1.95 -8.80 -11.87
N PHE B 390 3.27 -8.94 -11.84
CA PHE B 390 3.84 -10.24 -12.05
C PHE B 390 3.36 -11.20 -10.92
N SER B 391 3.59 -10.81 -9.67
CA SER B 391 3.35 -11.69 -8.52
C SER B 391 1.88 -12.13 -8.43
N GLY B 392 0.95 -11.23 -8.77
CA GLY B 392 -0.49 -11.52 -8.67
C GLY B 392 -0.90 -12.47 -9.76
N THR B 393 -0.47 -12.18 -11.00
CA THR B 393 -0.64 -13.12 -12.09
C THR B 393 0.01 -14.47 -11.77
N TYR B 394 1.22 -14.44 -11.23
CA TYR B 394 1.87 -15.69 -10.82
C TYR B 394 1.07 -16.48 -9.78
N ILE B 395 0.65 -15.84 -8.70
CA ILE B 395 -0.15 -16.50 -7.67
C ILE B 395 -1.46 -17.04 -8.21
N LEU B 396 -2.18 -16.28 -9.04
CA LEU B 396 -3.38 -16.87 -9.61
C LEU B 396 -3.10 -18.14 -10.40
N SER B 397 -2.03 -18.17 -11.20
CA SER B 397 -1.67 -19.38 -12.01
C SER B 397 -1.27 -20.54 -11.13
N LEU B 398 -0.47 -20.28 -10.10
CA LEU B 398 -0.03 -21.36 -9.28
C LEU B 398 -1.18 -22.03 -8.57
N LEU B 399 -2.08 -21.21 -8.03
CA LEU B 399 -3.26 -21.69 -7.34
C LEU B 399 -4.24 -22.36 -8.30
N LEU B 400 -4.53 -21.74 -9.42
CA LEU B 400 -5.59 -22.28 -10.27
C LEU B 400 -5.12 -23.44 -11.18
N GLN B 401 -4.07 -23.24 -11.96
CA GLN B 401 -3.61 -24.31 -12.79
C GLN B 401 -2.63 -25.22 -12.06
N GLY B 402 -1.70 -24.65 -11.30
CA GLY B 402 -0.77 -25.46 -10.52
C GLY B 402 -1.47 -26.36 -9.52
N TYR B 403 -2.02 -25.76 -8.47
CA TYR B 403 -2.64 -26.54 -7.41
C TYR B 403 -4.10 -26.88 -7.64
N ASN B 404 -4.59 -26.64 -8.86
CA ASN B 404 -5.92 -27.11 -9.25
C ASN B 404 -7.03 -26.52 -8.42
N PHE B 405 -6.82 -25.33 -7.83
CA PHE B 405 -7.91 -24.64 -7.13
C PHE B 405 -9.05 -24.17 -8.01
N THR B 406 -9.02 -24.44 -9.30
CA THR B 406 -10.19 -24.18 -10.18
C THR B 406 -11.64 -24.15 -9.59
N GLY B 407 -12.20 -22.94 -9.64
CA GLY B 407 -13.63 -22.64 -9.65
C GLY B 407 -14.35 -22.67 -8.33
N THR B 408 -14.92 -23.84 -8.09
CA THR B 408 -15.61 -24.16 -6.89
C THR B 408 -14.62 -24.10 -5.67
N SER B 409 -13.41 -24.65 -5.85
CA SER B 409 -12.42 -24.82 -4.75
C SER B 409 -11.73 -23.51 -4.32
N TRP B 410 -11.91 -22.47 -5.10
CA TRP B 410 -11.16 -21.23 -4.89
C TRP B 410 -11.55 -20.57 -3.58
N ASP B 411 -12.80 -20.75 -3.21
CA ASP B 411 -13.37 -20.04 -2.08
C ASP B 411 -13.00 -20.65 -0.77
N GLN B 412 -12.33 -21.80 -0.83
CA GLN B 412 -11.88 -22.46 0.38
C GLN B 412 -10.47 -21.98 0.81
N ILE B 413 -9.89 -21.07 0.06
CA ILE B 413 -8.59 -20.45 0.42
C ILE B 413 -8.80 -19.21 1.32
N HIS B 414 -8.16 -19.18 2.46
CA HIS B 414 -8.18 -18.05 3.33
C HIS B 414 -6.76 -17.49 3.38
N PHE B 415 -6.59 -16.32 2.81
CA PHE B 415 -5.33 -15.63 2.90
C PHE B 415 -5.18 -14.98 4.29
N MET B 416 -4.15 -15.39 5.01
CA MET B 416 -4.03 -14.93 6.37
C MET B 416 -2.60 -14.54 6.63
N GLY B 417 -2.41 -13.49 7.40
CA GLY B 417 -1.08 -13.10 7.82
C GLY B 417 -0.80 -13.54 9.24
N LYS B 418 -1.66 -13.14 10.18
CA LYS B 418 -1.62 -13.49 11.58
C LYS B 418 -2.88 -14.22 11.91
N ILE B 419 -2.78 -15.23 12.78
CA ILE B 419 -3.92 -15.76 13.55
C ILE B 419 -3.71 -15.45 15.03
N LYS B 420 -4.70 -14.83 15.64
CA LYS B 420 -4.68 -14.59 17.06
C LYS B 420 -3.40 -13.87 17.38
N ASP B 421 -3.01 -12.93 16.54
CA ASP B 421 -1.83 -12.13 16.85
C ASP B 421 -0.48 -12.83 16.59
N SER B 422 -0.49 -13.99 15.98
CA SER B 422 0.79 -14.67 15.76
C SER B 422 0.88 -14.98 14.27
N ASN B 423 2.05 -14.74 13.68
CA ASN B 423 2.23 -15.02 12.26
C ASN B 423 1.99 -16.45 11.88
N ALA B 424 1.20 -16.61 10.84
CA ALA B 424 1.13 -17.82 10.09
C ALA B 424 2.46 -18.00 9.32
N GLY B 425 3.04 -19.19 9.44
CA GLY B 425 4.38 -19.52 8.95
C GLY B 425 4.75 -20.84 9.54
N TRP B 426 5.99 -21.23 9.38
CA TRP B 426 6.49 -22.55 9.88
C TRP B 426 7.18 -22.42 11.21
N THR B 427 7.66 -21.24 11.55
CA THR B 427 8.48 -21.08 12.74
C THR B 427 7.80 -21.45 14.06
N LEU B 428 6.49 -21.21 14.27
CA LEU B 428 5.87 -21.61 15.55
C LEU B 428 5.73 -23.15 15.70
N GLY B 429 5.21 -23.81 14.67
CA GLY B 429 5.28 -25.27 14.62
C GLY B 429 6.63 -25.92 14.84
N TYR B 430 7.68 -25.30 14.33
CA TYR B 430 9.04 -25.78 14.46
C TYR B 430 9.44 -25.73 15.91
N MET B 431 9.07 -24.63 16.51
CA MET B 431 9.32 -24.44 17.87
C MET B 431 8.59 -25.38 18.79
N LEU B 432 7.33 -25.64 18.46
CA LEU B 432 6.51 -26.51 19.25
C LEU B 432 7.11 -27.89 19.27
N ASN B 433 7.55 -28.39 18.12
CA ASN B 433 8.32 -29.64 18.16
C ASN B 433 9.76 -29.59 18.73
N LEU B 434 10.62 -28.72 18.24
CA LEU B 434 11.97 -28.71 18.77
C LEU B 434 12.03 -28.34 20.28
N THR B 435 10.90 -27.99 20.88
CA THR B 435 10.86 -27.84 22.35
C THR B 435 10.03 -28.98 22.98
N ASN B 436 9.91 -30.07 22.21
CA ASN B 436 8.77 -31.04 22.24
C ASN B 436 7.62 -30.68 23.17
N MET B 437 6.66 -29.95 22.60
CA MET B 437 5.52 -29.40 23.32
C MET B 437 4.31 -29.85 22.55
N ILE B 438 4.55 -30.81 21.67
CA ILE B 438 3.45 -31.43 21.02
C ILE B 438 3.25 -32.80 21.67
N PRO B 439 2.18 -32.97 22.43
CA PRO B 439 1.92 -34.28 22.99
C PRO B 439 1.25 -35.21 21.99
N ALA B 440 1.50 -36.51 22.13
CA ALA B 440 0.88 -37.56 21.35
C ALA B 440 -0.58 -37.67 21.69
N VAL C 33 -10.74 16.88 -28.45
CA VAL C 33 -10.63 16.41 -27.05
C VAL C 33 -9.31 16.95 -26.44
N LYS C 34 -9.44 17.81 -25.39
CA LYS C 34 -8.39 18.70 -24.82
C LYS C 34 -7.71 18.21 -23.52
N TYR C 35 -6.62 18.86 -23.14
CA TYR C 35 -5.71 18.46 -22.08
C TYR C 35 -5.26 19.66 -21.29
N GLY C 36 -4.87 19.44 -20.04
CA GLY C 36 -4.19 20.47 -19.27
C GLY C 36 -3.41 19.84 -18.12
N ILE C 37 -2.40 20.56 -17.64
CA ILE C 37 -1.45 20.07 -16.66
C ILE C 37 -1.44 21.01 -15.45
N VAL C 38 -1.66 20.44 -14.27
CA VAL C 38 -1.47 21.17 -13.01
C VAL C 38 -0.44 20.49 -12.11
N LEU C 39 0.60 21.23 -11.65
CA LEU C 39 1.52 20.77 -10.61
C LEU C 39 1.07 21.36 -9.28
N ASP C 40 0.84 20.47 -8.31
CA ASP C 40 0.48 20.73 -6.98
C ASP C 40 1.79 20.69 -6.21
N ALA C 41 2.37 21.86 -5.99
CA ALA C 41 3.58 21.97 -5.19
C ALA C 41 3.34 22.11 -3.66
N GLY C 42 3.12 20.96 -3.00
CA GLY C 42 2.89 20.83 -1.58
C GLY C 42 4.17 20.74 -0.77
N SER C 43 4.05 20.70 0.55
CA SER C 43 5.27 20.80 1.35
C SER C 43 6.01 19.48 1.38
N SER C 44 5.24 18.40 1.20
CA SER C 44 5.83 17.10 1.20
C SER C 44 6.39 16.71 -0.17
N HIS C 45 5.64 17.02 -1.24
CA HIS C 45 5.81 16.42 -2.54
C HIS C 45 5.24 17.33 -3.53
N THR C 46 5.76 17.30 -4.75
CA THR C 46 5.11 17.86 -5.94
C THR C 46 4.44 16.73 -6.67
N ASN C 47 3.16 16.92 -6.99
CA ASN C 47 2.39 15.98 -7.77
C ASN C 47 1.92 16.67 -9.03
N LEU C 48 2.10 15.99 -10.16
CA LEU C 48 1.68 16.51 -11.44
C LEU C 48 0.42 15.76 -11.85
N TYR C 49 -0.58 16.47 -12.38
CA TYR C 49 -1.82 15.92 -12.86
C TYR C 49 -1.98 16.33 -14.29
N ILE C 50 -2.36 15.41 -15.16
CA ILE C 50 -2.76 15.70 -16.53
C ILE C 50 -4.28 15.50 -16.54
N TYR C 51 -5.06 16.47 -17.02
CA TYR C 51 -6.54 16.37 -17.11
C TYR C 51 -6.89 16.37 -18.54
N LYS C 52 -8.07 15.87 -18.89
CA LYS C 52 -8.46 15.67 -20.26
C LYS C 52 -9.95 15.92 -20.38
N TRP C 53 -10.37 16.62 -21.42
CA TRP C 53 -11.79 16.86 -21.64
C TRP C 53 -12.17 17.03 -23.09
N PRO C 54 -13.48 16.82 -23.38
CA PRO C 54 -14.09 16.94 -24.67
C PRO C 54 -14.99 18.16 -24.69
N VAL C 63 -17.15 17.13 -19.63
CA VAL C 63 -16.48 16.96 -18.29
C VAL C 63 -15.03 16.54 -18.28
N VAL C 64 -14.38 17.10 -17.28
CA VAL C 64 -12.98 17.01 -17.10
C VAL C 64 -12.71 15.81 -16.24
N GLN C 65 -11.84 14.94 -16.76
CA GLN C 65 -11.44 13.69 -16.12
C GLN C 65 -9.91 13.77 -15.93
N GLN C 66 -9.40 13.35 -14.77
CA GLN C 66 -7.97 13.11 -14.61
C GLN C 66 -7.54 12.01 -15.59
N LEU C 67 -6.41 12.22 -16.26
CA LEU C 67 -5.82 11.22 -17.14
C LEU C 67 -4.69 10.47 -16.45
N GLU C 68 -3.78 11.19 -15.81
CA GLU C 68 -2.59 10.58 -15.27
C GLU C 68 -2.07 11.48 -14.17
N GLU C 69 -1.39 10.85 -13.19
CA GLU C 69 -0.70 11.58 -12.13
C GLU C 69 0.74 11.13 -12.05
N CYS C 70 1.62 12.04 -11.64
CA CYS C 70 3.05 11.69 -11.45
C CYS C 70 3.51 12.33 -10.09
N GLN C 71 4.22 11.60 -9.24
CA GLN C 71 4.78 12.23 -8.06
C GLN C 71 6.26 12.50 -8.28
N VAL C 72 6.66 13.75 -8.30
CA VAL C 72 8.08 14.11 -8.32
C VAL C 72 8.86 13.46 -7.13
N LYS C 73 9.93 12.73 -7.38
CA LYS C 73 10.72 12.15 -6.31
C LYS C 73 11.37 13.26 -5.54
N GLY C 74 11.42 13.11 -4.24
CA GLY C 74 12.06 14.11 -3.44
C GLY C 74 11.09 14.93 -2.67
N PRO C 75 11.63 15.96 -1.98
CA PRO C 75 10.77 16.81 -1.13
C PRO C 75 9.92 17.85 -1.95
N GLY C 76 9.21 18.77 -1.29
CA GLY C 76 8.60 19.88 -2.00
C GLY C 76 9.61 20.97 -2.36
N ILE C 77 9.20 21.88 -3.21
CA ILE C 77 10.16 22.74 -3.85
C ILE C 77 10.77 23.77 -2.96
N SER C 78 10.21 23.96 -1.80
CA SER C 78 10.75 24.94 -0.89
C SER C 78 12.10 24.49 -0.34
N LYS C 79 12.32 23.18 -0.35
CA LYS C 79 13.63 22.60 -0.03
C LYS C 79 14.74 22.93 -1.07
N TYR C 80 14.39 23.50 -2.22
CA TYR C 80 15.34 23.91 -3.27
C TYR C 80 15.79 25.39 -3.17
N ALA C 81 15.27 26.10 -2.17
CA ALA C 81 15.70 27.48 -1.90
C ALA C 81 17.22 27.64 -2.07
N GLN C 82 18.04 26.71 -1.55
CA GLN C 82 19.49 26.86 -1.60
C GLN C 82 20.09 26.12 -2.82
N LYS C 83 19.23 25.47 -3.64
CA LYS C 83 19.71 24.59 -4.75
C LYS C 83 18.81 24.67 -5.98
N THR C 84 18.51 25.90 -6.36
CA THR C 84 17.71 26.19 -7.53
C THR C 84 18.36 25.63 -8.81
N ASP C 85 19.71 25.60 -8.89
CA ASP C 85 20.48 24.95 -9.98
C ASP C 85 20.15 23.48 -10.18
N GLU C 86 19.15 22.98 -9.43
CA GLU C 86 18.73 21.57 -9.46
C GLU C 86 17.26 21.35 -9.71
N ILE C 87 16.48 22.44 -9.73
CA ILE C 87 15.02 22.35 -9.98
C ILE C 87 14.70 21.72 -11.33
N ALA C 88 15.49 22.04 -12.37
CA ALA C 88 15.32 21.46 -13.69
C ALA C 88 15.43 19.92 -13.60
N ALA C 89 16.52 19.46 -12.97
CA ALA C 89 16.72 18.06 -12.63
C ALA C 89 15.53 17.46 -11.87
N TYR C 90 15.02 18.16 -10.86
CA TYR C 90 13.91 17.67 -10.04
C TYR C 90 12.56 17.40 -10.82
N LEU C 91 12.25 18.28 -11.75
CA LEU C 91 11.01 18.29 -12.51
C LEU C 91 11.03 17.37 -13.71
N ALA C 92 12.23 16.97 -14.13
CA ALA C 92 12.43 16.29 -15.40
C ALA C 92 11.64 14.98 -15.56
N GLU C 93 11.69 14.08 -14.59
CA GLU C 93 11.03 12.81 -14.79
C GLU C 93 9.51 12.95 -15.07
N CYS C 94 8.84 13.72 -14.25
CA CYS C 94 7.43 13.95 -14.43
C CYS C 94 7.06 14.82 -15.64
N MET C 95 7.87 15.83 -15.94
CA MET C 95 7.58 16.55 -17.16
C MET C 95 7.78 15.71 -18.46
N LYS C 96 8.76 14.78 -18.45
CA LYS C 96 8.98 13.88 -19.55
C LYS C 96 7.81 12.92 -19.62
N MET C 97 7.29 12.49 -18.50
CA MET C 97 6.15 11.60 -18.57
C MET C 97 5.06 12.29 -19.35
N SER C 98 4.97 13.60 -19.17
CA SER C 98 3.90 14.36 -19.67
C SER C 98 4.12 14.58 -21.14
N THR C 99 5.38 14.80 -21.52
CA THR C 99 5.73 14.90 -22.96
C THR C 99 5.50 13.57 -23.71
N GLU C 100 5.74 12.44 -23.08
CA GLU C 100 5.44 11.12 -23.66
C GLU C 100 3.93 10.87 -23.75
N ARG C 101 3.16 11.46 -22.86
CA ARG C 101 1.79 11.04 -22.69
C ARG C 101 0.78 11.84 -23.54
N ILE C 102 0.95 13.14 -23.62
CA ILE C 102 0.05 13.97 -24.39
C ILE C 102 0.46 13.83 -25.87
N PRO C 103 -0.51 13.69 -26.80
CA PRO C 103 -0.09 13.72 -28.20
C PRO C 103 0.63 15.03 -28.59
N ALA C 104 1.65 14.83 -29.43
CA ALA C 104 2.53 15.84 -30.02
C ALA C 104 1.84 17.05 -30.59
N SER C 105 0.81 16.81 -31.42
CA SER C 105 -0.02 17.88 -32.01
C SER C 105 -0.64 18.80 -30.95
N LYS C 106 -0.94 18.20 -29.78
CA LYS C 106 -1.76 18.77 -28.74
C LYS C 106 -1.03 19.54 -27.69
N GLN C 107 0.31 19.47 -27.73
CA GLN C 107 1.21 20.00 -26.67
C GLN C 107 1.38 21.50 -26.53
N HIS C 108 1.45 22.18 -27.65
CA HIS C 108 1.57 23.64 -27.65
C HIS C 108 0.31 24.34 -27.21
N GLN C 109 -0.86 23.72 -27.41
CA GLN C 109 -2.15 24.31 -26.99
C GLN C 109 -2.54 23.95 -25.53
N THR C 110 -1.90 22.94 -24.96
CA THR C 110 -2.10 22.47 -23.57
C THR C 110 -1.55 23.41 -22.52
N PRO C 111 -2.41 23.95 -21.62
CA PRO C 111 -1.95 24.81 -20.53
C PRO C 111 -1.25 24.08 -19.40
N VAL C 112 -0.16 24.65 -18.89
CA VAL C 112 0.55 24.11 -17.71
C VAL C 112 0.56 25.15 -16.60
N TYR C 113 0.03 24.77 -15.42
CA TYR C 113 0.02 25.62 -14.21
C TYR C 113 0.79 25.01 -13.04
N LEU C 114 1.62 25.74 -12.31
CA LEU C 114 2.04 25.27 -10.98
C LEU C 114 1.42 26.14 -9.89
N GLY C 115 0.80 25.49 -8.87
CA GLY C 115 0.37 26.18 -7.64
C GLY C 115 1.03 25.59 -6.43
N ALA C 116 1.80 26.41 -5.73
CA ALA C 116 2.44 26.10 -4.49
C ALA C 116 1.55 26.50 -3.25
N THR C 117 1.58 25.67 -2.20
CA THR C 117 0.71 25.82 -1.08
C THR C 117 1.50 26.07 0.17
N ALA C 118 1.20 25.43 1.30
CA ALA C 118 1.71 26.01 2.56
C ALA C 118 3.25 26.00 2.75
N GLY C 119 3.92 25.01 2.15
CA GLY C 119 5.34 24.92 2.30
C GLY C 119 6.00 26.15 1.70
N MET C 120 5.56 26.55 0.51
CA MET C 120 5.99 27.77 -0.10
C MET C 120 5.55 29.07 0.66
N ARG C 121 4.36 29.07 1.32
CA ARG C 121 3.95 30.17 2.16
C ARG C 121 4.99 30.37 3.28
N LEU C 122 5.44 29.25 3.85
CA LEU C 122 6.45 29.28 4.90
C LEU C 122 7.87 29.76 4.43
N LEU C 123 8.27 29.40 3.22
CA LEU C 123 9.49 29.90 2.64
C LEU C 123 9.40 31.38 2.32
N ARG C 124 8.28 31.79 1.74
CA ARG C 124 8.08 33.20 1.46
C ARG C 124 8.13 33.99 2.72
N MET C 125 7.49 33.47 3.77
CA MET C 125 7.53 34.06 5.11
C MET C 125 8.95 34.37 5.61
N GLU C 126 9.84 33.39 5.54
CA GLU C 126 11.24 33.56 5.93
C GLU C 126 11.97 34.47 4.99
N SER C 127 11.72 34.36 3.68
CA SER C 127 12.38 35.18 2.66
C SER C 127 11.61 35.26 1.33
N LYS C 128 11.01 36.41 1.09
CA LYS C 128 10.30 36.60 -0.15
C LYS C 128 11.22 36.35 -1.34
N GLN C 129 12.47 36.79 -1.24
CA GLN C 129 13.33 36.76 -2.39
C GLN C 129 13.73 35.34 -2.73
N SER C 130 13.98 34.49 -1.72
CA SER C 130 14.20 33.05 -2.02
C SER C 130 12.98 32.28 -2.47
N ALA C 131 11.76 32.65 -2.08
CA ALA C 131 10.59 32.01 -2.68
C ALA C 131 10.50 32.46 -4.13
N ASP C 132 10.93 33.68 -4.42
CA ASP C 132 10.82 34.21 -5.76
C ASP C 132 11.80 33.56 -6.73
N GLU C 133 13.00 33.33 -6.19
CA GLU C 133 14.07 32.58 -6.86
C GLU C 133 13.65 31.11 -7.18
N VAL C 134 12.92 30.49 -6.26
CA VAL C 134 12.42 29.15 -6.44
C VAL C 134 11.32 29.15 -7.48
N LEU C 135 10.38 30.09 -7.42
CA LEU C 135 9.31 30.14 -8.42
C LEU C 135 9.80 30.53 -9.85
N ALA C 136 10.77 31.47 -9.89
CA ALA C 136 11.60 31.76 -11.08
C ALA C 136 12.36 30.59 -11.75
N ALA C 137 13.00 29.72 -10.95
CA ALA C 137 13.64 28.48 -11.45
C ALA C 137 12.58 27.47 -11.97
N VAL C 138 11.48 27.34 -11.25
CA VAL C 138 10.40 26.44 -11.69
C VAL C 138 9.88 26.89 -13.04
N SER C 139 9.77 28.21 -13.17
CA SER C 139 9.19 28.87 -14.30
C SER C 139 10.07 28.66 -15.48
N ARG C 140 11.32 29.02 -15.32
CA ARG C 140 12.30 28.83 -16.40
C ARG C 140 12.40 27.39 -16.86
N SER C 141 12.12 26.45 -15.97
CA SER C 141 12.10 25.03 -16.32
CA SER C 141 12.10 25.03 -16.32
C SER C 141 10.85 24.63 -17.10
N LEU C 142 9.67 24.96 -16.61
CA LEU C 142 8.44 24.52 -17.28
C LEU C 142 8.23 25.14 -18.65
N LYS C 143 8.84 26.31 -18.86
CA LYS C 143 8.92 26.98 -20.17
C LYS C 143 9.83 26.18 -21.18
N SER C 144 10.68 25.28 -20.65
CA SER C 144 11.60 24.40 -21.44
C SER C 144 10.86 23.33 -22.20
N TYR C 145 9.67 23.02 -21.73
CA TYR C 145 8.86 21.95 -22.25
C TYR C 145 7.95 22.49 -23.32
N PRO C 146 7.42 21.62 -24.17
CA PRO C 146 6.69 22.17 -25.29
C PRO C 146 5.23 22.48 -25.02
N PHE C 147 4.94 22.78 -23.78
CA PHE C 147 3.57 23.19 -23.39
C PHE C 147 3.41 24.71 -23.25
N ASP C 148 2.15 25.13 -23.16
CA ASP C 148 1.78 26.55 -22.97
C ASP C 148 1.84 26.95 -21.46
N PHE C 149 3.03 27.32 -20.95
CA PHE C 149 3.26 27.70 -19.54
C PHE C 149 2.40 28.89 -19.14
N GLN C 150 1.45 28.60 -18.24
CA GLN C 150 0.48 29.60 -17.70
C GLN C 150 0.85 30.22 -16.31
N GLY C 151 2.05 29.94 -15.78
CA GLY C 151 2.55 30.52 -14.52
C GLY C 151 2.69 29.53 -13.35
N ALA C 152 3.55 29.85 -12.40
CA ALA C 152 3.85 29.11 -11.22
C ALA C 152 3.66 30.11 -10.09
N LYS C 153 2.69 29.93 -9.19
CA LYS C 153 2.46 30.93 -8.14
C LYS C 153 2.18 30.22 -6.83
N ILE C 154 2.41 30.90 -5.69
CA ILE C 154 1.88 30.46 -4.36
C ILE C 154 0.43 30.84 -4.28
N ILE C 155 -0.47 29.87 -4.25
CA ILE C 155 -1.93 30.15 -4.11
C ILE C 155 -2.34 30.43 -2.65
N THR C 156 -3.41 31.15 -2.45
CA THR C 156 -3.78 31.52 -1.06
C THR C 156 -4.44 30.35 -0.30
N GLY C 157 -4.43 30.36 1.03
CA GLY C 157 -5.11 29.27 1.74
C GLY C 157 -6.60 29.24 1.43
N GLN C 158 -7.21 30.41 1.24
CA GLN C 158 -8.63 30.47 0.86
C GLN C 158 -8.90 29.92 -0.50
N GLU C 159 -8.02 30.15 -1.45
CA GLU C 159 -8.14 29.60 -2.78
C GLU C 159 -8.00 28.08 -2.69
N GLU C 160 -6.95 27.65 -1.98
CA GLU C 160 -6.69 26.21 -1.72
C GLU C 160 -7.92 25.45 -1.21
N GLY C 161 -8.57 25.98 -0.19
CA GLY C 161 -9.82 25.52 0.35
C GLY C 161 -10.99 25.49 -0.62
N ALA C 162 -11.33 26.64 -1.14
CA ALA C 162 -12.41 26.79 -2.11
C ALA C 162 -12.23 25.88 -3.31
N TYR C 163 -11.03 25.77 -3.88
CA TYR C 163 -10.88 24.91 -5.05
C TYR C 163 -11.06 23.42 -4.78
N GLY C 164 -10.68 22.97 -3.58
CA GLY C 164 -10.97 21.62 -3.13
C GLY C 164 -12.46 21.31 -2.99
N TRP C 165 -13.22 22.24 -2.45
CA TRP C 165 -14.64 22.15 -2.37
C TRP C 165 -15.27 22.14 -3.76
N ILE C 166 -14.79 22.99 -4.67
CA ILE C 166 -15.21 22.90 -6.03
C ILE C 166 -14.97 21.54 -6.70
N THR C 167 -13.77 21.01 -6.51
CA THR C 167 -13.32 19.76 -7.12
C THR C 167 -14.30 18.68 -6.71
N ILE C 168 -14.52 18.54 -5.40
CA ILE C 168 -15.34 17.41 -4.95
C ILE C 168 -16.83 17.52 -5.34
N ASN C 169 -17.41 18.71 -5.27
CA ASN C 169 -18.79 18.88 -5.64
C ASN C 169 -19.01 18.80 -7.12
N TYR C 170 -18.02 19.24 -7.89
CA TYR C 170 -17.98 18.94 -9.35
C TYR C 170 -17.99 17.46 -9.67
N LEU C 171 -17.02 16.71 -9.12
CA LEU C 171 -16.84 15.30 -9.40
C LEU C 171 -18.03 14.51 -8.87
N LEU C 172 -18.68 15.02 -7.82
CA LEU C 172 -19.87 14.36 -7.31
C LEU C 172 -21.15 14.78 -8.03
N GLY C 173 -21.00 15.68 -9.00
CA GLY C 173 -22.10 16.31 -9.74
C GLY C 173 -23.10 17.10 -8.93
N ARG C 174 -22.66 17.64 -7.81
CA ARG C 174 -23.57 18.37 -6.90
C ARG C 174 -24.02 19.75 -7.40
N PHE C 175 -23.33 20.29 -8.39
CA PHE C 175 -23.62 21.60 -8.81
C PHE C 175 -24.85 21.62 -9.68
N LYS C 176 -25.46 20.47 -9.97
CA LYS C 176 -26.90 20.45 -10.45
C LYS C 176 -27.95 19.77 -9.52
N GLY C 180 -30.31 21.30 -4.60
CA GLY C 180 -30.08 20.41 -3.45
C GLY C 180 -29.06 20.93 -2.44
N SER C 181 -27.97 20.15 -2.23
CA SER C 181 -26.94 20.24 -1.14
C SER C 181 -25.49 20.00 -1.61
N THR C 182 -24.49 20.64 -1.03
CA THR C 182 -23.13 20.30 -1.39
C THR C 182 -22.36 19.53 -0.30
N PHE C 183 -21.28 18.85 -0.66
CA PHE C 183 -20.32 18.40 0.39
C PHE C 183 -19.37 19.46 0.87
N GLY C 184 -19.03 19.41 2.15
CA GLY C 184 -17.92 20.14 2.74
C GLY C 184 -16.61 19.46 2.41
N ALA C 185 -15.47 20.15 2.51
CA ALA C 185 -14.20 19.61 2.07
C ALA C 185 -13.28 19.78 3.22
N LEU C 186 -12.66 18.69 3.65
CA LEU C 186 -11.61 18.71 4.62
C LEU C 186 -10.32 18.27 3.93
N ASP C 187 -9.27 19.11 4.01
CA ASP C 187 -7.99 18.86 3.37
C ASP C 187 -6.87 18.89 4.44
N LEU C 188 -5.96 17.92 4.42
CA LEU C 188 -4.83 17.92 5.33
C LEU C 188 -3.57 17.65 4.49
N GLY C 189 -2.53 18.50 4.60
CA GLY C 189 -1.20 18.11 4.13
C GLY C 189 -0.15 18.24 5.24
N GLY C 190 1.09 18.45 4.84
CA GLY C 190 2.15 18.46 5.79
C GLY C 190 2.27 19.78 6.55
N SER C 191 1.87 20.89 5.90
CA SER C 191 2.10 22.23 6.42
C SER C 191 0.84 23.02 6.78
N SER C 192 -0.31 22.70 6.19
CA SER C 192 -1.56 23.33 6.54
C SER C 192 -2.71 22.37 6.46
N THR C 193 -3.88 22.79 6.93
CA THR C 193 -5.21 22.02 6.85
C THR C 193 -6.32 23.04 6.54
N GLN C 194 -7.32 22.71 5.72
CA GLN C 194 -8.37 23.60 5.35
C GLN C 194 -9.67 22.89 5.68
N ILE C 195 -10.69 23.68 5.95
CA ILE C 195 -12.07 23.21 6.10
C ILE C 195 -12.94 24.24 5.39
N THR C 196 -13.87 23.76 4.54
CA THR C 196 -14.65 24.58 3.64
C THR C 196 -16.03 23.97 3.52
N PHE C 197 -17.07 24.75 3.76
CA PHE C 197 -18.46 24.27 3.55
C PHE C 197 -19.50 25.39 3.54
N VAL C 198 -20.70 25.04 3.03
CA VAL C 198 -21.80 25.95 3.01
C VAL C 198 -22.59 25.79 4.36
N PRO C 199 -22.50 26.79 5.30
CA PRO C 199 -23.24 26.59 6.56
C PRO C 199 -24.69 26.98 6.48
N LEU C 200 -25.46 26.72 7.50
CA LEU C 200 -26.77 27.43 7.66
C LEU C 200 -26.72 28.97 7.79
N ASN C 201 -27.58 29.69 7.10
CA ASN C 201 -27.52 31.17 7.09
C ASN C 201 -27.71 31.88 8.44
N SER C 202 -28.33 31.16 9.38
CA SER C 202 -28.60 31.63 10.73
C SER C 202 -27.36 31.62 11.67
N THR C 203 -26.23 31.11 11.18
CA THR C 203 -25.08 30.72 12.02
C THR C 203 -23.80 31.54 11.71
N LEU C 204 -23.95 32.49 10.77
CA LEU C 204 -22.87 33.36 10.21
C LEU C 204 -22.26 34.53 11.08
N GLU C 205 -21.53 34.16 12.11
CA GLU C 205 -21.07 35.06 13.14
C GLU C 205 -19.79 35.76 12.79
N ALA C 206 -19.11 35.39 11.73
CA ALA C 206 -17.85 36.02 11.41
C ALA C 206 -17.78 36.23 9.89
N PRO C 207 -18.41 37.32 9.36
CA PRO C 207 -18.35 37.47 7.88
C PRO C 207 -16.93 37.53 7.25
N GLU C 208 -15.87 37.92 7.98
CA GLU C 208 -14.48 37.92 7.45
C GLU C 208 -14.06 36.50 6.97
N THR C 209 -14.76 35.45 7.39
CA THR C 209 -14.45 34.07 7.03
C THR C 209 -15.29 33.49 5.88
N SER C 210 -16.15 34.29 5.26
CA SER C 210 -17.03 33.84 4.17
C SER C 210 -16.50 34.26 2.86
N LEU C 211 -16.83 33.45 1.86
CA LEU C 211 -16.73 33.80 0.46
C LEU C 211 -18.07 33.61 -0.19
N GLN C 212 -18.39 34.46 -1.15
CA GLN C 212 -19.59 34.30 -1.95
CA GLN C 212 -19.58 34.39 -1.96
C GLN C 212 -19.18 33.94 -3.34
N PHE C 213 -19.74 32.85 -3.89
CA PHE C 213 -19.62 32.66 -5.37
C PHE C 213 -20.88 32.27 -6.09
N ARG C 214 -21.00 32.65 -7.36
CA ARG C 214 -22.11 32.24 -8.22
C ARG C 214 -21.57 31.08 -9.04
N LEU C 215 -22.21 29.93 -8.95
CA LEU C 215 -21.85 28.80 -9.80
C LEU C 215 -23.11 28.19 -10.34
N TYR C 216 -23.06 28.08 -11.67
CA TYR C 216 -24.16 27.64 -12.54
C TYR C 216 -25.37 28.56 -12.29
N GLY C 217 -26.50 28.06 -11.83
CA GLY C 217 -27.59 28.96 -11.49
C GLY C 217 -27.25 29.84 -10.28
N THR C 218 -26.67 29.19 -9.27
CA THR C 218 -26.84 29.65 -7.90
C THR C 218 -25.65 30.23 -7.17
N ASP C 219 -26.01 31.07 -6.20
CA ASP C 219 -25.14 31.62 -5.16
C ASP C 219 -24.85 30.69 -3.98
N TYR C 220 -23.59 30.73 -3.52
CA TYR C 220 -23.12 30.04 -2.31
C TYR C 220 -22.34 30.98 -1.44
N THR C 221 -22.69 30.98 -0.15
CA THR C 221 -21.86 31.51 0.93
C THR C 221 -21.15 30.35 1.52
N VAL C 222 -19.86 30.36 1.44
CA VAL C 222 -19.10 29.25 1.82
C VAL C 222 -18.23 29.77 2.96
N TYR C 223 -18.11 29.06 4.03
CA TYR C 223 -17.07 29.37 4.96
C TYR C 223 -15.79 28.64 4.48
N THR C 224 -14.62 29.25 4.50
CA THR C 224 -13.41 28.47 4.26
C THR C 224 -12.34 29.10 5.16
N HIS C 225 -11.53 28.27 5.81
CA HIS C 225 -10.35 28.72 6.53
C HIS C 225 -9.18 27.73 6.32
N SER C 226 -7.94 28.25 6.32
CA SER C 226 -6.68 27.48 6.30
C SER C 226 -5.87 27.73 7.58
N PHE C 227 -5.46 26.64 8.21
CA PHE C 227 -4.70 26.68 9.44
C PHE C 227 -3.22 26.37 9.13
N LEU C 228 -2.41 27.42 8.86
CA LEU C 228 -1.05 27.27 8.53
C LEU C 228 -0.31 26.76 9.80
N CYS C 229 0.71 25.93 9.61
CA CYS C 229 1.40 25.28 10.71
C CYS C 229 0.69 24.11 11.27
N TYR C 230 -0.49 23.82 10.79
CA TYR C 230 -1.35 22.75 11.32
C TYR C 230 -1.58 21.58 10.38
N GLY C 231 -0.74 21.50 9.35
CA GLY C 231 -0.49 20.26 8.60
C GLY C 231 0.14 19.26 9.55
N LYS C 232 0.05 17.98 9.21
CA LYS C 232 0.61 16.94 10.08
C LYS C 232 2.14 17.06 10.34
N ASP C 233 2.95 17.47 9.38
CA ASP C 233 4.41 17.52 9.65
C ASP C 233 4.78 18.74 10.45
N GLN C 234 4.20 19.90 10.11
CA GLN C 234 4.42 21.09 10.88
C GLN C 234 3.94 20.98 12.31
N ALA C 235 2.85 20.25 12.55
CA ALA C 235 2.28 20.04 13.86
C ALA C 235 3.23 19.19 14.70
N LEU C 236 3.87 18.17 14.10
CA LEU C 236 4.91 17.43 14.76
C LEU C 236 6.09 18.30 15.20
N TRP C 237 6.61 19.16 14.33
CA TRP C 237 7.66 20.10 14.70
C TRP C 237 7.29 21.06 15.81
N GLN C 238 6.07 21.55 15.80
CA GLN C 238 5.53 22.36 16.89
C GLN C 238 5.62 21.56 18.19
N LYS C 239 5.13 20.34 18.15
CA LYS C 239 4.95 19.55 19.35
C LYS C 239 6.30 19.17 19.90
N LEU C 240 7.24 18.86 19.02
CA LEU C 240 8.57 18.50 19.43
C LEU C 240 9.32 19.68 19.97
N ALA C 241 9.16 20.84 19.37
CA ALA C 241 9.72 22.03 19.91
C ALA C 241 9.16 22.37 21.30
N GLN C 242 7.84 22.15 21.49
CA GLN C 242 7.16 22.48 22.72
C GLN C 242 7.69 21.59 23.84
N ASP C 243 7.91 20.34 23.50
CA ASP C 243 8.23 19.30 24.44
C ASP C 243 9.66 19.31 24.93
N ILE C 244 10.60 19.61 24.04
CA ILE C 244 12.05 19.45 24.32
C ILE C 244 12.44 20.46 25.41
N GLN C 245 13.11 19.94 26.44
CA GLN C 245 13.44 20.73 27.60
C GLN C 245 14.87 21.24 27.63
N VAL C 246 15.00 22.35 28.31
CA VAL C 246 16.23 23.08 28.43
C VAL C 246 17.32 22.18 29.04
N SER C 247 16.85 21.04 29.58
CA SER C 247 17.63 20.01 30.23
C SER C 247 17.32 18.61 29.78
N SER C 248 16.63 18.42 28.66
CA SER C 248 16.24 17.06 28.19
C SER C 248 17.48 16.13 27.99
N GLY C 249 18.66 16.73 28.13
CA GLY C 249 19.89 16.01 28.07
C GLY C 249 20.05 15.32 26.74
N GLY C 250 19.42 15.83 25.69
CA GLY C 250 19.58 15.30 24.33
C GLY C 250 18.78 14.04 24.09
N ILE C 251 17.88 13.74 24.99
CA ILE C 251 16.88 12.73 24.73
C ILE C 251 15.47 13.38 24.77
N LEU C 252 14.47 12.85 24.07
CA LEU C 252 13.08 13.24 24.28
C LEU C 252 12.25 11.98 24.21
N LYS C 253 11.85 11.48 25.35
CA LYS C 253 10.99 10.32 25.42
C LYS C 253 9.53 10.69 24.98
N ASP C 254 9.08 10.11 23.85
CA ASP C 254 7.84 10.58 23.19
C ASP C 254 6.76 9.50 22.98
N PRO C 255 5.54 9.69 23.51
CA PRO C 255 4.44 8.73 23.50
C PRO C 255 3.76 8.59 22.17
N CYS C 256 4.08 9.46 21.20
CA CYS C 256 3.53 9.44 19.86
C CYS C 256 4.32 8.61 18.91
N PHE C 257 5.39 8.00 19.45
CA PHE C 257 6.21 7.03 18.72
C PHE C 257 6.21 5.67 19.38
N TYR C 258 6.28 4.61 18.57
CA TYR C 258 6.29 3.23 19.06
C TYR C 258 7.39 2.99 20.02
N PRO C 259 7.14 2.12 21.00
CA PRO C 259 8.23 1.75 21.85
C PRO C 259 9.40 1.15 21.04
N GLY C 260 10.61 1.60 21.34
CA GLY C 260 11.73 1.08 20.64
C GLY C 260 12.13 1.96 19.50
N TYR C 261 11.23 2.84 19.08
CA TYR C 261 11.54 3.75 18.03
C TYR C 261 12.53 4.78 18.56
N LYS C 262 13.51 5.11 17.73
CA LYS C 262 14.50 6.12 18.07
C LYS C 262 14.71 6.94 16.83
N LYS C 263 14.75 8.26 16.97
CA LYS C 263 15.24 9.04 15.85
C LYS C 263 15.93 10.34 16.25
N VAL C 264 17.04 10.68 15.61
CA VAL C 264 17.72 11.96 15.92
C VAL C 264 17.07 13.19 15.24
N VAL C 265 16.75 14.21 16.04
CA VAL C 265 16.35 15.48 15.44
C VAL C 265 17.45 16.52 15.65
N ASN C 266 17.73 17.21 14.56
CA ASN C 266 18.71 18.22 14.59
C ASN C 266 18.07 19.56 14.98
N VAL C 267 18.61 20.23 16.02
CA VAL C 267 17.95 21.43 16.58
C VAL C 267 17.81 22.60 15.59
N SER C 268 18.76 22.75 14.66
CA SER C 268 18.68 23.78 13.62
C SER C 268 17.62 23.46 12.56
N GLU C 269 17.34 22.18 12.40
CA GLU C 269 16.28 21.76 11.50
C GLU C 269 15.00 22.14 12.17
N LEU C 270 14.87 21.71 13.41
CA LEU C 270 13.68 21.96 14.19
C LEU C 270 13.26 23.43 14.31
N TYR C 271 14.22 24.32 14.50
CA TYR C 271 13.99 25.73 14.69
C TYR C 271 14.17 26.48 13.37
N GLY C 272 14.22 25.75 12.28
CA GLY C 272 14.36 26.37 10.97
C GLY C 272 13.06 26.53 10.22
N THR C 273 11.98 26.08 10.83
CA THR C 273 10.65 26.40 10.31
C THR C 273 9.98 27.54 11.12
N PRO C 274 9.19 28.38 10.43
CA PRO C 274 8.50 29.39 11.17
C PRO C 274 7.54 28.85 12.21
N CYS C 275 7.05 27.65 12.04
CA CYS C 275 6.10 27.07 12.91
C CYS C 275 6.57 26.81 14.37
N THR C 276 7.88 26.67 14.53
CA THR C 276 8.47 26.48 15.84
C THR C 276 8.98 27.74 16.48
N LYS C 277 8.81 28.87 15.82
CA LYS C 277 9.44 30.09 16.30
C LYS C 277 9.01 30.35 17.71
N ARG C 278 7.74 29.98 18.00
CA ARG C 278 7.09 30.33 19.26
C ARG C 278 7.54 29.47 20.42
N PHE C 279 8.12 28.30 20.14
CA PHE C 279 8.62 27.39 21.19
C PHE C 279 10.16 27.32 21.36
N GLU C 280 10.90 28.19 20.69
CA GLU C 280 12.36 28.15 20.71
C GLU C 280 12.88 28.38 22.13
N LYS C 281 14.04 27.79 22.42
CA LYS C 281 14.70 27.85 23.71
C LYS C 281 16.16 27.94 23.39
N LYS C 282 16.95 28.50 24.29
CA LYS C 282 18.35 28.23 24.15
C LYS C 282 18.59 26.78 24.65
N LEU C 283 19.09 25.91 23.79
CA LEU C 283 19.33 24.57 24.25
C LEU C 283 20.82 24.30 24.32
N PRO C 284 21.27 23.58 25.36
CA PRO C 284 22.70 23.26 25.53
C PRO C 284 23.08 21.94 24.84
N PHE C 285 22.33 21.62 23.78
CA PHE C 285 22.63 20.54 22.84
C PHE C 285 22.13 20.88 21.43
N ASN C 286 22.87 20.38 20.45
CA ASN C 286 22.63 20.80 19.08
C ASN C 286 21.69 19.86 18.28
N GLN C 287 21.40 18.71 18.87
CA GLN C 287 20.49 17.73 18.31
C GLN C 287 20.03 16.85 19.46
N PHE C 288 18.95 16.08 19.26
CA PHE C 288 18.42 15.21 20.32
C PHE C 288 17.79 13.92 19.77
N GLN C 289 17.70 12.91 20.63
CA GLN C 289 17.14 11.66 20.19
C GLN C 289 15.76 11.48 20.73
N VAL C 290 14.80 11.36 19.83
CA VAL C 290 13.42 11.02 20.19
C VAL C 290 13.34 9.52 20.44
N GLN C 291 12.81 9.14 21.59
CA GLN C 291 12.65 7.73 21.93
C GLN C 291 11.14 7.47 22.14
N GLY C 292 10.53 6.57 21.37
CA GLY C 292 9.13 6.30 21.48
C GLY C 292 8.78 5.68 22.79
N THR C 293 7.65 6.02 23.36
CA THR C 293 7.12 5.28 24.52
C THR C 293 5.74 4.64 24.22
N GLY C 294 5.23 4.84 23.02
CA GLY C 294 4.05 4.14 22.51
C GLY C 294 2.82 4.23 23.39
N ASP C 295 2.21 5.42 23.50
CA ASP C 295 1.04 5.60 24.41
C ASP C 295 0.05 6.61 23.83
N TYR C 296 -1.03 6.13 23.19
CA TYR C 296 -2.06 6.92 22.55
C TYR C 296 -2.59 8.11 23.42
N GLU C 297 -2.93 7.81 24.67
CA GLU C 297 -3.60 8.80 25.46
C GLU C 297 -2.68 9.94 25.78
N GLN C 298 -1.44 9.62 26.17
CA GLN C 298 -0.39 10.65 26.41
C GLN C 298 -0.04 11.41 25.13
N CYS C 299 -0.11 10.70 24.02
CA CYS C 299 0.13 11.29 22.73
C CYS C 299 -0.93 12.30 22.43
N HIS C 300 -2.19 11.90 22.45
CA HIS C 300 -3.30 12.81 22.35
C HIS C 300 -3.15 14.05 23.26
N GLN C 301 -2.89 13.84 24.55
CA GLN C 301 -2.67 14.93 25.50
C GLN C 301 -1.55 15.91 25.12
N SER C 302 -0.47 15.39 24.60
CA SER C 302 0.67 16.14 24.07
C SER C 302 0.32 16.99 22.87
N ILE C 303 -0.49 16.44 21.99
CA ILE C 303 -0.94 17.09 20.77
C ILE C 303 -1.92 18.20 21.13
N LEU C 304 -2.81 17.98 22.10
CA LEU C 304 -3.74 19.03 22.52
C LEU C 304 -2.99 20.25 22.98
N LYS C 305 -1.75 20.08 23.40
CA LYS C 305 -0.96 21.20 23.88
C LYS C 305 -0.57 22.26 22.86
N ILE C 306 -0.47 21.90 21.58
CA ILE C 306 -0.18 22.92 20.54
C ILE C 306 -1.43 23.76 20.13
N PHE C 307 -2.58 23.48 20.69
CA PHE C 307 -3.82 24.12 20.30
C PHE C 307 -4.32 24.96 21.44
N ASN C 308 -4.96 26.08 21.18
CA ASN C 308 -5.54 26.85 22.27
C ASN C 308 -7.03 26.62 22.11
N ASN C 309 -7.68 25.99 23.09
CA ASN C 309 -9.15 25.80 22.99
C ASN C 309 -9.90 26.43 24.14
N SER C 310 -9.27 27.35 24.84
CA SER C 310 -9.86 27.86 26.10
C SER C 310 -10.87 29.00 25.85
N HIS C 311 -10.64 29.83 24.83
CA HIS C 311 -11.47 31.01 24.69
C HIS C 311 -11.92 30.95 23.30
N CYS C 312 -13.22 31.05 23.17
CA CYS C 312 -13.86 31.15 21.90
C CYS C 312 -14.95 32.23 22.08
N PRO C 313 -14.78 33.40 21.43
CA PRO C 313 -15.82 34.47 21.64
C PRO C 313 -17.04 34.25 20.68
N TYR C 314 -17.08 33.11 19.97
CA TYR C 314 -18.21 32.79 19.09
C TYR C 314 -19.00 31.65 19.66
N SER C 315 -20.10 31.31 19.02
CA SER C 315 -20.91 30.16 19.44
C SER C 315 -20.11 28.87 19.43
N GLN C 316 -19.16 28.77 18.52
CA GLN C 316 -18.21 27.63 18.47
C GLN C 316 -17.05 28.04 17.60
N CYS C 317 -15.92 27.33 17.75
CA CYS C 317 -14.65 27.67 17.12
C CYS C 317 -13.98 26.42 16.60
N ALA C 318 -12.99 26.60 15.77
CA ALA C 318 -12.09 25.53 15.40
C ALA C 318 -11.08 25.44 16.53
N PHE C 319 -10.09 26.33 16.51
CA PHE C 319 -9.20 26.43 17.64
C PHE C 319 -8.50 27.72 17.40
N ASN C 320 -7.71 28.09 18.37
CA ASN C 320 -6.92 29.36 18.31
C ASN C 320 -7.80 30.66 18.14
N GLY C 321 -9.03 30.61 18.67
CA GLY C 321 -10.00 31.75 18.67
C GLY C 321 -10.70 31.87 17.33
N VAL C 322 -10.51 30.93 16.44
CA VAL C 322 -10.94 31.06 15.06
C VAL C 322 -12.38 30.53 14.93
N PHE C 323 -13.29 31.37 14.43
CA PHE C 323 -14.72 30.99 14.34
C PHE C 323 -14.81 29.77 13.42
N LEU C 324 -15.73 28.84 13.73
CA LEU C 324 -16.15 27.84 12.76
C LEU C 324 -17.65 27.80 12.85
N PRO C 325 -18.39 27.78 11.74
CA PRO C 325 -19.83 27.50 11.88
C PRO C 325 -20.14 26.10 12.45
N PRO C 326 -21.36 25.93 13.00
CA PRO C 326 -21.81 24.59 13.24
C PRO C 326 -21.76 23.80 11.91
N LEU C 327 -21.47 22.52 11.99
CA LEU C 327 -21.24 21.73 10.82
C LEU C 327 -22.58 21.49 10.14
N GLN C 328 -22.59 21.52 8.84
CA GLN C 328 -23.83 21.32 8.16
C GLN C 328 -23.54 20.34 7.04
N GLY C 329 -24.43 19.40 6.73
CA GLY C 329 -24.23 18.42 5.65
C GLY C 329 -23.17 17.33 5.76
N SER C 330 -22.87 16.66 4.65
CA SER C 330 -21.85 15.61 4.64
C SER C 330 -20.52 16.24 4.23
N PHE C 331 -19.41 15.61 4.52
CA PHE C 331 -18.07 16.17 4.19
C PHE C 331 -17.18 15.12 3.47
N GLY C 332 -16.34 15.50 2.50
CA GLY C 332 -15.38 14.58 1.95
C GLY C 332 -14.10 14.98 2.60
N ALA C 333 -13.29 14.04 3.14
CA ALA C 333 -11.94 14.32 3.76
C ALA C 333 -10.88 13.66 2.89
N PHE C 334 -9.86 14.41 2.47
CA PHE C 334 -8.96 13.88 1.44
C PHE C 334 -7.51 14.24 1.71
N SER C 335 -6.62 13.93 0.77
CA SER C 335 -5.18 14.07 0.98
C SER C 335 -4.76 13.29 2.18
N ALA C 336 -3.97 13.84 3.10
CA ALA C 336 -3.44 13.02 4.17
C ALA C 336 -4.53 12.48 5.07
N PHE C 337 -5.69 13.12 5.11
CA PHE C 337 -6.82 12.58 5.88
C PHE C 337 -7.16 11.19 5.36
N TYR C 338 -7.30 11.07 4.05
CA TYR C 338 -7.61 9.83 3.45
C TYR C 338 -6.46 8.78 3.57
N PHE C 339 -5.21 9.15 3.27
CA PHE C 339 -4.16 8.15 3.27
C PHE C 339 -3.91 7.55 4.64
N VAL C 340 -3.90 8.39 5.70
CA VAL C 340 -3.77 7.96 7.12
C VAL C 340 -5.00 7.17 7.59
N MET C 341 -6.17 7.65 7.28
CA MET C 341 -7.34 6.99 7.78
C MET C 341 -7.57 5.69 7.06
N ASP C 342 -7.28 5.65 5.78
CA ASP C 342 -7.33 4.40 5.06
C ASP C 342 -6.42 3.28 5.62
N PHE C 343 -5.20 3.63 6.02
CA PHE C 343 -4.32 2.69 6.66
C PHE C 343 -4.94 2.02 7.92
N PHE C 344 -5.55 2.81 8.79
CA PHE C 344 -6.12 2.40 10.03
C PHE C 344 -7.39 1.59 9.77
N LYS C 345 -8.12 1.94 8.73
CA LYS C 345 -9.37 1.27 8.42
C LYS C 345 -9.10 -0.13 7.97
N LYS C 346 -8.03 -0.29 7.19
CA LYS C 346 -7.67 -1.60 6.70
CA LYS C 346 -7.54 -1.58 6.69
C LYS C 346 -7.28 -2.51 7.86
N MET C 347 -7.05 -1.95 9.03
CA MET C 347 -6.99 -2.76 10.26
C MET C 347 -8.31 -3.32 10.80
N ALA C 348 -9.48 -3.06 10.22
CA ALA C 348 -10.66 -3.98 10.47
C ALA C 348 -11.05 -4.85 9.25
N SER C 353 -16.36 1.52 11.51
CA SER C 353 -15.56 2.79 11.40
C SER C 353 -15.93 4.07 12.28
N SER C 354 -16.47 3.82 13.44
CA SER C 354 -16.89 4.87 14.31
C SER C 354 -15.70 5.53 14.95
N GLN C 355 -15.94 6.68 15.58
CA GLN C 355 -14.90 7.33 16.30
C GLN C 355 -14.27 6.42 17.39
N GLU C 356 -15.09 5.67 18.11
CA GLU C 356 -14.61 4.79 19.19
C GLU C 356 -13.78 3.59 18.63
N LYS C 357 -14.29 2.95 17.59
CA LYS C 357 -13.52 1.94 16.89
C LYS C 357 -12.15 2.46 16.46
N MET C 358 -12.12 3.59 15.79
CA MET C 358 -10.88 4.11 15.24
C MET C 358 -9.86 4.56 16.29
N THR C 359 -10.44 5.08 17.36
CA THR C 359 -9.66 5.33 18.59
C THR C 359 -9.04 4.02 19.19
N GLU C 360 -9.79 2.95 19.36
CA GLU C 360 -9.22 1.74 19.89
C GLU C 360 -8.12 1.15 18.98
N ILE C 361 -8.38 1.21 17.68
CA ILE C 361 -7.45 0.71 16.71
C ILE C 361 -6.10 1.49 16.80
N THR C 362 -6.14 2.81 16.88
CA THR C 362 -4.94 3.65 16.96
C THR C 362 -4.24 3.42 18.29
N LYS C 363 -5.00 3.28 19.34
CA LYS C 363 -4.38 3.11 20.59
C LYS C 363 -3.63 1.79 20.63
N ASN C 364 -4.21 0.75 20.07
CA ASN C 364 -3.51 -0.54 20.06
C ASN C 364 -2.30 -0.53 19.15
N PHE C 365 -2.32 0.19 18.05
CA PHE C 365 -1.22 0.28 17.16
C PHE C 365 -0.04 1.07 17.74
N CYS C 366 -0.34 2.15 18.46
CA CYS C 366 0.68 3.01 19.04
C CYS C 366 1.53 2.24 20.01
N SER C 367 0.94 1.22 20.60
CA SER C 367 1.62 0.38 21.56
C SER C 367 2.59 -0.63 21.05
N LYS C 368 2.47 -0.99 19.80
CA LYS C 368 3.28 -2.02 19.20
C LYS C 368 4.70 -1.51 19.04
N PRO C 369 5.68 -2.26 19.51
CA PRO C 369 7.08 -1.92 19.36
C PRO C 369 7.46 -1.66 17.89
N TRP C 370 8.43 -0.81 17.67
CA TRP C 370 8.78 -0.40 16.32
C TRP C 370 9.22 -1.52 15.41
N GLU C 371 9.97 -2.52 15.91
CA GLU C 371 10.34 -3.73 15.12
C GLU C 371 9.16 -4.57 14.69
N GLU C 372 8.22 -4.77 15.60
CA GLU C 372 6.93 -5.47 15.31
C GLU C 372 6.11 -4.77 14.22
N VAL C 373 6.12 -3.46 14.28
CA VAL C 373 5.43 -2.60 13.29
C VAL C 373 6.10 -2.72 11.94
N LYS C 374 7.41 -2.61 11.88
CA LYS C 374 8.03 -2.81 10.58
C LYS C 374 7.85 -4.21 9.99
N ALA C 375 7.90 -5.25 10.82
CA ALA C 375 7.65 -6.60 10.39
C ALA C 375 6.21 -6.92 9.93
N SER C 376 5.26 -6.29 10.56
CA SER C 376 3.83 -6.37 10.28
C SER C 376 3.47 -5.69 8.98
N TYR C 377 4.17 -4.64 8.63
CA TYR C 377 3.89 -3.90 7.41
C TYR C 377 5.15 -3.75 6.61
N PRO C 378 5.72 -4.86 6.15
CA PRO C 378 7.03 -4.85 5.52
C PRO C 378 7.05 -4.10 4.13
N THR C 379 5.90 -3.81 3.53
CA THR C 379 5.91 -3.20 2.22
C THR C 379 5.73 -1.67 2.30
N VAL C 380 5.51 -1.10 3.49
CA VAL C 380 5.25 0.35 3.62
C VAL C 380 6.59 1.07 3.84
N LYS C 381 6.86 2.11 3.09
CA LYS C 381 8.04 2.95 3.34
C LYS C 381 8.14 3.39 4.83
N GLU C 382 9.30 3.18 5.45
CA GLU C 382 9.47 3.48 6.86
C GLU C 382 9.16 4.94 7.16
N LYS C 383 9.35 5.80 6.14
CA LYS C 383 9.12 7.24 6.26
C LYS C 383 7.67 7.53 6.55
N TYR C 384 6.79 6.70 6.05
CA TYR C 384 5.35 6.78 6.40
C TYR C 384 5.06 6.01 7.65
N LEU C 385 5.47 4.73 7.73
CA LEU C 385 5.05 3.82 8.80
C LEU C 385 5.40 4.38 10.16
N SER C 386 6.56 5.01 10.17
CA SER C 386 7.15 5.68 11.29
CA SER C 386 7.09 5.57 11.37
C SER C 386 6.21 6.72 11.94
N GLU C 387 5.41 7.38 11.11
CA GLU C 387 4.64 8.49 11.55
C GLU C 387 3.24 8.17 11.87
N TYR C 388 2.80 6.97 11.57
CA TYR C 388 1.40 6.63 11.67
C TYR C 388 0.75 6.73 13.01
N CYS C 389 1.41 6.40 14.10
CA CYS C 389 0.80 6.65 15.40
C CYS C 389 0.54 8.14 15.69
N PHE C 390 1.54 8.99 15.49
CA PHE C 390 1.34 10.41 15.54
C PHE C 390 0.29 10.90 14.58
N SER C 391 0.37 10.55 13.32
CA SER C 391 -0.55 11.11 12.32
C SER C 391 -1.96 10.70 12.60
N GLY C 392 -2.18 9.46 13.08
CA GLY C 392 -3.48 8.91 13.34
C GLY C 392 -4.05 9.68 14.54
N THR C 393 -3.31 9.75 15.62
CA THR C 393 -3.76 10.50 16.78
C THR C 393 -4.04 11.97 16.48
N TYR C 394 -3.13 12.59 15.73
CA TYR C 394 -3.27 13.99 15.27
C TYR C 394 -4.56 14.24 14.46
N ILE C 395 -4.90 13.33 13.52
CA ILE C 395 -6.09 13.46 12.68
C ILE C 395 -7.38 13.31 13.51
N LEU C 396 -7.40 12.35 14.43
CA LEU C 396 -8.54 12.20 15.31
C LEU C 396 -8.74 13.48 16.19
N SER C 397 -7.68 14.03 16.74
CA SER C 397 -7.77 15.27 17.48
C SER C 397 -8.25 16.47 16.64
N LEU C 398 -7.68 16.63 15.47
CA LEU C 398 -7.99 17.72 14.62
C LEU C 398 -9.47 17.64 14.27
N LEU C 399 -9.94 16.48 13.83
CA LEU C 399 -11.36 16.32 13.47
C LEU C 399 -12.34 16.51 14.60
N LEU C 400 -12.05 15.95 15.77
CA LEU C 400 -12.94 15.91 16.88
C LEU C 400 -12.92 17.19 17.72
N GLN C 401 -11.74 17.56 18.23
CA GLN C 401 -11.50 18.82 19.02
C GLN C 401 -11.40 20.07 18.20
N GLY C 402 -10.81 19.98 17.01
CA GLY C 402 -10.68 21.15 16.10
C GLY C 402 -11.93 21.43 15.29
N TYR C 403 -12.25 20.49 14.43
CA TYR C 403 -13.36 20.66 13.52
C TYR C 403 -14.69 20.25 14.11
N ASN C 404 -14.74 19.77 15.37
CA ASN C 404 -15.99 19.56 16.05
C ASN C 404 -16.85 18.41 15.53
N PHE C 405 -16.22 17.41 14.90
CA PHE C 405 -16.96 16.26 14.35
C PHE C 405 -17.25 15.22 15.47
N THR C 406 -17.68 15.74 16.63
CA THR C 406 -18.13 14.94 17.72
C THR C 406 -19.53 14.34 17.56
N GLY C 407 -19.80 13.30 18.34
CA GLY C 407 -21.10 12.70 18.36
C GLY C 407 -21.49 12.23 16.99
N THR C 408 -22.72 12.45 16.63
CA THR C 408 -23.22 12.00 15.35
C THR C 408 -22.53 12.71 14.18
N SER C 409 -21.82 13.79 14.39
CA SER C 409 -21.22 14.49 13.24
C SER C 409 -20.13 13.68 12.60
N TRP C 410 -19.56 12.77 13.37
CA TRP C 410 -18.49 11.91 12.87
C TRP C 410 -18.91 11.16 11.67
N ASP C 411 -20.16 10.69 11.62
CA ASP C 411 -20.63 9.85 10.52
C ASP C 411 -20.90 10.54 9.16
N GLN C 412 -20.90 11.88 9.20
CA GLN C 412 -20.91 12.79 8.03
C GLN C 412 -19.57 12.91 7.29
N ILE C 413 -18.46 12.35 7.82
CA ILE C 413 -17.17 12.33 7.15
C ILE C 413 -17.05 11.04 6.30
N HIS C 414 -16.78 11.30 5.01
CA HIS C 414 -16.51 10.33 3.97
C HIS C 414 -15.12 10.52 3.53
N PHE C 415 -14.28 9.54 3.80
CA PHE C 415 -12.87 9.67 3.49
C PHE C 415 -12.79 9.27 2.00
N MET C 416 -12.16 10.09 1.17
CA MET C 416 -12.17 9.97 -0.30
C MET C 416 -10.76 10.07 -0.87
N GLY C 417 -10.40 9.19 -1.79
CA GLY C 417 -9.15 9.35 -2.49
C GLY C 417 -9.44 9.89 -3.87
N LYS C 418 -10.06 9.04 -4.69
CA LYS C 418 -10.57 9.32 -6.03
C LYS C 418 -12.11 9.26 -6.11
N ILE C 419 -12.70 10.18 -6.88
CA ILE C 419 -14.12 10.13 -7.25
C ILE C 419 -14.07 10.09 -8.73
N LYS C 420 -14.69 9.05 -9.29
CA LYS C 420 -14.74 8.82 -10.73
C LYS C 420 -13.31 8.81 -11.22
N ASP C 421 -12.42 8.16 -10.50
CA ASP C 421 -11.01 8.07 -10.91
C ASP C 421 -10.22 9.42 -11.10
N SER C 422 -10.74 10.52 -10.59
CA SER C 422 -9.94 11.74 -10.42
C SER C 422 -9.69 11.94 -8.94
N ASN C 423 -8.48 12.31 -8.59
CA ASN C 423 -8.23 12.69 -7.22
C ASN C 423 -9.00 13.84 -6.66
N ALA C 424 -9.52 13.62 -5.43
CA ALA C 424 -10.14 14.65 -4.65
C ALA C 424 -8.96 15.52 -4.20
N GLY C 425 -9.06 16.84 -4.38
CA GLY C 425 -7.94 17.76 -4.06
C GLY C 425 -8.28 19.10 -4.67
N TRP C 426 -7.36 20.06 -4.68
CA TRP C 426 -7.68 21.38 -5.17
C TRP C 426 -7.34 21.61 -6.63
N THR C 427 -6.61 20.67 -7.26
CA THR C 427 -6.06 20.87 -8.57
C THR C 427 -7.13 20.82 -9.63
N LEU C 428 -8.20 20.05 -9.47
CA LEU C 428 -9.14 20.02 -10.55
C LEU C 428 -9.87 21.34 -10.64
N GLY C 429 -10.43 21.79 -9.50
CA GLY C 429 -11.23 23.05 -9.46
C GLY C 429 -10.39 24.24 -9.89
N TYR C 430 -9.08 24.23 -9.60
CA TYR C 430 -8.17 25.30 -10.02
C TYR C 430 -8.04 25.34 -11.51
N MET C 431 -7.86 24.15 -12.09
CA MET C 431 -7.90 24.04 -13.50
C MET C 431 -9.25 24.43 -14.13
N LEU C 432 -10.37 24.13 -13.48
CA LEU C 432 -11.66 24.48 -14.05
C LEU C 432 -11.86 25.99 -14.06
N ASN C 433 -11.43 26.65 -13.01
CA ASN C 433 -11.55 28.09 -12.94
C ASN C 433 -10.60 28.84 -13.89
N LEU C 434 -9.33 28.45 -13.89
CA LEU C 434 -8.42 29.10 -14.79
C LEU C 434 -8.74 28.84 -16.26
N THR C 435 -9.38 27.75 -16.62
CA THR C 435 -9.78 27.57 -18.00
C THR C 435 -11.14 28.12 -18.36
N ASN C 436 -11.74 28.84 -17.44
CA ASN C 436 -13.07 29.45 -17.60
C ASN C 436 -14.19 28.50 -17.91
N MET C 437 -14.13 27.38 -17.19
CA MET C 437 -15.08 26.30 -17.34
C MET C 437 -16.19 26.20 -16.26
N ILE C 438 -16.11 27.00 -15.20
CA ILE C 438 -17.26 27.10 -14.30
C ILE C 438 -17.96 28.41 -14.63
N PRO C 439 -19.26 28.31 -15.11
CA PRO C 439 -20.17 29.38 -15.54
C PRO C 439 -21.10 29.95 -14.43
N ALA C 440 -22.22 30.59 -14.83
CA ALA C 440 -23.24 31.15 -13.94
C ALA C 440 -24.38 31.77 -14.80
N ASN D 32 -13.09 71.16 -17.24
CA ASN D 32 -14.43 70.51 -16.95
C ASN D 32 -14.42 69.33 -15.90
N VAL D 33 -14.95 69.66 -14.73
CA VAL D 33 -14.94 68.89 -13.52
C VAL D 33 -15.86 67.67 -13.64
N LYS D 34 -15.55 66.60 -12.92
CA LYS D 34 -16.48 65.53 -12.71
C LYS D 34 -16.75 65.41 -11.22
N TYR D 35 -17.89 64.87 -10.85
CA TYR D 35 -18.27 64.71 -9.46
C TYR D 35 -18.67 63.27 -9.20
N GLY D 36 -18.63 62.87 -7.94
CA GLY D 36 -19.03 61.57 -7.51
C GLY D 36 -19.53 61.70 -6.07
N ILE D 37 -20.49 60.89 -5.65
CA ILE D 37 -20.97 60.97 -4.28
C ILE D 37 -20.88 59.57 -3.66
N VAL D 38 -20.35 59.49 -2.45
CA VAL D 38 -20.31 58.27 -1.64
C VAL D 38 -20.94 58.56 -0.29
N LEU D 39 -21.88 57.70 0.09
CA LEU D 39 -22.43 57.72 1.47
C LEU D 39 -21.72 56.65 2.26
N ASP D 40 -21.14 57.05 3.37
CA ASP D 40 -20.56 56.13 4.34
C ASP D 40 -21.64 55.81 5.39
N ALA D 41 -22.20 54.59 5.26
CA ALA D 41 -23.26 54.17 6.18
C ALA D 41 -22.71 53.35 7.32
N GLY D 42 -22.25 54.10 8.34
CA GLY D 42 -21.79 53.56 9.60
C GLY D 42 -22.84 53.38 10.64
N SER D 43 -22.51 52.64 11.71
CA SER D 43 -23.49 52.34 12.74
C SER D 43 -23.94 53.49 13.60
N SER D 44 -23.08 54.44 13.85
CA SER D 44 -23.44 55.71 14.50
C SER D 44 -24.03 56.84 13.61
N HIS D 45 -23.57 56.97 12.34
CA HIS D 45 -23.89 58.09 11.45
C HIS D 45 -23.74 57.66 10.08
N THR D 46 -24.53 58.23 9.21
CA THR D 46 -24.35 58.14 7.81
C THR D 46 -23.71 59.46 7.33
N ASN D 47 -22.55 59.42 6.65
CA ASN D 47 -21.88 60.63 6.23
C ASN D 47 -21.84 60.60 4.72
N LEU D 48 -22.22 61.68 4.07
CA LEU D 48 -22.24 61.79 2.63
C LEU D 48 -21.06 62.67 2.21
N TYR D 49 -20.28 62.21 1.23
CA TYR D 49 -19.20 62.96 0.61
C TYR D 49 -19.40 63.22 -0.84
N ILE D 50 -19.14 64.44 -1.27
CA ILE D 50 -19.04 64.79 -2.72
C ILE D 50 -17.58 65.01 -3.06
N TYR D 51 -17.07 64.30 -4.07
CA TYR D 51 -15.73 64.48 -4.57
C TYR D 51 -15.81 65.19 -5.92
N LYS D 52 -14.77 65.94 -6.26
CA LYS D 52 -14.68 66.46 -7.58
C LYS D 52 -13.28 66.27 -8.10
N TRP D 53 -13.19 66.21 -9.43
CA TRP D 53 -11.90 66.07 -10.13
C TRP D 53 -11.92 66.56 -11.56
N PRO D 54 -10.72 66.96 -12.07
CA PRO D 54 -10.55 67.27 -13.47
C PRO D 54 -10.86 66.08 -14.33
N ALA D 55 -11.82 66.26 -15.24
CA ALA D 55 -12.48 65.15 -15.94
C ALA D 55 -11.72 63.78 -15.92
N VAL D 63 -6.16 64.94 -9.95
CA VAL D 63 -6.49 64.47 -8.60
C VAL D 63 -7.83 64.85 -8.07
N VAL D 64 -8.28 63.97 -7.18
CA VAL D 64 -9.57 64.01 -6.60
C VAL D 64 -9.52 64.72 -5.26
N GLN D 65 -10.53 65.53 -5.03
CA GLN D 65 -10.59 66.32 -3.85
C GLN D 65 -12.01 66.19 -3.27
N GLN D 66 -12.16 66.24 -1.95
CA GLN D 66 -13.46 66.40 -1.37
C GLN D 66 -14.00 67.75 -1.66
N LEU D 67 -15.21 67.81 -2.17
CA LEU D 67 -15.86 69.08 -2.37
C LEU D 67 -16.64 69.49 -1.06
N GLU D 68 -17.37 68.55 -0.43
CA GLU D 68 -18.19 68.82 0.75
C GLU D 68 -18.59 67.54 1.42
N GLU D 69 -18.67 67.54 2.74
CA GLU D 69 -19.22 66.45 3.49
C GLU D 69 -20.56 66.94 4.15
N CYS D 70 -21.54 66.04 4.26
CA CYS D 70 -22.74 66.26 5.05
C CYS D 70 -22.92 65.09 6.03
N GLN D 71 -23.16 65.34 7.32
CA GLN D 71 -23.52 64.26 8.24
C GLN D 71 -25.04 64.19 8.40
N VAL D 72 -25.66 63.04 8.11
CA VAL D 72 -27.07 62.83 8.31
C VAL D 72 -27.36 62.87 9.81
N LYS D 73 -28.43 63.57 10.18
CA LYS D 73 -28.89 63.65 11.55
C LYS D 73 -29.52 62.29 11.91
N GLY D 74 -29.26 61.78 13.10
CA GLY D 74 -29.77 60.53 13.50
C GLY D 74 -28.77 59.44 13.58
N PRO D 75 -29.20 58.24 13.94
CA PRO D 75 -28.35 57.06 14.02
C PRO D 75 -27.98 56.45 12.61
N GLY D 76 -27.36 55.26 12.59
CA GLY D 76 -27.05 54.68 11.32
C GLY D 76 -28.24 53.93 10.77
N ILE D 77 -28.16 53.47 9.51
CA ILE D 77 -29.34 52.94 8.78
C ILE D 77 -29.84 51.65 9.36
N SER D 78 -28.97 50.89 10.03
CA SER D 78 -29.50 49.67 10.61
C SER D 78 -30.43 49.95 11.76
N LYS D 79 -30.50 51.15 12.32
CA LYS D 79 -31.50 51.42 13.35
C LYS D 79 -32.92 51.59 12.78
N TYR D 80 -33.03 51.57 11.46
CA TYR D 80 -34.29 51.80 10.76
C TYR D 80 -34.87 50.50 10.33
N ALA D 81 -34.38 49.39 10.85
CA ALA D 81 -34.82 48.05 10.42
C ALA D 81 -36.32 47.85 10.50
N GLN D 82 -36.93 48.38 11.57
CA GLN D 82 -38.37 48.24 11.66
C GLN D 82 -39.09 49.49 11.25
N LYS D 83 -38.49 50.43 10.54
CA LYS D 83 -39.20 51.68 10.17
C LYS D 83 -38.61 52.18 8.92
N THR D 84 -38.60 51.31 7.92
CA THR D 84 -37.83 51.60 6.69
C THR D 84 -38.56 52.67 5.88
N ASP D 85 -39.80 52.88 6.26
CA ASP D 85 -40.66 53.98 5.77
C ASP D 85 -40.09 55.37 6.08
N GLU D 86 -39.25 55.45 7.11
CA GLU D 86 -38.68 56.72 7.48
C GLU D 86 -37.36 57.05 6.85
N ILE D 87 -36.71 56.10 6.19
CA ILE D 87 -35.39 56.28 5.61
C ILE D 87 -35.34 57.44 4.59
N ALA D 88 -36.38 57.62 3.84
CA ALA D 88 -36.31 58.62 2.81
C ALA D 88 -36.18 60.01 3.44
N ALA D 89 -37.00 60.26 4.44
CA ALA D 89 -36.99 61.56 5.08
C ALA D 89 -35.62 61.71 5.83
N TYR D 90 -35.06 60.63 6.27
CA TYR D 90 -33.81 60.72 6.95
C TYR D 90 -32.63 61.12 6.04
N LEU D 91 -32.61 60.63 4.82
CA LEU D 91 -31.61 60.96 3.85
C LEU D 91 -31.80 62.31 3.14
N ALA D 92 -32.99 62.89 3.22
CA ALA D 92 -33.37 64.08 2.48
C ALA D 92 -32.46 65.30 2.63
N GLU D 93 -32.17 65.73 3.85
CA GLU D 93 -31.37 66.94 3.95
C GLU D 93 -29.99 66.84 3.18
N CYS D 94 -29.26 65.75 3.34
CA CYS D 94 -27.90 65.64 2.71
C CYS D 94 -28.01 65.37 1.23
N MET D 95 -29.03 64.67 0.79
CA MET D 95 -29.20 64.50 -0.66
C MET D 95 -29.67 65.79 -1.36
N LYS D 96 -30.58 66.53 -0.72
CA LYS D 96 -30.95 67.90 -1.14
C LYS D 96 -29.72 68.84 -1.21
N MET D 97 -28.88 68.83 -0.17
CA MET D 97 -27.62 69.54 -0.23
CA MET D 97 -27.65 69.59 -0.25
C MET D 97 -26.86 69.28 -1.52
N SER D 98 -26.65 67.98 -1.84
CA SER D 98 -25.90 67.59 -3.03
C SER D 98 -26.51 68.17 -4.29
N THR D 99 -27.85 68.14 -4.43
CA THR D 99 -28.55 68.69 -5.60
C THR D 99 -28.39 70.20 -5.65
N GLU D 100 -28.12 70.85 -4.52
CA GLU D 100 -27.90 72.31 -4.55
C GLU D 100 -26.43 72.64 -4.77
N ARG D 101 -25.55 71.72 -4.47
CA ARG D 101 -24.10 71.91 -4.57
CA ARG D 101 -24.11 71.96 -4.59
C ARG D 101 -23.53 71.55 -5.95
N ILE D 102 -24.06 70.50 -6.57
CA ILE D 102 -23.51 70.07 -7.85
C ILE D 102 -24.30 70.79 -8.95
N PRO D 103 -23.61 71.37 -9.99
CA PRO D 103 -24.32 72.03 -11.07
C PRO D 103 -25.35 71.11 -11.74
N ALA D 104 -26.57 71.62 -11.94
CA ALA D 104 -27.73 70.76 -12.41
C ALA D 104 -27.33 69.92 -13.65
N SER D 105 -26.52 70.50 -14.53
CA SER D 105 -26.22 69.90 -15.79
C SER D 105 -25.16 68.80 -15.66
N LYS D 106 -24.58 68.66 -14.47
CA LYS D 106 -23.62 67.60 -14.19
C LYS D 106 -24.20 66.52 -13.35
N GLN D 107 -25.46 66.65 -12.95
CA GLN D 107 -26.03 65.72 -11.94
C GLN D 107 -26.27 64.32 -12.51
N HIS D 108 -26.78 64.23 -13.73
CA HIS D 108 -27.23 62.93 -14.21
C HIS D 108 -26.04 62.04 -14.45
N GLN D 109 -24.84 62.64 -14.63
CA GLN D 109 -23.66 61.83 -14.86
C GLN D 109 -22.77 61.69 -13.67
N THR D 110 -23.31 62.08 -12.54
CA THR D 110 -22.60 61.96 -11.31
C THR D 110 -23.00 60.67 -10.68
N PRO D 111 -22.05 59.76 -10.44
CA PRO D 111 -22.45 58.55 -9.77
C PRO D 111 -22.68 58.72 -8.26
N VAL D 112 -23.63 57.94 -7.74
CA VAL D 112 -23.88 57.82 -6.30
C VAL D 112 -23.71 56.39 -5.82
N TYR D 113 -22.88 56.20 -4.79
CA TYR D 113 -22.64 54.90 -4.13
C TYR D 113 -22.97 55.00 -2.69
N LEU D 114 -23.56 53.96 -2.13
CA LEU D 114 -23.60 53.86 -0.65
C LEU D 114 -22.88 52.57 -0.23
N GLY D 115 -21.90 52.70 0.66
CA GLY D 115 -21.36 51.53 1.28
C GLY D 115 -21.60 51.53 2.77
N ALA D 116 -22.07 50.41 3.25
CA ALA D 116 -22.40 50.27 4.63
C ALA D 116 -21.37 49.30 5.30
N THR D 117 -21.14 49.54 6.59
CA THR D 117 -20.01 48.96 7.29
C THR D 117 -20.56 48.04 8.40
N ALA D 118 -19.95 48.06 9.55
CA ALA D 118 -20.19 47.07 10.56
C ALA D 118 -21.56 47.09 11.17
N GLY D 119 -22.22 48.22 11.31
CA GLY D 119 -23.58 48.16 11.86
C GLY D 119 -24.58 47.29 11.05
N MET D 120 -24.52 47.42 9.72
CA MET D 120 -25.20 46.59 8.77
C MET D 120 -24.71 45.11 8.71
N ARG D 121 -23.43 44.83 8.92
CA ARG D 121 -22.94 43.50 9.09
C ARG D 121 -23.64 42.89 10.26
N LEU D 122 -23.81 43.62 11.34
CA LEU D 122 -24.44 42.99 12.51
C LEU D 122 -25.95 42.85 12.28
N LEU D 123 -26.57 43.85 11.61
CA LEU D 123 -27.96 43.69 11.19
C LEU D 123 -28.16 42.42 10.32
N ARG D 124 -27.36 42.31 9.24
CA ARG D 124 -27.32 41.16 8.34
C ARG D 124 -27.18 39.86 9.11
N MET D 125 -26.25 39.83 10.03
CA MET D 125 -26.09 38.66 10.96
C MET D 125 -27.39 38.27 11.73
N GLU D 126 -28.13 39.28 12.18
CA GLU D 126 -29.39 39.07 12.88
C GLU D 126 -30.53 38.62 11.97
N SER D 127 -30.61 39.26 10.77
CA SER D 127 -31.65 38.98 9.79
C SER D 127 -31.24 39.42 8.43
N LYS D 128 -30.93 38.48 7.58
CA LYS D 128 -30.64 38.77 6.23
C LYS D 128 -31.78 39.55 5.62
N GLN D 129 -33.00 39.19 5.95
CA GLN D 129 -34.21 39.82 5.44
C GLN D 129 -34.32 41.30 5.88
N SER D 130 -34.11 41.61 7.15
CA SER D 130 -34.11 43.01 7.52
C SER D 130 -33.08 43.77 6.86
N ALA D 131 -31.86 43.25 6.75
CA ALA D 131 -30.78 44.02 6.11
C ALA D 131 -31.11 44.34 4.64
N ASP D 132 -31.62 43.37 3.93
CA ASP D 132 -32.10 43.60 2.55
C ASP D 132 -33.20 44.62 2.44
N GLU D 133 -34.18 44.59 3.34
CA GLU D 133 -35.23 45.64 3.44
C GLU D 133 -34.66 47.03 3.65
N VAL D 134 -33.72 47.11 4.56
CA VAL D 134 -33.04 48.40 4.84
C VAL D 134 -32.37 48.84 3.57
N LEU D 135 -31.57 47.94 2.98
CA LEU D 135 -30.82 48.32 1.76
C LEU D 135 -31.76 48.63 0.59
N ALA D 136 -32.87 47.91 0.45
CA ALA D 136 -33.85 48.23 -0.56
C ALA D 136 -34.47 49.59 -0.33
N ALA D 137 -34.80 49.95 0.91
CA ALA D 137 -35.39 51.26 1.15
C ALA D 137 -34.36 52.37 0.92
N VAL D 138 -33.09 52.19 1.30
CA VAL D 138 -32.03 53.16 1.03
C VAL D 138 -31.89 53.37 -0.49
N SER D 139 -31.85 52.27 -1.24
CA SER D 139 -31.73 52.32 -2.70
C SER D 139 -32.92 53.03 -3.38
N ARG D 140 -34.16 52.68 -3.00
CA ARG D 140 -35.34 53.43 -3.36
C ARG D 140 -35.18 54.94 -3.16
N SER D 141 -34.73 55.33 -1.98
CA SER D 141 -34.56 56.73 -1.68
CA SER D 141 -34.52 56.73 -1.67
C SER D 141 -33.51 57.37 -2.58
N LEU D 142 -32.34 56.74 -2.70
CA LEU D 142 -31.25 57.33 -3.40
C LEU D 142 -31.55 57.44 -4.84
N LYS D 143 -32.32 56.49 -5.44
CA LYS D 143 -32.63 56.49 -6.89
C LYS D 143 -33.54 57.60 -7.24
N SER D 144 -34.31 58.09 -6.29
CA SER D 144 -35.22 59.15 -6.61
C SER D 144 -34.53 60.52 -6.72
N TYR D 145 -33.22 60.62 -6.46
CA TYR D 145 -32.46 61.85 -6.68
C TYR D 145 -31.99 61.94 -8.13
N PRO D 146 -31.64 63.13 -8.63
CA PRO D 146 -31.34 63.21 -10.06
C PRO D 146 -29.90 62.83 -10.41
N PHE D 147 -29.28 61.94 -9.66
CA PHE D 147 -27.92 61.46 -9.92
C PHE D 147 -27.91 60.09 -10.61
N ASP D 148 -26.74 59.59 -10.99
CA ASP D 148 -26.56 58.22 -11.50
C ASP D 148 -26.31 57.17 -10.34
N PHE D 149 -27.38 56.54 -9.84
CA PHE D 149 -27.29 55.64 -8.68
C PHE D 149 -26.64 54.35 -9.09
N GLN D 150 -25.59 54.02 -8.36
CA GLN D 150 -24.76 52.90 -8.70
C GLN D 150 -24.78 51.85 -7.58
N GLY D 151 -25.67 51.96 -6.60
CA GLY D 151 -25.92 50.80 -5.74
C GLY D 151 -25.56 51.09 -4.29
N ALA D 152 -26.15 50.30 -3.39
CA ALA D 152 -25.92 50.41 -1.96
C ALA D 152 -25.52 49.01 -1.60
N LYS D 153 -24.43 48.85 -0.88
CA LYS D 153 -24.04 47.54 -0.51
C LYS D 153 -23.30 47.55 0.79
N ILE D 154 -23.30 46.42 1.46
CA ILE D 154 -22.42 46.27 2.60
C ILE D 154 -21.02 45.89 2.12
N ILE D 155 -20.03 46.71 2.47
CA ILE D 155 -18.67 46.38 2.15
C ILE D 155 -18.03 45.48 3.25
N THR D 156 -17.01 44.74 2.85
CA THR D 156 -16.30 43.87 3.75
C THR D 156 -15.38 44.68 4.69
N GLY D 157 -15.01 44.11 5.82
CA GLY D 157 -14.12 44.76 6.74
C GLY D 157 -12.75 44.91 6.06
N GLN D 158 -12.31 43.97 5.20
CA GLN D 158 -11.03 44.13 4.56
C GLN D 158 -11.05 45.21 3.55
N GLU D 159 -12.14 45.35 2.82
CA GLU D 159 -12.26 46.50 1.94
C GLU D 159 -12.24 47.85 2.69
N GLU D 160 -13.02 47.93 3.75
CA GLU D 160 -13.14 49.10 4.59
C GLU D 160 -11.77 49.49 5.09
N GLY D 161 -10.98 48.53 5.55
CA GLY D 161 -9.59 48.80 6.00
C GLY D 161 -8.70 49.25 4.87
N ALA D 162 -8.68 48.47 3.77
CA ALA D 162 -7.81 48.77 2.68
C ALA D 162 -8.10 50.15 2.13
N TYR D 163 -9.37 50.49 1.97
CA TYR D 163 -9.76 51.78 1.32
C TYR D 163 -9.30 52.98 2.11
N GLY D 164 -9.24 52.80 3.42
CA GLY D 164 -8.81 53.86 4.33
C GLY D 164 -7.32 54.07 4.20
N TRP D 165 -6.58 52.98 4.06
CA TRP D 165 -5.15 53.04 3.85
C TRP D 165 -4.84 53.67 2.51
N ILE D 166 -5.61 53.34 1.50
CA ILE D 166 -5.46 54.03 0.23
C ILE D 166 -5.74 55.54 0.36
N THR D 167 -6.84 55.91 1.02
CA THR D 167 -7.21 57.35 1.22
C THR D 167 -6.04 58.22 1.75
N ILE D 168 -5.50 57.84 2.90
CA ILE D 168 -4.53 58.63 3.58
C ILE D 168 -3.22 58.70 2.86
N ASN D 169 -2.85 57.61 2.23
CA ASN D 169 -1.68 57.51 1.38
C ASN D 169 -1.84 58.25 0.10
N TYR D 170 -3.01 58.19 -0.48
CA TYR D 170 -3.33 59.07 -1.59
C TYR D 170 -3.25 60.56 -1.16
N LEU D 171 -3.90 60.97 -0.10
CA LEU D 171 -3.84 62.39 0.23
C LEU D 171 -2.50 62.84 0.76
N LEU D 172 -1.70 61.92 1.27
CA LEU D 172 -0.32 62.28 1.61
C LEU D 172 0.63 62.23 0.40
N GLY D 173 0.11 61.96 -0.79
CA GLY D 173 0.97 61.77 -1.97
C GLY D 173 1.99 60.62 -1.88
N ARG D 174 1.82 59.68 -0.96
CA ARG D 174 2.81 58.63 -0.79
C ARG D 174 2.88 57.62 -1.94
N PHE D 175 1.85 57.54 -2.77
CA PHE D 175 1.92 56.62 -3.90
C PHE D 175 2.77 57.17 -5.06
N LYS D 176 2.87 58.48 -5.29
CA LYS D 176 3.60 58.94 -6.51
C LYS D 176 5.13 58.90 -6.53
N GLY D 180 10.53 56.16 -1.01
CA GLY D 180 9.82 56.44 0.26
C GLY D 180 8.92 55.28 0.70
N SER D 181 7.87 55.58 1.48
CA SER D 181 6.97 54.56 2.10
C SER D 181 5.61 55.09 2.61
N THR D 182 4.76 54.21 3.16
CA THR D 182 3.34 54.51 3.40
C THR D 182 3.02 54.61 4.91
N PHE D 183 1.94 55.29 5.29
CA PHE D 183 1.39 55.23 6.65
C PHE D 183 0.40 54.07 6.77
N GLY D 184 0.34 53.47 7.95
CA GLY D 184 -0.75 52.62 8.35
C GLY D 184 -1.97 53.43 8.76
N ALA D 185 -3.14 52.80 8.77
CA ALA D 185 -4.46 53.45 8.92
C ALA D 185 -5.07 52.75 10.11
N LEU D 186 -5.56 53.52 11.08
CA LEU D 186 -6.31 53.04 12.25
C LEU D 186 -7.66 53.70 12.27
N ASP D 187 -8.72 52.89 12.25
CA ASP D 187 -10.14 53.33 12.11
C ASP D 187 -10.99 52.76 13.28
N LEU D 188 -11.79 53.65 13.87
CA LEU D 188 -12.70 53.24 14.93
C LEU D 188 -14.04 53.81 14.60
N GLY D 189 -15.14 53.01 14.65
CA GLY D 189 -16.48 53.49 14.45
C GLY D 189 -17.23 53.00 15.69
N GLY D 190 -18.56 52.96 15.64
CA GLY D 190 -19.33 52.40 16.74
C GLY D 190 -19.35 50.88 16.90
N SER D 191 -19.19 50.15 15.79
CA SER D 191 -19.41 48.71 15.76
C SER D 191 -18.13 47.87 15.36
N SER D 192 -17.11 48.49 14.75
CA SER D 192 -15.84 47.83 14.52
C SER D 192 -14.72 48.81 14.53
N THR D 193 -13.53 48.22 14.45
CA THR D 193 -12.21 48.91 14.36
C THR D 193 -11.33 48.16 13.38
N GLN D 194 -10.53 48.88 12.57
CA GLN D 194 -9.57 48.34 11.55
C GLN D 194 -8.12 48.89 11.81
N ILE D 195 -7.14 48.04 11.53
CA ILE D 195 -5.72 48.39 11.46
C ILE D 195 -5.24 47.84 10.12
N THR D 196 -4.53 48.70 9.39
CA THR D 196 -4.01 48.40 8.05
C THR D 196 -2.65 48.99 7.84
N PHE D 197 -1.64 48.20 7.48
CA PHE D 197 -0.36 48.76 7.17
C PHE D 197 0.46 47.75 6.42
N VAL D 198 1.55 48.18 5.84
CA VAL D 198 2.47 47.26 5.18
C VAL D 198 3.46 46.68 6.23
N PRO D 199 3.43 45.37 6.44
CA PRO D 199 4.41 44.73 7.30
C PRO D 199 5.84 44.69 6.66
N LEU D 200 6.86 44.81 7.49
CA LEU D 200 8.24 44.55 7.02
C LEU D 200 8.28 43.12 6.59
N ASN D 201 8.98 42.80 5.50
CA ASN D 201 8.90 41.37 5.04
C ASN D 201 9.66 40.40 6.00
N SER D 202 9.20 39.14 6.04
CA SER D 202 9.64 38.16 7.05
C SER D 202 8.91 38.28 8.42
N THR D 203 8.05 39.27 8.56
CA THR D 203 7.37 39.42 9.83
C THR D 203 5.89 38.98 9.76
N LEU D 204 5.41 38.71 8.55
CA LEU D 204 4.01 38.34 8.33
C LEU D 204 3.82 36.83 8.50
N GLU D 205 3.61 36.39 9.73
CA GLU D 205 3.43 35.00 10.09
C GLU D 205 2.03 34.43 9.76
N ALA D 206 1.09 35.31 9.40
CA ALA D 206 -0.21 34.91 8.93
C ALA D 206 -0.54 35.48 7.54
N PRO D 207 0.00 34.91 6.45
CA PRO D 207 -0.42 35.51 5.16
C PRO D 207 -1.91 35.63 4.93
N GLU D 208 -2.71 34.91 5.69
CA GLU D 208 -4.16 35.02 5.46
C GLU D 208 -4.73 36.42 5.81
N THR D 209 -3.99 37.23 6.53
CA THR D 209 -4.48 38.52 6.99
C THR D 209 -3.97 39.60 6.03
N SER D 210 -3.30 39.23 4.93
CA SER D 210 -2.73 40.20 4.04
C SER D 210 -3.39 40.15 2.69
N LEU D 211 -3.21 41.20 1.88
CA LEU D 211 -3.73 41.37 0.49
C LEU D 211 -2.68 42.00 -0.40
N GLN D 212 -2.81 41.80 -1.69
CA GLN D 212 -1.93 42.40 -2.69
C GLN D 212 -2.47 43.60 -3.42
N PHE D 213 -1.64 44.60 -3.61
CA PHE D 213 -2.05 45.76 -4.40
C PHE D 213 -0.92 46.09 -5.33
N ARG D 214 -1.24 46.68 -6.49
CA ARG D 214 -0.25 47.26 -7.36
C ARG D 214 -0.84 48.60 -7.64
N LEU D 215 -0.18 49.63 -7.15
CA LEU D 215 -0.72 50.97 -7.25
C LEU D 215 0.38 51.77 -7.83
N TYR D 216 0.07 52.48 -8.92
CA TYR D 216 0.97 53.44 -9.56
C TYR D 216 2.41 52.90 -9.58
N GLY D 217 2.56 51.66 -10.01
CA GLY D 217 3.89 51.14 -10.33
C GLY D 217 4.54 50.18 -9.34
N THR D 218 3.92 50.04 -8.15
CA THR D 218 4.52 49.39 -6.98
C THR D 218 3.55 48.42 -6.39
N ASP D 219 4.08 47.28 -6.01
CA ASP D 219 3.36 46.20 -5.45
C ASP D 219 3.39 46.38 -3.92
N TYR D 220 2.29 46.24 -3.22
CA TYR D 220 2.26 46.36 -1.77
C TYR D 220 1.60 45.08 -1.24
N THR D 221 2.20 44.53 -0.19
CA THR D 221 1.52 43.53 0.63
C THR D 221 1.05 44.27 1.84
N VAL D 222 -0.24 44.23 2.09
CA VAL D 222 -0.81 45.08 3.14
C VAL D 222 -1.45 44.14 4.14
N TYR D 223 -1.06 44.24 5.41
CA TYR D 223 -1.89 43.59 6.45
C TYR D 223 -3.15 44.42 6.66
N THR D 224 -4.30 43.79 6.74
CA THR D 224 -5.52 44.50 7.16
C THR D 224 -6.42 43.56 8.03
N HIS D 225 -6.99 44.02 9.12
CA HIS D 225 -7.96 43.25 9.87
C HIS D 225 -9.06 44.14 10.45
N SER D 226 -10.32 43.68 10.41
CA SER D 226 -11.45 44.39 11.02
C SER D 226 -11.95 43.59 12.20
N PHE D 227 -12.07 44.19 13.36
CA PHE D 227 -12.58 43.48 14.53
C PHE D 227 -14.02 43.86 14.82
N LEU D 228 -14.94 43.03 14.39
CA LEU D 228 -16.34 43.27 14.57
C LEU D 228 -16.68 43.18 16.05
N CYS D 229 -17.52 44.08 16.53
CA CYS D 229 -17.92 44.17 17.93
C CYS D 229 -17.00 44.97 18.80
N TYR D 230 -15.91 45.41 18.21
CA TYR D 230 -14.88 46.25 18.89
C TYR D 230 -14.75 47.75 18.48
N GLY D 231 -15.79 48.21 17.78
CA GLY D 231 -16.19 49.63 17.78
C GLY D 231 -16.48 50.02 19.22
N LYS D 232 -16.42 51.32 19.50
CA LYS D 232 -16.55 51.85 20.84
C LYS D 232 -17.94 51.68 21.38
N ASP D 233 -18.94 51.73 20.56
CA ASP D 233 -20.27 51.54 21.13
C ASP D 233 -20.61 50.07 21.41
N GLN D 234 -20.30 49.19 20.46
CA GLN D 234 -20.40 47.77 20.67
C GLN D 234 -19.50 47.32 21.81
N ALA D 235 -18.34 47.92 22.01
CA ALA D 235 -17.56 47.50 23.13
C ALA D 235 -18.23 47.84 24.48
N LEU D 236 -18.91 48.98 24.58
CA LEU D 236 -19.65 49.36 25.78
C LEU D 236 -20.79 48.39 26.00
N TRP D 237 -21.53 47.96 24.99
CA TRP D 237 -22.51 46.91 25.26
C TRP D 237 -21.92 45.67 25.79
N GLN D 238 -20.77 45.20 25.26
CA GLN D 238 -20.20 43.93 25.69
C GLN D 238 -19.91 44.05 27.15
N LYS D 239 -19.38 45.20 27.49
CA LYS D 239 -18.85 45.48 28.81
C LYS D 239 -19.99 45.50 29.84
N LEU D 240 -21.07 46.21 29.52
CA LEU D 240 -22.22 46.31 30.35
C LEU D 240 -22.91 44.97 30.49
N ALA D 241 -23.05 44.24 29.37
CA ALA D 241 -23.61 42.90 29.41
C ALA D 241 -22.75 41.91 30.23
N GLN D 242 -21.41 42.03 30.13
CA GLN D 242 -20.52 41.21 30.93
C GLN D 242 -20.61 41.52 32.42
N ASP D 243 -20.82 42.78 32.76
CA ASP D 243 -20.91 43.25 34.17
C ASP D 243 -22.26 43.10 34.86
N ILE D 244 -23.36 43.34 34.16
CA ILE D 244 -24.71 43.21 34.79
C ILE D 244 -24.89 41.81 35.41
N GLN D 245 -25.32 41.72 36.68
CA GLN D 245 -25.50 40.42 37.38
C GLN D 245 -26.95 40.19 37.77
N VAL D 246 -27.35 38.93 37.86
CA VAL D 246 -28.66 38.64 38.40
C VAL D 246 -28.80 39.44 39.72
N SER D 247 -27.72 39.54 40.47
CA SER D 247 -27.70 40.19 41.79
C SER D 247 -27.61 41.72 41.79
N SER D 248 -27.55 42.34 40.63
CA SER D 248 -27.55 43.78 40.60
C SER D 248 -28.93 44.26 41.01
N GLY D 249 -29.06 45.51 41.33
CA GLY D 249 -30.35 45.93 41.83
C GLY D 249 -31.32 46.27 40.73
N GLY D 250 -30.92 46.08 39.49
CA GLY D 250 -31.32 47.02 38.46
C GLY D 250 -30.45 48.29 38.64
N ILE D 251 -29.31 48.14 39.30
CA ILE D 251 -28.36 49.21 39.55
C ILE D 251 -27.03 48.67 39.11
N LEU D 252 -26.32 49.38 38.27
CA LEU D 252 -24.95 48.95 38.01
C LEU D 252 -23.98 50.06 38.31
N LYS D 253 -23.19 49.94 39.36
CA LYS D 253 -22.10 50.90 39.62
C LYS D 253 -21.04 50.68 38.55
N ASP D 254 -20.70 51.69 37.81
CA ASP D 254 -19.73 51.50 36.75
C ASP D 254 -18.66 52.56 36.82
N PRO D 255 -17.36 52.18 36.81
CA PRO D 255 -16.23 53.12 36.94
C PRO D 255 -15.89 53.98 35.72
N CYS D 256 -16.50 53.67 34.59
CA CYS D 256 -16.27 54.34 33.31
C CYS D 256 -17.17 55.54 33.11
N PHE D 257 -18.01 55.85 34.09
CA PHE D 257 -18.89 56.99 34.05
C PHE D 257 -18.69 57.79 35.32
N TYR D 258 -18.92 59.10 35.21
CA TYR D 258 -18.55 60.13 36.25
C TYR D 258 -19.36 59.94 37.51
N PRO D 259 -18.77 60.27 38.64
CA PRO D 259 -19.56 60.33 39.82
C PRO D 259 -20.75 61.21 39.52
N GLY D 260 -21.93 60.77 39.86
CA GLY D 260 -23.07 61.61 39.61
C GLY D 260 -23.80 61.26 38.35
N TYR D 261 -23.20 60.49 37.47
CA TYR D 261 -23.87 60.19 36.24
C TYR D 261 -24.78 58.95 36.38
N LYS D 262 -25.93 58.98 35.71
CA LYS D 262 -26.89 57.91 35.79
C LYS D 262 -27.53 57.80 34.45
N LYS D 263 -27.76 56.57 34.01
CA LYS D 263 -28.44 56.29 32.78
C LYS D 263 -29.15 54.95 32.84
N VAL D 264 -30.40 54.91 32.34
CA VAL D 264 -31.13 53.65 32.28
C VAL D 264 -30.81 52.83 31.02
N VAL D 265 -30.54 51.52 31.20
CA VAL D 265 -30.24 50.60 30.10
C VAL D 265 -31.39 49.62 30.11
N ASN D 266 -32.02 49.48 28.97
CA ASN D 266 -33.03 48.53 28.78
C ASN D 266 -32.43 47.19 28.43
N VAL D 267 -32.74 46.16 29.20
CA VAL D 267 -32.10 44.86 29.05
C VAL D 267 -32.36 44.25 27.65
N SER D 268 -33.58 44.37 27.16
CA SER D 268 -33.90 44.07 25.76
C SER D 268 -33.06 44.77 24.67
N GLU D 269 -32.78 46.05 24.80
CA GLU D 269 -31.87 46.67 23.87
C GLU D 269 -30.43 46.17 24.05
N LEU D 270 -30.00 45.94 25.31
CA LEU D 270 -28.70 45.40 25.57
C LEU D 270 -28.42 44.11 24.81
N TYR D 271 -29.40 43.21 24.90
CA TYR D 271 -29.30 41.88 24.38
C TYR D 271 -29.83 41.87 22.94
N GLY D 272 -29.94 43.01 22.29
CA GLY D 272 -30.50 43.03 20.96
C GLY D 272 -29.41 43.11 19.90
N THR D 273 -28.16 43.18 20.33
CA THR D 273 -27.06 43.12 19.42
C THR D 273 -26.35 41.74 19.42
N PRO D 274 -25.91 41.25 18.24
CA PRO D 274 -25.15 40.01 18.32
C PRO D 274 -23.87 40.12 19.16
N CYS D 275 -23.36 41.33 19.41
CA CYS D 275 -22.12 41.51 20.21
C CYS D 275 -22.22 41.12 21.69
N THR D 276 -23.44 41.03 22.23
CA THR D 276 -23.60 40.71 23.64
C THR D 276 -24.07 39.27 23.87
N LYS D 277 -24.34 38.56 22.78
CA LYS D 277 -24.84 37.17 22.82
C LYS D 277 -24.00 36.31 23.77
N ARG D 278 -22.67 36.43 23.73
CA ARG D 278 -21.78 35.57 24.63
C ARG D 278 -21.96 35.87 26.12
N PHE D 279 -22.49 37.09 26.45
CA PHE D 279 -22.68 37.52 27.78
C PHE D 279 -24.09 37.48 28.28
N GLU D 280 -25.06 37.05 27.50
CA GLU D 280 -26.44 37.07 27.99
C GLU D 280 -26.74 36.19 29.25
N LYS D 281 -27.64 36.63 30.12
CA LYS D 281 -28.01 35.94 31.39
C LYS D 281 -29.47 36.22 31.54
N LYS D 282 -30.18 35.38 32.26
CA LYS D 282 -31.55 35.66 32.52
C LYS D 282 -31.54 36.65 33.70
N LEU D 283 -32.18 37.81 33.54
CA LEU D 283 -32.17 38.89 34.52
C LEU D 283 -33.58 39.08 35.04
N PRO D 284 -33.75 39.25 36.38
CA PRO D 284 -35.10 39.46 36.96
C PRO D 284 -35.73 40.85 36.71
N PHE D 285 -35.02 41.72 36.00
CA PHE D 285 -35.47 43.07 35.78
C PHE D 285 -35.33 43.34 34.30
N ASN D 286 -36.14 44.24 33.78
CA ASN D 286 -36.16 44.64 32.40
C ASN D 286 -35.18 45.80 32.00
N GLN D 287 -34.67 46.46 33.02
CA GLN D 287 -33.88 47.64 32.84
C GLN D 287 -33.03 47.81 34.07
N PHE D 288 -31.93 48.54 33.93
CA PHE D 288 -31.09 48.88 35.05
C PHE D 288 -30.52 50.27 34.83
N GLN D 289 -30.20 50.91 35.94
CA GLN D 289 -29.60 52.21 35.93
C GLN D 289 -28.10 52.07 36.24
N VAL D 290 -27.32 52.48 35.26
CA VAL D 290 -25.90 52.66 35.41
C VAL D 290 -25.64 53.85 36.33
N GLN D 291 -24.72 53.71 37.26
CA GLN D 291 -24.41 54.81 38.15
C GLN D 291 -22.92 55.01 38.15
N GLY D 292 -22.43 56.17 37.70
CA GLY D 292 -21.00 56.30 37.60
C GLY D 292 -20.27 56.33 38.93
N THR D 293 -19.08 55.76 38.96
CA THR D 293 -18.16 55.89 40.09
C THR D 293 -16.84 56.52 39.70
N GLY D 294 -16.64 56.78 38.43
CA GLY D 294 -15.52 57.56 37.97
C GLY D 294 -14.16 57.14 38.46
N ASP D 295 -13.74 55.97 38.06
CA ASP D 295 -12.41 55.46 38.47
C ASP D 295 -11.73 54.86 37.28
N TYR D 296 -10.81 55.62 36.69
CA TYR D 296 -10.10 55.26 35.45
C TYR D 296 -9.53 53.79 35.39
N GLU D 297 -8.86 53.39 36.49
CA GLU D 297 -8.14 52.15 36.55
C GLU D 297 -9.06 50.96 36.68
N GLN D 298 -10.09 51.10 37.50
CA GLN D 298 -11.16 50.13 37.49
C GLN D 298 -11.89 50.05 36.13
N CYS D 299 -12.11 51.20 35.48
CA CYS D 299 -12.64 51.23 34.12
C CYS D 299 -11.81 50.44 33.10
N HIS D 300 -10.51 50.77 33.05
CA HIS D 300 -9.51 50.06 32.25
C HIS D 300 -9.53 48.56 32.53
N GLN D 301 -9.40 48.14 33.79
CA GLN D 301 -9.44 46.73 34.10
C GLN D 301 -10.70 46.08 33.58
N SER D 302 -11.83 46.71 33.82
CA SER D 302 -13.15 46.29 33.36
CA SER D 302 -13.15 46.24 33.35
C SER D 302 -13.27 46.19 31.83
N ILE D 303 -12.65 47.14 31.11
CA ILE D 303 -12.63 47.05 29.62
C ILE D 303 -11.83 45.82 29.17
N LEU D 304 -10.69 45.58 29.80
CA LEU D 304 -9.77 44.57 29.37
C LEU D 304 -10.44 43.24 29.44
N LYS D 305 -11.44 43.11 30.30
CA LYS D 305 -12.13 41.87 30.41
C LYS D 305 -12.86 41.41 29.18
N ILE D 306 -13.17 42.29 28.24
CA ILE D 306 -13.92 41.91 27.02
C ILE D 306 -12.97 41.45 25.90
N PHE D 307 -11.67 41.53 26.18
CA PHE D 307 -10.58 41.12 25.27
C PHE D 307 -9.92 39.82 25.77
N ASN D 308 -9.60 38.93 24.85
CA ASN D 308 -8.81 37.80 25.23
C ASN D 308 -7.36 38.03 24.85
N ASN D 309 -6.52 38.14 25.87
CA ASN D 309 -5.11 38.40 25.59
C ASN D 309 -4.15 37.31 26.04
N SER D 310 -4.70 36.15 26.42
CA SER D 310 -3.92 35.11 27.07
C SER D 310 -3.14 34.27 26.09
N HIS D 311 -3.76 33.87 25.01
CA HIS D 311 -3.05 32.99 24.13
C HIS D 311 -2.83 33.75 22.91
N CYS D 312 -1.58 33.76 22.52
CA CYS D 312 -1.19 34.23 21.24
C CYS D 312 -0.30 33.17 20.55
N PRO D 313 -0.79 32.55 19.46
CA PRO D 313 0.09 31.61 18.83
C PRO D 313 1.01 32.24 17.81
N TYR D 314 1.38 33.49 17.97
CA TYR D 314 2.28 34.13 17.05
C TYR D 314 3.28 34.90 17.81
N SER D 315 4.15 35.62 17.12
CA SER D 315 5.10 36.42 17.83
C SER D 315 4.43 37.52 18.57
N GLN D 316 3.42 38.14 18.01
CA GLN D 316 2.59 39.12 18.76
C GLN D 316 1.17 39.06 18.12
N CYS D 317 0.17 39.64 18.78
CA CYS D 317 -1.21 39.55 18.40
C CYS D 317 -1.85 40.89 18.68
N ALA D 318 -2.97 41.11 18.03
CA ALA D 318 -3.94 42.13 18.41
C ALA D 318 -4.65 41.62 19.67
N PHE D 319 -5.68 40.81 19.51
CA PHE D 319 -6.32 40.22 20.67
C PHE D 319 -7.19 39.09 20.13
N ASN D 320 -7.68 38.24 21.01
CA ASN D 320 -8.54 37.16 20.57
C ASN D 320 -7.79 36.18 19.64
N GLY D 321 -6.49 36.01 19.82
CA GLY D 321 -5.69 35.11 18.98
C GLY D 321 -5.39 35.65 17.57
N VAL D 322 -5.66 36.92 17.29
CA VAL D 322 -5.50 37.45 15.91
C VAL D 322 -4.08 38.00 15.72
N PHE D 323 -3.39 37.47 14.70
CA PHE D 323 -2.11 37.97 14.32
C PHE D 323 -2.15 39.46 14.04
N LEU D 324 -1.12 40.11 14.57
CA LEU D 324 -0.75 41.48 14.20
C LEU D 324 0.74 41.52 13.90
N PRO D 325 1.14 42.15 12.76
CA PRO D 325 2.59 42.23 12.60
C PRO D 325 3.21 43.20 13.58
N PRO D 326 4.57 43.14 13.65
CA PRO D 326 5.23 44.18 14.40
C PRO D 326 4.89 45.56 13.78
N LEU D 327 4.63 46.54 14.64
CA LEU D 327 4.33 47.84 14.13
C LEU D 327 5.53 48.41 13.39
N GLN D 328 5.31 49.01 12.21
CA GLN D 328 6.37 49.76 11.54
C GLN D 328 5.80 51.03 10.91
N GLY D 329 6.59 52.10 10.91
CA GLY D 329 6.24 53.38 10.29
C GLY D 329 5.27 54.23 11.06
N SER D 330 4.81 55.31 10.43
CA SER D 330 3.84 56.18 11.02
C SER D 330 2.42 55.61 10.72
N PHE D 331 1.42 56.08 11.47
CA PHE D 331 -0.01 55.71 11.37
C PHE D 331 -0.87 56.95 11.40
N GLY D 332 -1.96 56.93 10.68
CA GLY D 332 -2.99 57.93 10.83
C GLY D 332 -4.15 57.28 11.53
N ALA D 333 -4.65 57.89 12.58
CA ALA D 333 -5.77 57.36 13.34
C ALA D 333 -6.90 58.33 13.13
N PHE D 334 -8.08 57.87 12.70
CA PHE D 334 -9.08 58.75 12.21
C PHE D 334 -10.45 58.26 12.64
N SER D 335 -11.52 58.88 12.17
CA SER D 335 -12.89 58.79 12.75
C SER D 335 -12.92 58.95 14.22
N ALA D 336 -13.55 58.03 14.91
CA ALA D 336 -13.61 58.12 16.37
C ALA D 336 -12.32 58.21 17.07
N PHE D 337 -11.25 57.66 16.51
CA PHE D 337 -9.94 57.79 17.16
C PHE D 337 -9.63 59.30 17.18
N TYR D 338 -9.90 60.00 16.07
CA TYR D 338 -9.62 61.41 15.99
C TYR D 338 -10.57 62.23 16.89
N PHE D 339 -11.90 62.09 16.78
CA PHE D 339 -12.74 62.94 17.64
C PHE D 339 -12.59 62.74 19.14
N VAL D 340 -12.34 61.51 19.60
CA VAL D 340 -12.13 61.23 21.03
C VAL D 340 -10.83 61.88 21.49
N MET D 341 -9.78 61.67 20.70
CA MET D 341 -8.50 62.12 21.13
C MET D 341 -8.40 63.58 21.02
N ASP D 342 -9.00 64.17 19.99
CA ASP D 342 -9.15 65.62 19.91
C ASP D 342 -9.73 66.27 21.22
N PHE D 343 -10.72 65.66 21.86
CA PHE D 343 -11.26 66.18 23.10
C PHE D 343 -10.19 66.21 24.23
N PHE D 344 -9.56 65.07 24.44
CA PHE D 344 -8.55 64.97 25.45
C PHE D 344 -7.33 65.81 25.13
N LYS D 345 -6.97 65.87 23.86
CA LYS D 345 -5.76 66.56 23.46
C LYS D 345 -5.91 68.04 23.66
N LYS D 346 -7.13 68.52 23.51
CA LYS D 346 -7.46 69.86 23.94
C LYS D 346 -7.15 70.04 25.41
N MET D 347 -7.47 69.08 26.28
CA MET D 347 -7.09 69.22 27.71
C MET D 347 -5.55 69.16 28.00
N ALA D 348 -4.71 69.33 26.99
CA ALA D 348 -3.27 69.05 27.15
C ALA D 348 -2.37 69.82 26.18
N ASN D 349 -2.56 71.13 26.04
CA ASN D 349 -1.75 71.93 25.08
C ASN D 349 -2.30 71.99 23.65
N ASP D 350 -3.40 71.27 23.37
CA ASP D 350 -3.84 71.01 21.98
C ASP D 350 -2.75 70.17 21.18
N SER D 351 -2.23 69.15 21.87
CA SER D 351 -1.12 68.31 21.42
C SER D 351 -1.25 67.00 22.16
N VAL D 352 -1.10 65.90 21.38
CA VAL D 352 -1.08 64.49 21.87
C VAL D 352 0.31 64.17 22.50
N SER D 353 0.33 64.17 23.82
CA SER D 353 1.54 63.98 24.55
C SER D 353 1.71 62.46 24.84
N SER D 354 2.68 62.09 25.67
CA SER D 354 2.96 60.70 26.01
C SER D 354 1.72 59.94 26.34
N GLN D 355 1.80 58.65 26.10
CA GLN D 355 0.78 57.78 26.56
C GLN D 355 0.46 58.04 28.04
N GLU D 356 1.46 58.34 28.86
CA GLU D 356 1.21 58.43 30.29
C GLU D 356 0.60 59.78 30.68
N LYS D 357 0.87 60.80 29.90
CA LYS D 357 0.22 62.07 30.04
C LYS D 357 -1.30 61.91 29.75
N MET D 358 -1.67 61.32 28.62
CA MET D 358 -3.05 61.15 28.25
C MET D 358 -3.86 60.32 29.27
N THR D 359 -3.17 59.35 29.85
CA THR D 359 -3.65 58.45 30.90
C THR D 359 -3.87 59.22 32.22
N GLU D 360 -2.96 60.12 32.57
CA GLU D 360 -3.11 61.11 33.63
C GLU D 360 -4.37 61.98 33.42
N ILE D 361 -4.44 62.58 32.23
CA ILE D 361 -5.53 63.43 31.88
C ILE D 361 -6.86 62.72 32.05
N THR D 362 -6.93 61.50 31.53
CA THR D 362 -8.14 60.73 31.51
C THR D 362 -8.57 60.32 32.92
N LYS D 363 -7.57 59.97 33.73
CA LYS D 363 -7.75 59.56 35.11
C LYS D 363 -8.40 60.70 35.89
N ASN D 364 -7.90 61.92 35.73
CA ASN D 364 -8.55 63.04 36.39
C ASN D 364 -9.87 63.51 35.81
N PHE D 365 -10.03 63.38 34.50
CA PHE D 365 -11.31 63.62 33.86
C PHE D 365 -12.39 62.67 34.36
N CYS D 366 -12.09 61.37 34.40
CA CYS D 366 -13.05 60.38 34.81
C CYS D 366 -13.54 60.61 36.23
N SER D 367 -12.66 61.15 37.07
CA SER D 367 -12.98 61.57 38.47
C SER D 367 -13.93 62.73 38.69
N LYS D 368 -14.13 63.54 37.66
CA LYS D 368 -14.88 64.77 37.83
C LYS D 368 -16.35 64.44 37.87
N PRO D 369 -17.08 65.00 38.86
CA PRO D 369 -18.52 64.81 38.98
C PRO D 369 -19.18 65.21 37.64
N TRP D 370 -20.26 64.54 37.25
CA TRP D 370 -20.99 64.85 36.04
C TRP D 370 -21.43 66.30 35.93
N GLU D 371 -21.93 66.88 37.02
CA GLU D 371 -22.28 68.30 36.97
C GLU D 371 -21.10 69.15 36.59
N GLU D 372 -19.97 68.83 37.21
CA GLU D 372 -18.76 69.56 36.94
C GLU D 372 -18.35 69.43 35.49
N VAL D 373 -18.47 68.24 34.93
CA VAL D 373 -18.08 67.96 33.56
C VAL D 373 -18.94 68.74 32.55
N LYS D 374 -20.25 68.71 32.77
CA LYS D 374 -21.17 69.49 31.93
C LYS D 374 -20.91 71.00 31.95
N ALA D 375 -20.61 71.53 33.14
CA ALA D 375 -20.43 72.95 33.32
C ALA D 375 -19.14 73.39 32.67
N SER D 376 -18.15 72.53 32.67
CA SER D 376 -16.79 72.70 32.10
C SER D 376 -16.73 72.66 30.62
N TYR D 377 -17.61 71.89 30.02
CA TYR D 377 -17.68 71.82 28.54
C TYR D 377 -19.12 71.99 28.09
N PRO D 378 -19.66 73.19 28.27
CA PRO D 378 -21.00 73.53 27.96
C PRO D 378 -21.35 73.45 26.43
N THR D 379 -20.38 73.57 25.54
CA THR D 379 -20.69 73.48 24.09
C THR D 379 -20.73 72.08 23.46
N VAL D 380 -20.47 71.01 24.22
CA VAL D 380 -20.30 69.69 23.69
C VAL D 380 -21.64 68.98 23.92
N LYS D 381 -22.21 68.38 22.88
CA LYS D 381 -23.42 67.53 23.01
C LYS D 381 -23.29 66.54 24.17
N GLU D 382 -24.26 66.51 25.09
CA GLU D 382 -24.16 65.63 26.23
C GLU D 382 -24.13 64.18 25.84
N LYS D 383 -24.65 63.79 24.68
CA LYS D 383 -24.48 62.42 24.17
C LYS D 383 -23.05 62.04 23.89
N TYR D 384 -22.22 62.98 23.43
CA TYR D 384 -20.78 62.71 23.36
C TYR D 384 -20.13 62.83 24.69
N LEU D 385 -20.37 63.91 25.41
CA LEU D 385 -19.67 64.16 26.65
C LEU D 385 -19.83 63.06 27.67
N SER D 386 -21.01 62.49 27.73
CA SER D 386 -21.33 61.51 28.78
C SER D 386 -20.45 60.25 28.66
N GLU D 387 -19.93 60.03 27.43
CA GLU D 387 -19.23 58.83 27.04
C GLU D 387 -17.72 59.02 26.95
N TYR D 388 -17.18 60.22 27.23
CA TYR D 388 -15.76 60.40 26.98
C TYR D 388 -14.81 59.71 27.96
N CYS D 389 -15.19 59.60 29.23
CA CYS D 389 -14.38 58.76 30.14
C CYS D 389 -14.29 57.30 29.62
N PHE D 390 -15.42 56.72 29.24
CA PHE D 390 -15.38 55.36 28.75
C PHE D 390 -14.62 55.30 27.43
N SER D 391 -14.88 56.23 26.51
CA SER D 391 -14.27 56.05 25.23
CA SER D 391 -14.31 56.17 25.19
C SER D 391 -12.81 56.41 25.21
N GLY D 392 -12.35 57.34 26.05
CA GLY D 392 -10.91 57.65 26.14
C GLY D 392 -10.18 56.46 26.70
N THR D 393 -10.65 55.90 27.80
CA THR D 393 -10.03 54.70 28.34
C THR D 393 -10.03 53.55 27.34
N TYR D 394 -11.15 53.37 26.61
CA TYR D 394 -11.27 52.35 25.61
C TYR D 394 -10.25 52.53 24.53
N ILE D 395 -10.11 53.74 23.97
CA ILE D 395 -9.15 53.96 22.90
CA ILE D 395 -9.15 53.85 22.89
C ILE D 395 -7.70 53.71 23.38
N LEU D 396 -7.47 54.09 24.62
CA LEU D 396 -6.13 53.87 25.18
C LEU D 396 -5.89 52.39 25.33
N SER D 397 -6.87 51.63 25.79
CA SER D 397 -6.61 50.19 25.91
C SER D 397 -6.50 49.52 24.55
N LEU D 398 -7.41 49.85 23.64
CA LEU D 398 -7.30 49.38 22.27
C LEU D 398 -5.92 49.62 21.62
N LEU D 399 -5.46 50.86 21.57
CA LEU D 399 -4.17 51.20 21.00
C LEU D 399 -3.01 50.57 21.70
N LEU D 400 -3.07 50.47 23.02
CA LEU D 400 -1.94 49.98 23.79
C LEU D 400 -1.93 48.46 23.95
N GLN D 401 -2.96 47.86 24.54
CA GLN D 401 -2.97 46.42 24.75
C GLN D 401 -3.39 45.68 23.50
N GLY D 402 -4.20 46.33 22.66
CA GLY D 402 -4.76 45.73 21.44
C GLY D 402 -3.79 45.83 20.34
N TYR D 403 -3.54 47.04 19.88
CA TYR D 403 -2.66 47.27 18.71
C TYR D 403 -1.18 47.43 19.00
N ASN D 404 -0.83 47.31 20.28
CA ASN D 404 0.54 47.14 20.74
C ASN D 404 1.41 48.42 20.63
N PHE D 405 0.80 49.59 20.63
CA PHE D 405 1.50 50.86 20.55
C PHE D 405 1.98 51.24 21.94
N THR D 406 2.48 50.28 22.68
CA THR D 406 2.98 50.54 24.01
C THR D 406 4.40 51.08 23.91
N GLY D 407 4.90 51.58 25.03
CA GLY D 407 6.12 52.36 24.99
C GLY D 407 6.18 53.39 23.88
N THR D 408 7.15 53.17 22.99
CA THR D 408 7.74 54.18 22.11
C THR D 408 6.90 54.44 20.92
N SER D 409 6.45 53.36 20.30
CA SER D 409 5.67 53.44 19.05
C SER D 409 4.34 54.23 19.21
N TRP D 410 3.85 54.40 20.46
CA TRP D 410 2.83 55.40 20.74
C TRP D 410 2.94 56.65 19.90
N ASP D 411 4.17 57.03 19.58
CA ASP D 411 4.49 58.35 19.04
C ASP D 411 4.39 58.38 17.52
N GLN D 412 4.22 57.18 17.00
CA GLN D 412 4.08 56.95 15.58
CA GLN D 412 4.09 56.98 15.57
C GLN D 412 2.63 57.21 15.11
N ILE D 413 1.70 57.38 16.05
CA ILE D 413 0.29 57.69 15.69
C ILE D 413 0.11 59.19 15.47
N HIS D 414 -0.50 59.54 14.33
CA HIS D 414 -0.96 60.87 14.01
C HIS D 414 -2.44 60.83 14.00
N PHE D 415 -3.09 61.50 14.96
CA PHE D 415 -4.57 61.52 15.01
C PHE D 415 -5.05 62.54 14.01
N MET D 416 -5.89 62.15 13.06
CA MET D 416 -6.21 63.08 11.95
C MET D 416 -7.66 63.10 11.52
N GLY D 417 -8.09 64.29 11.11
CA GLY D 417 -9.40 64.45 10.57
C GLY D 417 -9.41 64.60 9.09
N LYS D 418 -8.88 65.71 8.59
CA LYS D 418 -8.70 65.98 7.17
C LYS D 418 -7.21 65.98 6.84
N ILE D 419 -6.87 65.59 5.63
CA ILE D 419 -5.55 65.78 5.15
C ILE D 419 -5.79 66.63 3.92
N LYS D 420 -5.16 67.78 3.81
CA LYS D 420 -5.38 68.64 2.67
C LYS D 420 -6.91 68.94 2.49
N ASP D 421 -7.60 69.32 3.54
CA ASP D 421 -9.05 69.54 3.39
C ASP D 421 -9.97 68.39 2.86
N SER D 422 -9.50 67.14 2.78
CA SER D 422 -10.34 65.97 2.52
C SER D 422 -10.21 65.10 3.72
N ASN D 423 -11.31 64.58 4.23
CA ASN D 423 -11.10 63.89 5.41
C ASN D 423 -10.76 62.47 5.27
N ALA D 424 -10.00 62.06 6.28
CA ALA D 424 -9.38 60.77 6.34
C ALA D 424 -10.52 59.78 6.61
N GLY D 425 -10.51 58.65 5.93
CA GLY D 425 -11.60 57.68 6.01
C GLY D 425 -11.48 56.78 4.83
N TRP D 426 -12.46 55.94 4.56
CA TRP D 426 -12.32 54.97 3.47
C TRP D 426 -13.03 55.38 2.20
N THR D 427 -13.84 56.44 2.24
CA THR D 427 -14.72 56.75 1.11
C THR D 427 -13.94 57.26 -0.10
N LEU D 428 -12.86 58.02 0.10
CA LEU D 428 -12.09 58.51 -1.05
C LEU D 428 -11.43 57.34 -1.85
N GLY D 429 -10.75 56.47 -1.09
CA GLY D 429 -10.21 55.24 -1.61
C GLY D 429 -11.23 54.46 -2.41
N TYR D 430 -12.40 54.28 -1.80
CA TYR D 430 -13.48 53.60 -2.45
C TYR D 430 -13.83 54.29 -3.81
N MET D 431 -14.03 55.61 -3.81
CA MET D 431 -14.35 56.40 -5.01
C MET D 431 -13.27 56.20 -6.04
N LEU D 432 -12.03 56.33 -5.62
CA LEU D 432 -10.89 56.21 -6.55
C LEU D 432 -10.88 54.90 -7.25
N ASN D 433 -11.22 53.85 -6.54
CA ASN D 433 -11.27 52.57 -7.16
C ASN D 433 -12.45 52.44 -8.07
N LEU D 434 -13.62 52.91 -7.65
CA LEU D 434 -14.82 52.80 -8.48
C LEU D 434 -14.80 53.68 -9.73
N THR D 435 -13.99 54.73 -9.71
CA THR D 435 -13.84 55.60 -10.86
C THR D 435 -12.47 55.40 -11.57
N ASN D 436 -11.68 54.47 -11.05
CA ASN D 436 -10.39 54.08 -11.63
C ASN D 436 -9.20 55.01 -11.46
N MET D 437 -9.41 56.18 -10.88
CA MET D 437 -8.42 57.25 -10.78
C MET D 437 -7.11 56.85 -10.11
#